data_7NN0
#
_entry.id   7NN0
#
_cell.length_a   324.886
_cell.length_b   59.500
_cell.length_c   132.379
_cell.angle_alpha   90.00
_cell.angle_beta   93.89
_cell.angle_gamma   90.00
#
_symmetry.space_group_name_H-M   'C 1 2 1'
#
loop_
_entity.id
_entity.type
_entity.pdbx_description
1 polymer 'SARS-CoV-2 helicase NSP13'
2 non-polymer 'PHOSPHOAMINOPHOSPHONIC ACID-ADENYLATE ESTER'
3 non-polymer 'ZINC ION'
4 non-polymer 'MAGNESIUM ION'
5 water water
#
_entity_poly.entity_id   1
_entity_poly.type   'polypeptide(L)'
_entity_poly.pdbx_seq_one_letter_code
;SMAVGACVLCNSQTSLRCGACIRRPFLCCKCCYDHVISTSHKLVLSVNPYVCNAPGCDVTDVTQLYLGGMSYYCKSHKPP
ISFPLCANGQVFGLYKNTCVGSDNVTDFNAIATCDWTNAGDYILANTCTERLKLFAAETLKATEETFKLSYGIATVREVL
SDRELHLSWEVGKPRPPLNRNYVFTGYRVTKNSKVQIGEYTFEKGDYGDAVVYRGTTTYKLNVGDYFVLTSHTVMPLSAP
TLVPQEHYVRITGLYPTLNISDEFSSNVANYQKVGMQKYSTLQGPPGTGKSHFAIGLALYYPSARIVYTACSHAAVDALC
EKALKYLPIDKCSRIIPARARVECFDKFKVNSTLEQYVFCTVNALPETTADIVVFDEISMATNYDLSVVNARLRAKHYVY
IGDPAQLPAPRTLLTKGTLEPEYFNSVCRLMKTIGPDMFLGTCRRCPAEIVDTVSALVYDNKLKAHKDKSAQCFKMFYKG
VITHDVSSAINRPQIGVVREFLTRNPAWRKAVFISPYNSQNAVASKILGLPTQTVDSSQGSEYDYVIFTQTTETAHSCNV
NRFNVAITRAKVGILCIMSDRDLYDKLQFTSLEIPRRNVATLQ
;
_entity_poly.pdbx_strand_id   A,B,C,D
#
loop_
_chem_comp.id
_chem_comp.type
_chem_comp.name
_chem_comp.formula
ANP non-polymer 'PHOSPHOAMINOPHOSPHONIC ACID-ADENYLATE ESTER' 'C10 H17 N6 O12 P3'
MG non-polymer 'MAGNESIUM ION' 'Mg 2'
ZN non-polymer 'ZINC ION' 'Zn 2'
#
# COMPACT_ATOMS: atom_id res chain seq x y z
N VAL A 4 -35.28 -7.54 22.94
CA VAL A 4 -34.30 -7.78 24.00
C VAL A 4 -32.96 -8.20 23.41
N GLY A 5 -31.90 -7.48 23.77
CA GLY A 5 -30.58 -7.78 23.27
C GLY A 5 -29.47 -7.34 24.19
N ALA A 6 -28.24 -7.26 23.67
CA ALA A 6 -27.07 -6.91 24.45
C ALA A 6 -26.64 -5.49 24.16
N CYS A 7 -26.28 -4.77 25.22
CA CYS A 7 -25.82 -3.39 25.09
C CYS A 7 -24.63 -3.31 24.15
N VAL A 8 -24.57 -2.23 23.36
CA VAL A 8 -23.47 -2.10 22.41
C VAL A 8 -22.22 -1.53 23.07
N LEU A 9 -22.35 -0.93 24.25
CA LEU A 9 -21.21 -0.38 24.96
C LEU A 9 -20.74 -1.26 26.11
N CYS A 10 -21.60 -2.13 26.63
CA CYS A 10 -21.28 -2.99 27.76
C CYS A 10 -21.34 -4.48 27.43
N ASN A 11 -22.28 -4.87 26.57
CA ASN A 11 -22.79 -6.24 26.37
C ASN A 11 -23.71 -6.59 27.52
N SER A 12 -24.09 -5.62 28.35
CA SER A 12 -25.06 -5.83 29.41
C SER A 12 -26.44 -6.06 28.80
N GLN A 13 -27.10 -7.14 29.21
CA GLN A 13 -28.40 -7.47 28.63
C GLN A 13 -29.40 -6.38 28.96
N THR A 14 -30.17 -5.97 27.95
CA THR A 14 -31.15 -4.90 28.14
C THR A 14 -32.24 -5.02 27.08
N SER A 15 -33.38 -4.42 27.38
CA SER A 15 -34.51 -4.35 26.46
C SER A 15 -34.63 -2.98 25.80
N LEU A 16 -33.66 -2.09 26.01
CA LEU A 16 -33.77 -0.71 25.55
C LEU A 16 -32.99 -0.51 24.26
N ARG A 17 -33.60 0.26 23.35
CA ARG A 17 -32.95 0.73 22.15
C ARG A 17 -33.23 2.22 21.98
N CYS A 18 -32.26 2.93 21.43
CA CYS A 18 -32.43 4.35 21.12
C CYS A 18 -33.18 4.52 19.80
N GLY A 19 -34.36 5.13 19.85
CA GLY A 19 -35.14 5.32 18.65
C GLY A 19 -34.68 6.47 17.78
N ALA A 20 -33.99 7.45 18.38
CA ALA A 20 -33.50 8.59 17.62
C ALA A 20 -32.25 8.26 16.82
N CYS A 21 -31.44 7.33 17.31
CA CYS A 21 -30.32 6.82 16.53
C CYS A 21 -30.84 6.12 15.28
N ILE A 22 -30.24 6.44 14.14
CA ILE A 22 -30.72 5.96 12.85
C ILE A 22 -30.32 4.50 12.66
N ARG A 23 -29.66 3.91 13.67
CA ARG A 23 -29.40 2.49 13.68
C ARG A 23 -30.14 1.74 14.78
N ARG A 24 -30.72 2.45 15.76
CA ARG A 24 -31.45 1.85 16.87
C ARG A 24 -30.63 0.81 17.60
N PRO A 25 -29.53 1.19 18.24
CA PRO A 25 -28.67 0.21 18.93
C PRO A 25 -29.19 -0.12 20.32
N PHE A 26 -29.00 -1.37 20.72
CA PHE A 26 -29.32 -1.75 22.09
C PHE A 26 -28.45 -0.96 23.05
N LEU A 27 -29.08 -0.39 24.08
CA LEU A 27 -28.38 0.37 25.09
C LEU A 27 -28.84 -0.06 26.47
N CYS A 28 -27.88 -0.23 27.38
CA CYS A 28 -28.19 -0.60 28.75
C CYS A 28 -28.75 0.61 29.50
N CYS A 29 -29.17 0.37 30.75
CA CYS A 29 -29.85 1.42 31.50
C CYS A 29 -28.95 2.62 31.76
N LYS A 30 -27.69 2.39 32.13
CA LYS A 30 -26.77 3.50 32.33
C LYS A 30 -26.40 4.15 31.00
N CYS A 31 -26.08 3.32 30.00
CA CYS A 31 -25.68 3.87 28.70
C CYS A 31 -26.83 4.63 28.06
N CYS A 32 -28.05 4.08 28.14
CA CYS A 32 -29.21 4.82 27.64
C CYS A 32 -29.34 6.17 28.35
N TYR A 33 -29.13 6.19 29.66
CA TYR A 33 -29.12 7.45 30.40
C TYR A 33 -27.98 8.35 29.95
N ASP A 34 -26.76 7.79 29.89
CA ASP A 34 -25.61 8.60 29.48
C ASP A 34 -25.78 9.17 28.08
N HIS A 35 -26.54 8.49 27.23
CA HIS A 35 -26.72 8.95 25.86
C HIS A 35 -27.81 10.02 25.78
N VAL A 36 -28.94 9.82 26.48
CA VAL A 36 -30.06 10.74 26.33
C VAL A 36 -29.87 12.04 27.08
N ILE A 37 -29.02 12.07 28.12
CA ILE A 37 -28.82 13.30 28.87
C ILE A 37 -27.76 14.20 28.24
N SER A 38 -26.96 13.67 27.31
CA SER A 38 -25.87 14.44 26.71
C SER A 38 -26.04 14.66 25.22
N THR A 39 -27.10 14.15 24.61
CA THR A 39 -27.36 14.34 23.19
C THR A 39 -28.78 14.86 23.00
N SER A 40 -29.14 15.11 21.75
CA SER A 40 -30.50 15.46 21.39
C SER A 40 -31.40 14.24 21.25
N HIS A 41 -30.87 13.04 21.45
CA HIS A 41 -31.65 11.82 21.32
C HIS A 41 -32.41 11.55 22.61
N LYS A 42 -33.75 11.53 22.52
CA LYS A 42 -34.58 11.32 23.70
C LYS A 42 -35.56 10.17 23.58
N LEU A 43 -35.80 9.64 22.37
CA LEU A 43 -36.74 8.54 22.19
C LEU A 43 -36.09 7.22 22.57
N VAL A 44 -36.82 6.40 23.33
CA VAL A 44 -36.33 5.10 23.78
C VAL A 44 -37.34 4.03 23.35
N LEU A 45 -36.82 2.89 22.89
CA LEU A 45 -37.65 1.80 22.38
C LEU A 45 -37.41 0.56 23.23
N SER A 46 -38.43 0.16 23.99
CA SER A 46 -38.39 -1.11 24.69
C SER A 46 -39.35 -2.08 24.00
N VAL A 47 -40.05 -2.89 24.79
CA VAL A 47 -41.15 -3.69 24.24
C VAL A 47 -42.18 -2.77 23.60
N ASN A 48 -42.54 -1.71 24.32
CA ASN A 48 -43.35 -0.59 23.86
C ASN A 48 -42.52 0.69 23.91
N PRO A 49 -42.70 1.61 22.95
CA PRO A 49 -42.00 2.89 23.05
C PRO A 49 -42.42 3.63 24.32
N TYR A 50 -41.43 4.14 25.04
CA TYR A 50 -41.65 4.92 26.25
C TYR A 50 -42.35 6.22 25.85
N VAL A 51 -43.67 6.25 26.07
CA VAL A 51 -44.51 7.38 25.69
C VAL A 51 -45.60 7.56 26.74
N CYS A 52 -45.98 8.82 26.97
CA CYS A 52 -47.00 9.18 27.95
C CYS A 52 -48.36 8.58 27.59
N ASN A 53 -48.88 7.76 28.49
CA ASN A 53 -50.17 7.11 28.31
C ASN A 53 -51.31 8.06 28.69
N ALA A 54 -51.11 9.36 28.52
CA ALA A 54 -52.22 10.28 28.78
C ALA A 54 -52.97 10.59 27.49
N PRO A 55 -54.30 10.64 27.57
CA PRO A 55 -55.10 10.88 26.35
C PRO A 55 -54.77 12.24 25.74
N GLY A 56 -54.31 12.21 24.50
CA GLY A 56 -53.97 13.42 23.79
C GLY A 56 -52.63 14.03 24.16
N CYS A 57 -51.68 13.23 24.62
CA CYS A 57 -50.35 13.71 24.96
C CYS A 57 -49.31 13.17 23.98
N ASP A 58 -48.31 14.01 23.68
CA ASP A 58 -47.30 13.74 22.67
C ASP A 58 -45.96 13.32 23.24
N VAL A 59 -45.77 13.39 24.55
CA VAL A 59 -44.43 13.29 25.14
C VAL A 59 -43.86 11.89 24.89
N THR A 60 -42.83 11.83 24.06
CA THR A 60 -42.02 10.63 23.87
C THR A 60 -40.64 10.77 24.46
N ASP A 61 -40.22 11.99 24.80
CA ASP A 61 -38.98 12.24 25.50
C ASP A 61 -38.96 11.46 26.81
N VAL A 62 -37.97 10.57 26.96
CA VAL A 62 -37.90 9.73 28.14
C VAL A 62 -37.55 10.54 29.38
N THR A 63 -36.93 11.71 29.21
CA THR A 63 -36.55 12.53 30.37
C THR A 63 -37.73 13.13 31.11
N GLN A 64 -38.93 13.13 30.52
CA GLN A 64 -40.13 13.61 31.21
C GLN A 64 -41.03 12.51 31.72
N LEU A 65 -40.80 11.25 31.33
CA LEU A 65 -41.78 10.20 31.61
C LEU A 65 -41.57 9.59 32.99
N TYR A 66 -42.69 9.14 33.58
CA TYR A 66 -42.75 8.47 34.87
C TYR A 66 -43.63 7.24 34.75
N LEU A 67 -43.47 6.30 35.68
CA LEU A 67 -44.21 5.04 35.65
C LEU A 67 -45.37 5.05 36.65
N GLY A 68 -46.53 4.60 36.20
CA GLY A 68 -47.70 4.46 37.04
C GLY A 68 -48.50 3.22 36.72
N GLY A 69 -48.48 2.22 37.61
CA GLY A 69 -49.13 0.95 37.33
C GLY A 69 -48.47 0.18 36.20
N MET A 70 -49.18 0.03 35.08
CA MET A 70 -48.66 -0.62 33.88
C MET A 70 -48.54 0.36 32.72
N SER A 71 -48.52 1.65 33.01
CA SER A 71 -48.44 2.67 31.96
C SER A 71 -47.52 3.80 32.40
N TYR A 72 -47.10 4.60 31.42
CA TYR A 72 -46.11 5.64 31.58
C TYR A 72 -46.74 6.99 31.32
N TYR A 73 -46.34 8.00 32.08
CA TYR A 73 -46.96 9.32 32.02
C TYR A 73 -45.88 10.38 31.91
N CYS A 74 -46.22 11.52 31.31
CA CYS A 74 -45.27 12.61 31.18
C CYS A 74 -45.19 13.39 32.49
N LYS A 75 -44.39 14.46 32.49
CA LYS A 75 -44.21 15.24 33.71
C LYS A 75 -45.50 15.93 34.15
N SER A 76 -46.38 16.26 33.21
CA SER A 76 -47.60 16.99 33.53
C SER A 76 -48.82 16.11 33.79
N HIS A 77 -48.78 14.83 33.39
CA HIS A 77 -49.93 13.95 33.56
C HIS A 77 -49.61 12.78 34.47
N LYS A 78 -48.76 13.00 35.47
CA LYS A 78 -48.33 11.91 36.33
C LYS A 78 -48.99 12.00 37.70
N PRO A 79 -49.26 10.86 38.33
CA PRO A 79 -49.84 10.88 39.68
C PRO A 79 -48.81 11.34 40.69
N PRO A 80 -49.23 11.65 41.92
CA PRO A 80 -48.24 12.06 42.93
C PRO A 80 -47.21 10.99 43.24
N ILE A 81 -47.64 9.73 43.37
CA ILE A 81 -46.72 8.63 43.64
C ILE A 81 -46.39 8.01 42.28
N SER A 82 -45.29 8.46 41.71
CA SER A 82 -44.82 8.02 40.40
C SER A 82 -43.33 8.27 40.35
N PHE A 83 -42.58 7.33 39.78
CA PHE A 83 -41.14 7.49 39.85
C PHE A 83 -40.54 7.68 38.46
N PRO A 84 -39.41 8.38 38.36
CA PRO A 84 -38.85 8.67 37.04
C PRO A 84 -38.37 7.40 36.35
N LEU A 85 -38.61 7.34 35.03
CA LEU A 85 -38.08 6.22 34.28
C LEU A 85 -36.56 6.32 34.17
N CYS A 86 -36.05 7.52 33.88
CA CYS A 86 -34.63 7.76 33.74
C CYS A 86 -34.19 8.78 34.80
N ALA A 87 -33.56 8.30 35.87
CA ALA A 87 -33.07 9.20 36.90
C ALA A 87 -31.93 8.52 37.65
N ASN A 88 -31.13 9.33 38.33
CA ASN A 88 -30.00 8.91 39.16
C ASN A 88 -28.88 8.28 38.33
N GLY A 89 -29.00 8.26 37.00
CA GLY A 89 -28.00 7.65 36.16
C GLY A 89 -28.43 6.39 35.41
N GLN A 90 -29.70 5.99 35.50
CA GLN A 90 -30.17 4.78 34.84
C GLN A 90 -31.46 5.08 34.10
N VAL A 91 -31.95 4.08 33.35
CA VAL A 91 -33.26 4.14 32.73
C VAL A 91 -34.03 2.88 33.10
N PHE A 92 -35.28 3.03 33.52
CA PHE A 92 -36.07 1.86 33.89
C PHE A 92 -36.26 0.98 32.66
N GLY A 93 -36.01 -0.30 32.80
CA GLY A 93 -36.16 -1.23 31.70
C GLY A 93 -35.81 -2.61 32.18
N LEU A 94 -36.12 -3.59 31.33
CA LEU A 94 -35.76 -4.97 31.67
C LEU A 94 -34.26 -5.05 31.87
N TYR A 95 -33.86 -5.86 32.85
CA TYR A 95 -32.48 -5.95 33.30
C TYR A 95 -31.96 -4.57 33.74
N LYS A 96 -32.72 -3.92 34.63
CA LYS A 96 -32.33 -2.64 35.19
C LYS A 96 -31.27 -2.80 36.26
N ASN A 97 -30.85 -4.04 36.49
CA ASN A 97 -29.95 -4.45 37.56
C ASN A 97 -28.67 -5.11 37.07
N THR A 98 -28.62 -5.58 35.84
CA THR A 98 -27.42 -6.11 35.20
C THR A 98 -26.72 -5.03 34.37
N CYS A 99 -26.80 -3.79 34.81
CA CYS A 99 -26.28 -2.65 34.07
C CYS A 99 -24.94 -2.21 34.64
N VAL A 100 -23.90 -2.28 33.82
CA VAL A 100 -22.54 -1.96 34.24
C VAL A 100 -22.28 -0.47 34.14
N GLY A 101 -22.15 0.02 32.90
CA GLY A 101 -21.79 1.40 32.62
C GLY A 101 -20.42 1.50 31.98
N SER A 102 -20.35 2.08 30.79
CA SER A 102 -19.10 2.22 30.07
C SER A 102 -18.43 3.54 30.41
N ASP A 103 -17.10 3.54 30.37
CA ASP A 103 -16.35 4.79 30.47
C ASP A 103 -16.30 5.51 29.13
N ASN A 104 -16.17 4.75 28.03
CA ASN A 104 -16.12 5.36 26.70
C ASN A 104 -17.53 5.45 26.12
N VAL A 105 -18.33 6.34 26.72
CA VAL A 105 -19.62 6.73 26.16
C VAL A 105 -19.52 8.05 25.41
N THR A 106 -18.52 8.88 25.72
CA THR A 106 -18.27 10.10 24.96
C THR A 106 -18.10 9.80 23.49
N ASP A 107 -17.39 8.71 23.18
CA ASP A 107 -17.21 8.30 21.79
C ASP A 107 -18.55 7.90 21.16
N PHE A 108 -19.36 7.14 21.89
CA PHE A 108 -20.63 6.66 21.35
C PHE A 108 -21.56 7.83 21.02
N ASN A 109 -21.52 8.89 21.84
CA ASN A 109 -22.36 10.05 21.58
C ASN A 109 -21.94 10.76 20.30
N ALA A 110 -20.64 10.94 20.10
CA ALA A 110 -20.16 11.64 18.91
C ALA A 110 -20.49 10.85 17.65
N ILE A 111 -20.32 9.54 17.69
CA ILE A 111 -20.59 8.69 16.54
C ILE A 111 -22.07 8.75 16.16
N ALA A 112 -22.95 8.67 17.15
CA ALA A 112 -24.38 8.61 16.88
C ALA A 112 -24.96 9.94 16.45
N THR A 113 -24.31 11.07 16.75
CA THR A 113 -24.85 12.38 16.47
C THR A 113 -24.14 13.13 15.35
N CYS A 114 -22.98 12.66 14.89
CA CYS A 114 -22.23 13.40 13.88
C CYS A 114 -22.88 13.23 12.50
N ASP A 115 -22.68 14.23 11.65
CA ASP A 115 -23.18 14.22 10.29
C ASP A 115 -22.21 13.60 9.30
N TRP A 116 -21.04 13.16 9.77
CA TRP A 116 -20.02 12.54 8.93
C TRP A 116 -19.52 13.49 7.85
N THR A 117 -19.39 14.77 8.19
CA THR A 117 -18.85 15.75 7.26
C THR A 117 -17.43 16.17 7.59
N ASN A 118 -16.89 15.75 8.72
CA ASN A 118 -15.54 16.10 9.14
C ASN A 118 -14.68 14.84 9.19
N ALA A 119 -13.38 15.03 8.97
CA ALA A 119 -12.46 13.89 9.03
C ALA A 119 -12.37 13.31 10.43
N GLY A 120 -12.52 14.15 11.46
CA GLY A 120 -12.46 13.64 12.82
C GLY A 120 -13.57 12.66 13.14
N ASP A 121 -14.71 12.79 12.46
CA ASP A 121 -15.78 11.81 12.63
C ASP A 121 -15.34 10.44 12.14
N TYR A 122 -14.49 10.39 11.11
CA TYR A 122 -13.98 9.13 10.62
C TYR A 122 -12.77 8.66 11.41
N ILE A 123 -12.00 9.59 11.96
CA ILE A 123 -10.88 9.20 12.82
C ILE A 123 -11.39 8.47 14.04
N LEU A 124 -12.43 9.02 14.68
CA LEU A 124 -13.01 8.36 15.85
C LEU A 124 -13.62 7.01 15.50
N ALA A 125 -14.16 6.88 14.28
CA ALA A 125 -14.78 5.63 13.87
C ALA A 125 -13.77 4.51 13.62
N ASN A 126 -12.47 4.80 13.70
CA ASN A 126 -11.43 3.80 13.52
C ASN A 126 -10.50 3.66 14.72
N THR A 127 -10.52 4.62 15.64
CA THR A 127 -9.67 4.54 16.83
C THR A 127 -10.45 4.15 18.07
N CYS A 128 -11.74 3.84 17.93
CA CYS A 128 -12.58 3.45 19.06
C CYS A 128 -12.44 1.94 19.29
N THR A 129 -13.33 1.38 20.10
CA THR A 129 -13.30 -0.05 20.34
C THR A 129 -13.84 -0.81 19.14
N GLU A 130 -13.59 -2.11 19.11
CA GLU A 130 -14.02 -2.94 18.00
C GLU A 130 -15.54 -2.99 17.91
N ARG A 131 -16.22 -3.09 19.06
CA ARG A 131 -17.67 -3.11 19.04
C ARG A 131 -18.24 -1.81 18.48
N LEU A 132 -17.52 -0.70 18.69
CA LEU A 132 -17.94 0.59 18.14
C LEU A 132 -17.59 0.75 16.67
N LYS A 133 -16.48 0.15 16.22
CA LYS A 133 -16.15 0.21 14.79
C LYS A 133 -17.27 -0.36 13.93
N LEU A 134 -17.82 -1.51 14.34
CA LEU A 134 -18.94 -2.09 13.61
C LEU A 134 -20.15 -1.16 13.64
N PHE A 135 -20.46 -0.59 14.82
CA PHE A 135 -21.56 0.34 14.91
C PHE A 135 -21.32 1.58 14.06
N ALA A 136 -20.09 2.11 14.07
CA ALA A 136 -19.81 3.32 13.31
C ALA A 136 -19.97 3.08 11.81
N ALA A 137 -19.52 1.93 11.33
CA ALA A 137 -19.67 1.62 9.91
C ALA A 137 -21.15 1.54 9.53
N GLU A 138 -21.97 0.96 10.40
CA GLU A 138 -23.41 0.89 10.14
C GLU A 138 -24.01 2.29 10.05
N THR A 139 -23.66 3.15 11.02
CA THR A 139 -24.21 4.49 11.04
C THR A 139 -23.75 5.30 9.84
N LEU A 140 -22.50 5.10 9.42
CA LEU A 140 -21.98 5.80 8.25
C LEU A 140 -22.71 5.35 6.98
N LYS A 141 -22.80 4.03 6.77
CA LYS A 141 -23.44 3.55 5.56
C LYS A 141 -24.92 3.91 5.54
N ALA A 142 -25.58 3.82 6.69
CA ALA A 142 -26.98 4.22 6.76
C ALA A 142 -27.12 5.72 6.52
N THR A 143 -26.20 6.52 7.07
CA THR A 143 -26.20 7.95 6.79
C THR A 143 -26.01 8.23 5.31
N GLU A 144 -25.07 7.51 4.69
CA GLU A 144 -24.81 7.69 3.27
C GLU A 144 -26.02 7.28 2.44
N GLU A 145 -26.64 6.15 2.78
CA GLU A 145 -27.81 5.69 2.05
C GLU A 145 -29.01 6.61 2.29
N THR A 146 -29.13 7.17 3.48
CA THR A 146 -30.22 8.11 3.74
C THR A 146 -30.01 9.41 2.95
N PHE A 147 -28.75 9.81 2.72
CA PHE A 147 -28.49 11.03 1.97
C PHE A 147 -28.85 10.90 0.50
N LYS A 148 -29.05 9.69 -0.02
CA LYS A 148 -29.48 9.55 -1.39
C LYS A 148 -30.95 9.87 -1.58
N LEU A 149 -31.72 9.92 -0.50
CA LEU A 149 -33.12 10.27 -0.59
C LEU A 149 -33.35 11.78 -0.70
N SER A 150 -32.31 12.58 -0.48
CA SER A 150 -32.45 14.02 -0.64
C SER A 150 -32.49 14.45 -2.10
N TYR A 151 -32.04 13.58 -3.00
CA TYR A 151 -32.13 13.84 -4.43
C TYR A 151 -33.53 13.50 -4.94
N GLY A 152 -33.94 14.16 -6.02
CA GLY A 152 -35.28 13.97 -6.53
C GLY A 152 -35.38 12.87 -7.57
N ILE A 153 -36.62 12.42 -7.76
CA ILE A 153 -36.92 11.39 -8.75
C ILE A 153 -36.77 11.98 -10.16
N ALA A 154 -36.30 11.14 -11.08
CA ALA A 154 -36.23 11.46 -12.50
C ALA A 154 -37.14 10.54 -13.28
N THR A 155 -38.04 11.11 -14.07
CA THR A 155 -39.04 10.37 -14.83
C THR A 155 -38.76 10.50 -16.33
N VAL A 156 -39.21 9.49 -17.08
CA VAL A 156 -38.98 9.48 -18.53
C VAL A 156 -39.91 10.50 -19.16
N ARG A 157 -39.33 11.56 -19.72
CA ARG A 157 -40.12 12.57 -20.44
C ARG A 157 -40.25 12.25 -21.93
N GLU A 158 -39.16 11.83 -22.57
CA GLU A 158 -39.20 11.52 -23.99
C GLU A 158 -38.09 10.51 -24.31
N VAL A 159 -38.40 9.55 -25.17
CA VAL A 159 -37.44 8.53 -25.58
C VAL A 159 -36.96 8.87 -26.98
N LEU A 160 -35.72 9.35 -27.08
CA LEU A 160 -35.19 9.76 -28.38
C LEU A 160 -34.85 8.55 -29.24
N SER A 161 -34.24 7.52 -28.63
CA SER A 161 -33.78 6.32 -29.31
C SER A 161 -33.43 5.29 -28.23
N ASP A 162 -32.47 4.42 -28.50
CA ASP A 162 -31.97 3.48 -27.50
C ASP A 162 -30.53 3.90 -27.26
N ARG A 163 -30.30 4.46 -26.07
CA ARG A 163 -29.05 4.99 -25.51
C ARG A 163 -29.15 6.51 -25.41
N GLU A 164 -30.35 7.06 -25.62
CA GLU A 164 -30.60 8.50 -25.51
C GLU A 164 -32.00 8.73 -24.95
N LEU A 165 -32.12 9.68 -24.02
CA LEU A 165 -33.38 9.99 -23.34
C LEU A 165 -33.52 11.49 -23.11
N HIS A 166 -34.76 11.89 -22.82
CA HIS A 166 -35.08 13.16 -22.18
C HIS A 166 -35.71 12.88 -20.82
N LEU A 167 -35.11 13.42 -19.76
CA LEU A 167 -35.57 13.19 -18.40
C LEU A 167 -36.28 14.43 -17.84
N SER A 168 -37.18 14.20 -16.91
CA SER A 168 -37.86 15.30 -16.21
C SER A 168 -37.56 15.11 -14.73
N TRP A 169 -37.30 16.18 -13.98
CA TRP A 169 -36.84 16.00 -12.60
C TRP A 169 -37.88 16.39 -11.55
N GLU A 170 -38.10 15.52 -10.58
CA GLU A 170 -39.03 15.74 -9.45
C GLU A 170 -38.71 17.09 -8.83
N VAL A 171 -39.70 17.96 -8.65
CA VAL A 171 -39.48 19.35 -8.17
C VAL A 171 -39.19 19.43 -6.68
N GLY A 172 -38.43 20.45 -6.30
CA GLY A 172 -38.12 20.76 -4.88
C GLY A 172 -36.98 19.96 -4.31
N LYS A 173 -36.24 19.30 -5.18
CA LYS A 173 -35.09 18.47 -4.74
C LYS A 173 -34.03 18.60 -5.81
N PRO A 174 -32.74 18.45 -5.45
CA PRO A 174 -31.66 18.65 -6.39
C PRO A 174 -31.41 17.47 -7.32
N ARG A 175 -30.50 17.66 -8.26
CA ARG A 175 -30.28 16.57 -9.20
C ARG A 175 -28.94 15.90 -8.95
N PRO A 176 -28.91 14.57 -8.99
CA PRO A 176 -27.65 13.86 -8.81
C PRO A 176 -26.73 14.06 -10.00
N PRO A 177 -25.40 13.96 -9.81
CA PRO A 177 -24.47 14.09 -10.93
C PRO A 177 -24.62 12.94 -11.93
N LEU A 178 -24.61 13.30 -13.21
CA LEU A 178 -24.84 12.34 -14.30
C LEU A 178 -23.51 11.87 -14.85
N ASN A 179 -23.05 10.71 -14.38
CA ASN A 179 -21.86 10.06 -14.90
C ASN A 179 -21.94 8.58 -14.56
N ARG A 180 -20.93 7.82 -15.00
CA ARG A 180 -20.96 6.37 -14.82
C ARG A 180 -20.84 5.95 -13.37
N ASN A 181 -20.32 6.82 -12.50
CA ASN A 181 -20.14 6.45 -11.10
C ASN A 181 -21.48 6.25 -10.39
N TYR A 182 -22.46 7.09 -10.70
CA TYR A 182 -23.77 7.04 -10.05
C TYR A 182 -24.71 6.10 -10.82
N VAL A 183 -25.13 5.02 -10.16
CA VAL A 183 -26.00 4.01 -10.77
C VAL A 183 -27.42 4.18 -10.25
N PHE A 184 -28.37 4.28 -11.17
CA PHE A 184 -29.79 4.45 -10.87
C PHE A 184 -30.54 3.12 -11.02
N THR A 185 -31.78 3.12 -10.54
CA THR A 185 -32.68 1.99 -10.69
C THR A 185 -33.98 2.43 -11.37
N GLY A 186 -34.37 1.73 -12.43
CA GLY A 186 -35.58 2.06 -13.15
C GLY A 186 -36.77 1.25 -12.68
N TYR A 187 -37.95 1.85 -12.74
CA TYR A 187 -39.18 1.22 -12.28
C TYR A 187 -40.30 1.39 -13.29
N ARG A 188 -41.14 0.36 -13.42
CA ARG A 188 -42.35 0.42 -14.23
C ARG A 188 -43.53 0.52 -13.27
N VAL A 189 -44.39 1.53 -13.49
CA VAL A 189 -45.51 1.79 -12.60
C VAL A 189 -46.65 0.82 -12.91
N THR A 190 -47.06 0.05 -11.90
CA THR A 190 -48.14 -0.89 -12.09
C THR A 190 -49.43 -0.35 -11.46
N LYS A 191 -50.41 -1.25 -11.28
CA LYS A 191 -51.72 -0.87 -10.76
C LYS A 191 -51.63 -0.32 -9.34
N ASN A 192 -51.12 -1.14 -8.41
CA ASN A 192 -51.00 -0.76 -7.01
C ASN A 192 -49.61 -1.07 -6.49
N SER A 193 -48.59 -0.89 -7.32
CA SER A 193 -47.23 -1.10 -6.88
C SER A 193 -46.22 -0.50 -7.87
N LYS A 194 -45.02 -1.06 -7.88
CA LYS A 194 -43.93 -0.62 -8.72
C LYS A 194 -43.00 -1.81 -8.89
N VAL A 195 -42.47 -1.97 -10.10
CA VAL A 195 -41.63 -3.11 -10.40
C VAL A 195 -40.34 -2.62 -11.03
N GLN A 196 -39.23 -3.22 -10.61
CA GLN A 196 -37.91 -2.78 -11.04
C GLN A 196 -37.67 -3.15 -12.50
N ILE A 197 -37.00 -2.27 -13.23
CA ILE A 197 -36.71 -2.53 -14.63
C ILE A 197 -35.25 -2.92 -14.86
N GLY A 198 -34.35 -2.58 -13.94
CA GLY A 198 -32.97 -2.98 -13.99
C GLY A 198 -32.10 -1.90 -13.37
N GLU A 199 -30.90 -1.77 -13.91
CA GLU A 199 -29.91 -0.82 -13.43
C GLU A 199 -29.59 0.11 -14.59
N TYR A 200 -29.41 1.39 -14.28
CA TYR A 200 -29.19 2.37 -15.33
C TYR A 200 -28.14 3.38 -14.90
N THR A 201 -27.44 3.92 -15.90
CA THR A 201 -26.46 4.98 -15.71
C THR A 201 -26.70 6.01 -16.80
N PHE A 202 -26.48 7.28 -16.46
CA PHE A 202 -26.79 8.37 -17.37
C PHE A 202 -25.57 9.26 -17.54
N GLU A 203 -25.43 9.80 -18.76
CA GLU A 203 -24.43 10.81 -19.06
C GLU A 203 -25.04 11.90 -19.93
N LYS A 204 -24.38 13.04 -19.94
CA LYS A 204 -24.81 14.20 -20.72
C LYS A 204 -24.18 14.12 -22.11
N GLY A 205 -25.00 14.32 -23.13
CA GLY A 205 -24.58 14.21 -24.52
C GLY A 205 -23.32 14.98 -24.89
N ALA A 210 -31.28 16.16 -23.08
CA ALA A 210 -30.75 15.08 -23.91
C ALA A 210 -29.62 14.36 -23.17
N VAL A 211 -29.89 13.14 -22.71
CA VAL A 211 -28.95 12.36 -21.92
C VAL A 211 -28.75 10.98 -22.55
N VAL A 212 -27.54 10.47 -22.42
CA VAL A 212 -27.20 9.13 -22.91
C VAL A 212 -27.41 8.14 -21.78
N TYR A 213 -27.88 6.94 -22.11
CA TYR A 213 -28.18 5.95 -21.08
C TYR A 213 -27.73 4.56 -21.51
N ARG A 214 -27.43 3.73 -20.51
CA ARG A 214 -27.17 2.31 -20.70
C ARG A 214 -27.86 1.56 -19.57
N GLY A 215 -28.45 0.42 -19.89
CA GLY A 215 -29.21 -0.31 -18.90
C GLY A 215 -28.74 -1.73 -18.66
N THR A 216 -29.13 -2.29 -17.51
CA THR A 216 -28.82 -3.69 -17.24
C THR A 216 -29.66 -4.61 -18.12
N THR A 217 -30.78 -4.12 -18.60
CA THR A 217 -31.68 -4.81 -19.50
C THR A 217 -31.82 -4.02 -20.79
N THR A 218 -32.48 -4.64 -21.77
CA THR A 218 -32.81 -4.04 -23.05
C THR A 218 -34.26 -3.54 -23.08
N TYR A 219 -34.84 -3.32 -21.91
CA TYR A 219 -36.24 -2.92 -21.80
C TYR A 219 -36.51 -1.66 -22.61
N LYS A 220 -37.66 -1.63 -23.27
CA LYS A 220 -38.09 -0.49 -24.08
C LYS A 220 -38.82 0.49 -23.18
N LEU A 221 -38.03 1.26 -22.44
CA LEU A 221 -38.58 2.20 -21.47
C LEU A 221 -39.44 3.26 -22.16
N ASN A 222 -40.62 3.49 -21.61
CA ASN A 222 -41.59 4.43 -22.15
C ASN A 222 -41.76 5.59 -21.18
N VAL A 223 -42.61 6.54 -21.57
CA VAL A 223 -42.86 7.72 -20.76
C VAL A 223 -43.64 7.32 -19.52
N GLY A 224 -43.26 7.88 -18.37
CA GLY A 224 -43.84 7.56 -17.09
C GLY A 224 -42.97 6.71 -16.19
N ASP A 225 -41.99 6.00 -16.74
CA ASP A 225 -41.04 5.26 -15.93
C ASP A 225 -40.05 6.24 -15.29
N TYR A 226 -39.55 5.86 -14.11
CA TYR A 226 -38.72 6.78 -13.34
C TYR A 226 -37.48 6.09 -12.80
N PHE A 227 -36.49 6.91 -12.44
CA PHE A 227 -35.19 6.47 -11.98
C PHE A 227 -34.84 7.19 -10.68
N VAL A 228 -34.28 6.45 -9.73
CA VAL A 228 -33.77 6.98 -8.48
C VAL A 228 -32.44 6.30 -8.21
N LEU A 229 -31.55 6.99 -7.49
CA LEU A 229 -30.26 6.40 -7.13
C LEU A 229 -30.48 5.08 -6.41
N THR A 230 -29.75 4.06 -6.87
CA THR A 230 -29.87 2.74 -6.28
C THR A 230 -29.38 2.77 -4.84
N SER A 231 -30.27 2.38 -3.93
CA SER A 231 -29.96 2.29 -2.52
C SER A 231 -29.88 0.83 -2.12
N HIS A 232 -28.92 0.51 -1.27
CA HIS A 232 -28.72 -0.85 -0.80
C HIS A 232 -29.00 -0.92 0.70
N THR A 233 -29.33 -2.13 1.13
CA THR A 233 -29.67 -2.36 2.53
C THR A 233 -28.43 -2.26 3.40
N VAL A 234 -28.58 -1.61 4.55
CA VAL A 234 -27.51 -1.56 5.53
C VAL A 234 -27.73 -2.74 6.47
N MET A 235 -26.85 -3.63 6.47
CA MET A 235 -27.03 -4.83 7.26
C MET A 235 -26.39 -4.67 8.62
N PRO A 236 -26.93 -5.33 9.64
CA PRO A 236 -26.28 -5.27 10.95
C PRO A 236 -24.97 -6.02 10.91
N LEU A 237 -23.93 -5.42 11.50
CA LEU A 237 -22.61 -6.00 11.47
C LEU A 237 -22.40 -6.85 12.72
N SER A 238 -21.92 -8.06 12.53
CA SER A 238 -21.65 -8.99 13.62
C SER A 238 -20.17 -9.33 13.72
N ALA A 239 -19.57 -9.81 12.64
CA ALA A 239 -18.17 -10.18 12.69
C ALA A 239 -17.29 -8.94 12.74
N PRO A 240 -16.11 -9.04 13.33
CA PRO A 240 -15.26 -7.86 13.50
C PRO A 240 -14.56 -7.48 12.21
N THR A 241 -13.95 -6.29 12.22
CA THR A 241 -13.14 -5.89 11.09
C THR A 241 -11.95 -6.81 10.92
N LEU A 242 -11.33 -7.22 12.04
CA LEU A 242 -10.25 -8.17 12.05
C LEU A 242 -10.52 -9.21 13.11
N VAL A 243 -10.36 -10.49 12.75
CA VAL A 243 -10.53 -11.59 13.69
C VAL A 243 -9.38 -11.59 14.67
N PRO A 244 -9.51 -12.25 15.82
CA PRO A 244 -8.37 -12.35 16.75
C PRO A 244 -7.19 -13.05 16.08
N GLN A 245 -6.01 -12.46 16.24
CA GLN A 245 -4.81 -12.94 15.58
C GLN A 245 -4.31 -14.21 16.26
N GLU A 246 -4.20 -15.30 15.50
CA GLU A 246 -3.60 -16.53 15.97
C GLU A 246 -2.27 -16.77 15.26
N HIS A 247 -1.21 -17.00 16.02
CA HIS A 247 0.09 -17.35 15.46
C HIS A 247 0.30 -18.85 15.56
N TYR A 248 0.84 -19.44 14.50
CA TYR A 248 1.04 -20.88 14.39
C TYR A 248 2.52 -21.23 14.45
N VAL A 249 2.79 -22.52 14.62
CA VAL A 249 4.16 -23.00 14.76
C VAL A 249 4.64 -23.67 13.47
N ARG A 250 3.73 -24.27 12.70
CA ARG A 250 4.02 -24.72 11.34
C ARG A 250 2.87 -24.38 10.41
N ILE A 251 3.00 -24.81 9.15
CA ILE A 251 1.97 -24.56 8.14
C ILE A 251 0.79 -25.47 8.42
N THR A 252 -0.42 -24.89 8.49
CA THR A 252 -1.64 -25.60 8.86
C THR A 252 -2.63 -25.60 7.71
N GLY A 253 -3.20 -26.78 7.41
CA GLY A 253 -4.25 -26.90 6.40
C GLY A 253 -3.77 -26.80 4.97
N LEU A 254 -2.51 -26.45 4.74
CA LEU A 254 -1.99 -26.20 3.41
C LEU A 254 -0.78 -27.10 3.16
N TYR A 255 -0.64 -27.55 1.92
CA TYR A 255 0.49 -28.37 1.50
C TYR A 255 1.30 -27.61 0.45
N PRO A 256 2.47 -27.07 0.81
CA PRO A 256 3.25 -26.27 -0.13
C PRO A 256 3.71 -27.08 -1.32
N THR A 257 3.97 -26.38 -2.42
CA THR A 257 4.44 -27.03 -3.63
C THR A 257 5.92 -27.38 -3.48
N LEU A 258 6.36 -28.33 -4.31
CA LEU A 258 7.77 -28.72 -4.28
C LEU A 258 8.62 -27.84 -5.18
N ASN A 259 8.16 -27.57 -6.40
CA ASN A 259 8.85 -26.71 -7.36
C ASN A 259 7.98 -25.51 -7.68
N ILE A 260 8.56 -24.32 -7.64
CA ILE A 260 7.82 -23.09 -7.90
C ILE A 260 8.55 -22.28 -8.96
N SER A 261 7.78 -21.48 -9.70
CA SER A 261 8.32 -20.73 -10.81
C SER A 261 9.29 -19.65 -10.32
N ASP A 262 10.16 -19.20 -11.23
CA ASP A 262 11.16 -18.21 -10.89
C ASP A 262 10.57 -16.83 -10.63
N GLU A 263 9.35 -16.56 -11.10
CA GLU A 263 8.73 -15.27 -10.82
C GLU A 263 8.31 -15.14 -9.38
N PHE A 264 7.67 -16.17 -8.87
CA PHE A 264 7.14 -16.17 -7.52
C PHE A 264 8.10 -16.77 -6.51
N SER A 265 9.37 -16.94 -6.88
CA SER A 265 10.34 -17.50 -5.95
C SER A 265 10.75 -16.52 -4.85
N SER A 266 10.65 -15.22 -5.11
CA SER A 266 11.08 -14.22 -4.13
C SER A 266 10.09 -14.01 -2.99
N ASN A 267 8.91 -14.62 -3.06
CA ASN A 267 7.87 -14.43 -2.06
C ASN A 267 7.66 -15.69 -1.22
N VAL A 268 8.51 -16.70 -1.36
CA VAL A 268 8.29 -17.96 -0.67
C VAL A 268 8.43 -17.80 0.83
N ALA A 269 9.31 -16.91 1.29
CA ALA A 269 9.38 -16.63 2.71
C ALA A 269 8.08 -16.00 3.20
N ASN A 270 7.53 -15.06 2.42
CA ASN A 270 6.27 -14.43 2.79
C ASN A 270 5.10 -15.41 2.67
N TYR A 271 5.14 -16.29 1.66
CA TYR A 271 4.06 -17.26 1.50
C TYR A 271 3.99 -18.18 2.71
N GLN A 272 5.14 -18.55 3.27
CA GLN A 272 5.16 -19.34 4.49
C GLN A 272 4.54 -18.56 5.64
N LYS A 273 4.86 -17.27 5.76
CA LYS A 273 4.28 -16.45 6.82
C LYS A 273 2.76 -16.37 6.71
N VAL A 274 2.24 -16.40 5.48
CA VAL A 274 0.79 -16.38 5.28
C VAL A 274 0.15 -17.58 5.97
N GLY A 275 0.74 -18.76 5.82
CA GLY A 275 0.18 -19.96 6.40
C GLY A 275 0.51 -20.19 7.86
N MET A 276 1.24 -19.28 8.50
CA MET A 276 1.63 -19.44 9.89
C MET A 276 0.86 -18.53 10.83
N GLN A 277 -0.15 -17.82 10.33
CA GLN A 277 -0.91 -16.95 11.21
C GLN A 277 -2.30 -16.75 10.64
N LYS A 278 -3.21 -16.30 11.49
CA LYS A 278 -4.61 -16.17 11.09
C LYS A 278 -4.78 -15.15 9.98
N TYR A 279 -4.26 -13.94 10.16
CA TYR A 279 -4.36 -12.91 9.13
C TYR A 279 -3.02 -12.20 8.95
N SER A 280 -2.73 -11.84 7.71
CA SER A 280 -1.44 -11.28 7.32
C SER A 280 -1.65 -10.10 6.38
N THR A 281 -0.89 -9.03 6.62
CA THR A 281 -0.99 -7.79 5.86
C THR A 281 0.26 -7.57 5.01
N LEU A 282 0.07 -7.33 3.72
CA LEU A 282 1.18 -7.00 2.82
C LEU A 282 0.99 -5.57 2.31
N GLN A 283 1.89 -4.67 2.71
CA GLN A 283 1.92 -3.31 2.18
C GLN A 283 2.96 -3.21 1.08
N GLY A 284 2.56 -2.62 -0.04
CA GLY A 284 3.44 -2.41 -1.17
C GLY A 284 3.15 -1.11 -1.90
N PRO A 285 4.18 -0.30 -2.17
CA PRO A 285 3.96 0.90 -2.99
C PRO A 285 3.49 0.51 -4.39
N PRO A 286 3.09 1.47 -5.23
CA PRO A 286 2.47 1.11 -6.50
C PRO A 286 3.44 0.37 -7.42
N GLY A 287 2.94 -0.70 -8.04
CA GLY A 287 3.72 -1.42 -9.01
C GLY A 287 4.87 -2.24 -8.44
N THR A 288 4.74 -2.72 -7.21
CA THR A 288 5.79 -3.47 -6.55
C THR A 288 5.51 -4.96 -6.53
N GLY A 289 4.39 -5.40 -7.09
CA GLY A 289 4.07 -6.80 -7.20
C GLY A 289 3.15 -7.33 -6.13
N LYS A 290 2.26 -6.50 -5.58
CA LYS A 290 1.32 -6.96 -4.58
C LYS A 290 0.32 -7.94 -5.17
N SER A 291 -0.30 -7.58 -6.30
CA SER A 291 -1.24 -8.49 -6.93
C SER A 291 -0.53 -9.70 -7.52
N HIS A 292 0.70 -9.51 -8.00
CA HIS A 292 1.51 -10.64 -8.44
C HIS A 292 1.78 -11.57 -7.28
N PHE A 293 1.94 -11.01 -6.08
CA PHE A 293 2.11 -11.82 -4.88
C PHE A 293 0.88 -12.68 -4.63
N ALA A 294 -0.30 -12.14 -4.90
CA ALA A 294 -1.54 -12.83 -4.56
C ALA A 294 -1.75 -14.06 -5.44
N ILE A 295 -1.44 -13.94 -6.74
CA ILE A 295 -1.70 -15.08 -7.61
C ILE A 295 -0.62 -16.15 -7.42
N GLY A 296 0.59 -15.76 -7.03
CA GLY A 296 1.61 -16.74 -6.72
C GLY A 296 1.34 -17.54 -5.47
N LEU A 297 0.54 -16.99 -4.56
CA LEU A 297 0.13 -17.73 -3.37
C LEU A 297 -0.67 -18.96 -3.74
N ALA A 298 -1.46 -18.88 -4.81
CA ALA A 298 -2.20 -20.04 -5.27
C ALA A 298 -1.27 -21.13 -5.80
N LEU A 299 -0.16 -20.73 -6.41
CA LEU A 299 0.80 -21.69 -6.95
C LEU A 299 1.65 -22.32 -5.86
N TYR A 300 1.84 -21.64 -4.73
CA TYR A 300 2.58 -22.22 -3.62
C TYR A 300 1.70 -23.16 -2.79
N TYR A 301 0.39 -22.95 -2.78
CA TYR A 301 -0.56 -23.84 -2.11
C TYR A 301 -1.55 -24.34 -3.15
N PRO A 302 -1.14 -25.31 -3.98
CA PRO A 302 -2.00 -25.74 -5.09
C PRO A 302 -3.29 -26.41 -4.63
N SER A 303 -3.28 -27.08 -3.49
CA SER A 303 -4.50 -27.70 -2.99
C SER A 303 -5.42 -26.71 -2.30
N ALA A 304 -4.90 -25.56 -1.89
CA ALA A 304 -5.71 -24.60 -1.16
C ALA A 304 -6.71 -23.93 -2.09
N ARG A 305 -7.86 -23.58 -1.52
CA ARG A 305 -8.91 -22.86 -2.24
C ARG A 305 -8.87 -21.41 -1.76
N ILE A 306 -8.64 -20.49 -2.69
CA ILE A 306 -8.44 -19.09 -2.38
C ILE A 306 -9.59 -18.27 -2.97
N VAL A 307 -10.08 -17.31 -2.19
CA VAL A 307 -11.09 -16.35 -2.62
C VAL A 307 -10.42 -14.99 -2.73
N TYR A 308 -10.37 -14.45 -3.94
CA TYR A 308 -9.77 -13.16 -4.22
C TYR A 308 -10.88 -12.11 -4.28
N THR A 309 -10.79 -11.08 -3.45
CA THR A 309 -11.83 -10.07 -3.40
C THR A 309 -11.24 -8.68 -3.29
N ALA A 310 -12.04 -7.70 -3.70
CA ALA A 310 -11.69 -6.29 -3.60
C ALA A 310 -12.99 -5.49 -3.64
N CYS A 311 -12.87 -4.18 -3.41
CA CYS A 311 -14.05 -3.33 -3.31
C CYS A 311 -14.55 -2.82 -4.65
N SER A 312 -13.72 -2.85 -5.69
CA SER A 312 -14.11 -2.35 -6.99
C SER A 312 -14.04 -3.47 -8.01
N HIS A 313 -14.94 -3.39 -9.01
CA HIS A 313 -14.89 -4.37 -10.08
C HIS A 313 -13.60 -4.27 -10.88
N ALA A 314 -13.00 -3.08 -10.93
CA ALA A 314 -11.73 -2.92 -11.63
C ALA A 314 -10.62 -3.71 -10.95
N ALA A 315 -10.51 -3.57 -9.63
CA ALA A 315 -9.43 -4.25 -8.90
C ALA A 315 -9.59 -5.76 -8.97
N VAL A 316 -10.83 -6.26 -8.93
CA VAL A 316 -11.05 -7.70 -9.04
C VAL A 316 -10.70 -8.17 -10.45
N ASP A 317 -11.00 -7.35 -11.45
CA ASP A 317 -10.62 -7.71 -12.81
C ASP A 317 -9.11 -7.76 -12.96
N ALA A 318 -8.40 -6.84 -12.32
CA ALA A 318 -6.94 -6.86 -12.39
C ALA A 318 -6.39 -8.19 -11.87
N LEU A 319 -6.95 -8.70 -10.77
CA LEU A 319 -6.55 -10.02 -10.30
C LEU A 319 -6.95 -11.11 -11.28
N CYS A 320 -8.07 -10.94 -11.98
CA CYS A 320 -8.50 -11.95 -12.93
C CYS A 320 -7.54 -12.02 -14.12
N GLU A 321 -7.02 -10.87 -14.55
CA GLU A 321 -6.08 -10.87 -15.67
C GLU A 321 -4.82 -11.64 -15.31
N LYS A 322 -4.25 -11.35 -14.14
CA LYS A 322 -3.08 -12.08 -13.67
C LYS A 322 -3.39 -13.57 -13.48
N ALA A 323 -4.58 -13.89 -12.98
CA ALA A 323 -4.92 -15.29 -12.78
C ALA A 323 -5.04 -16.02 -14.11
N LEU A 324 -5.54 -15.33 -15.14
CA LEU A 324 -5.60 -15.90 -16.48
C LEU A 324 -4.24 -16.41 -16.95
N LYS A 325 -3.18 -15.63 -16.70
CA LYS A 325 -1.85 -16.02 -17.18
C LYS A 325 -1.26 -17.18 -16.40
N TYR A 326 -1.54 -17.28 -15.09
CA TYR A 326 -0.77 -18.17 -14.24
C TYR A 326 -1.57 -19.30 -13.61
N LEU A 327 -2.88 -19.31 -13.74
CA LEU A 327 -3.66 -20.32 -13.05
C LEU A 327 -4.49 -21.12 -14.06
N PRO A 328 -4.83 -22.36 -13.74
CA PRO A 328 -5.64 -23.16 -14.67
C PRO A 328 -7.01 -22.52 -14.83
N ILE A 329 -7.32 -22.18 -16.08
CA ILE A 329 -8.51 -21.38 -16.38
C ILE A 329 -9.78 -22.13 -16.00
N ASP A 330 -9.75 -23.47 -16.03
CA ASP A 330 -10.92 -24.24 -15.65
C ASP A 330 -11.08 -24.40 -14.15
N LYS A 331 -10.21 -23.77 -13.35
CA LYS A 331 -10.39 -23.73 -11.91
C LYS A 331 -10.75 -22.33 -11.40
N CYS A 332 -10.95 -21.37 -12.29
CA CYS A 332 -11.26 -20.00 -11.90
C CYS A 332 -12.73 -19.67 -12.18
N SER A 333 -13.25 -18.70 -11.43
CA SER A 333 -14.62 -18.24 -11.60
C SER A 333 -14.71 -16.77 -11.19
N ARG A 334 -15.59 -16.04 -11.90
CA ARG A 334 -15.86 -14.63 -11.63
C ARG A 334 -17.29 -14.51 -11.12
N ILE A 335 -17.45 -14.04 -9.88
CA ILE A 335 -18.76 -13.92 -9.26
C ILE A 335 -19.31 -12.52 -9.57
N ILE A 336 -20.29 -12.48 -10.48
CA ILE A 336 -21.02 -11.28 -10.87
C ILE A 336 -22.41 -11.34 -10.24
N PRO A 337 -22.93 -10.26 -9.68
CA PRO A 337 -24.27 -10.35 -9.07
C PRO A 337 -25.36 -10.40 -10.13
N ALA A 338 -26.44 -11.10 -9.80
CA ALA A 338 -27.59 -11.28 -10.70
C ALA A 338 -28.07 -9.98 -11.31
N ARG A 339 -28.30 -10.01 -12.62
CA ARG A 339 -29.02 -8.95 -13.34
C ARG A 339 -28.34 -7.59 -13.19
N ALA A 340 -27.03 -7.58 -13.41
CA ALA A 340 -26.28 -6.35 -13.60
C ALA A 340 -25.45 -6.52 -14.86
N ARG A 341 -25.64 -5.62 -15.82
CA ARG A 341 -24.92 -5.74 -17.09
C ARG A 341 -23.44 -5.41 -16.94
N VAL A 342 -23.06 -4.72 -15.86
CA VAL A 342 -21.83 -3.93 -15.78
C VAL A 342 -20.70 -4.79 -16.32
N GLU A 343 -20.09 -4.34 -17.42
CA GLU A 343 -19.10 -5.13 -18.12
C GLU A 343 -17.85 -5.33 -17.28
N CYS A 344 -17.53 -6.59 -17.02
CA CYS A 344 -16.33 -6.97 -16.31
C CYS A 344 -15.85 -8.32 -16.82
N PHE A 345 -14.60 -8.64 -16.49
CA PHE A 345 -13.87 -9.82 -16.95
C PHE A 345 -14.74 -11.06 -17.07
N ASP A 346 -14.93 -11.55 -18.30
CA ASP A 346 -15.67 -12.80 -18.53
C ASP A 346 -14.83 -13.74 -19.40
N LYS A 347 -13.62 -14.01 -18.92
CA LYS A 347 -12.79 -15.08 -19.47
C LYS A 347 -12.75 -16.28 -18.53
N PHE A 348 -13.30 -16.14 -17.33
CA PHE A 348 -13.52 -17.24 -16.41
C PHE A 348 -14.98 -17.66 -16.50
N LYS A 349 -15.33 -18.73 -15.80
CA LYS A 349 -16.72 -19.13 -15.72
C LYS A 349 -17.42 -18.19 -14.76
N VAL A 350 -18.59 -17.71 -15.15
CA VAL A 350 -19.29 -16.67 -14.38
C VAL A 350 -20.20 -17.34 -13.36
N ASN A 351 -20.11 -16.88 -12.12
CA ASN A 351 -20.97 -17.35 -11.02
C ASN A 351 -20.92 -18.88 -10.88
N SER A 352 -19.70 -19.37 -10.69
CA SER A 352 -19.44 -20.77 -10.36
C SER A 352 -18.80 -20.71 -8.98
N THR A 353 -19.64 -20.58 -7.96
CA THR A 353 -19.15 -20.26 -6.63
C THR A 353 -18.28 -21.38 -6.06
N LEU A 354 -18.51 -22.61 -6.47
CA LEU A 354 -17.78 -23.75 -5.91
C LEU A 354 -16.57 -24.11 -6.78
N GLU A 355 -15.73 -23.13 -7.06
CA GLU A 355 -14.48 -23.37 -7.77
C GLU A 355 -13.32 -23.15 -6.82
N GLN A 356 -12.15 -23.64 -7.23
CA GLN A 356 -10.96 -23.44 -6.39
C GLN A 356 -10.62 -21.97 -6.25
N TYR A 357 -10.77 -21.20 -7.32
CA TYR A 357 -10.44 -19.80 -7.31
C TYR A 357 -11.70 -18.99 -7.62
N VAL A 358 -11.99 -18.04 -6.75
CA VAL A 358 -13.20 -17.21 -6.84
C VAL A 358 -12.77 -15.76 -6.81
N PHE A 359 -13.21 -15.00 -7.80
CA PHE A 359 -12.87 -13.58 -7.92
C PHE A 359 -14.16 -12.77 -7.85
N CYS A 360 -14.32 -11.98 -6.79
CA CYS A 360 -15.61 -11.40 -6.51
C CYS A 360 -15.45 -10.07 -5.79
N THR A 361 -16.46 -9.23 -5.90
CA THR A 361 -16.45 -7.96 -5.17
C THR A 361 -16.94 -8.18 -3.74
N VAL A 362 -16.56 -7.25 -2.86
CA VAL A 362 -16.85 -7.42 -1.43
C VAL A 362 -18.34 -7.52 -1.19
N ASN A 363 -19.13 -6.60 -1.74
CA ASN A 363 -20.56 -6.60 -1.47
C ASN A 363 -21.32 -7.62 -2.29
N ALA A 364 -20.64 -8.32 -3.20
CA ALA A 364 -21.25 -9.41 -3.97
C ALA A 364 -20.75 -10.77 -3.50
N LEU A 365 -20.06 -10.82 -2.38
CA LEU A 365 -19.49 -12.06 -1.88
C LEU A 365 -20.61 -13.05 -1.54
N PRO A 366 -20.44 -14.33 -1.88
CA PRO A 366 -21.34 -15.36 -1.37
C PRO A 366 -20.84 -15.89 -0.04
N GLU A 367 -21.77 -16.45 0.73
CA GLU A 367 -21.44 -17.05 2.01
C GLU A 367 -20.77 -18.39 1.75
N THR A 368 -19.46 -18.48 1.97
CA THR A 368 -18.75 -19.72 1.66
C THR A 368 -17.45 -19.80 2.46
N THR A 369 -16.88 -21.01 2.50
CA THR A 369 -15.59 -21.25 3.12
C THR A 369 -14.45 -21.17 2.12
N ALA A 370 -13.26 -20.88 2.64
CA ALA A 370 -12.04 -20.87 1.84
C ALA A 370 -10.87 -21.30 2.71
N ASP A 371 -9.77 -21.66 2.05
CA ASP A 371 -8.53 -21.87 2.77
C ASP A 371 -7.77 -20.57 2.99
N ILE A 372 -7.68 -19.74 1.97
CA ILE A 372 -7.04 -18.42 2.07
C ILE A 372 -7.98 -17.40 1.46
N VAL A 373 -8.08 -16.24 2.11
CA VAL A 373 -8.81 -15.09 1.59
C VAL A 373 -7.82 -13.98 1.28
N VAL A 374 -7.91 -13.43 0.07
CA VAL A 374 -7.02 -12.36 -0.37
C VAL A 374 -7.88 -11.13 -0.64
N PHE A 375 -7.58 -10.05 0.05
CA PHE A 375 -8.31 -8.79 -0.07
C PHE A 375 -7.31 -7.79 -0.61
N ASP A 376 -7.49 -7.40 -1.86
CA ASP A 376 -6.53 -6.55 -2.54
C ASP A 376 -7.06 -5.12 -2.64
N GLU A 377 -6.14 -4.18 -2.84
CA GLU A 377 -6.43 -2.75 -2.83
C GLU A 377 -7.19 -2.38 -1.55
N ILE A 378 -6.47 -2.52 -0.43
CA ILE A 378 -7.06 -2.33 0.89
C ILE A 378 -7.29 -0.87 1.23
N SER A 379 -6.67 0.06 0.52
CA SER A 379 -6.91 1.47 0.80
C SER A 379 -8.35 1.90 0.48
N MET A 380 -8.96 1.28 -0.53
CA MET A 380 -10.36 1.57 -0.85
C MET A 380 -11.35 0.82 0.04
N ALA A 381 -10.89 0.10 1.05
CA ALA A 381 -11.80 -0.65 1.87
C ALA A 381 -12.24 0.20 3.06
N THR A 382 -13.39 -0.19 3.61
CA THR A 382 -13.95 0.40 4.82
C THR A 382 -14.15 -0.68 5.87
N ASN A 383 -14.36 -0.23 7.11
CA ASN A 383 -14.60 -1.19 8.18
C ASN A 383 -15.88 -1.98 7.92
N TYR A 384 -16.86 -1.38 7.24
CA TYR A 384 -18.03 -2.14 6.83
C TYR A 384 -17.63 -3.29 5.91
N ASP A 385 -16.70 -3.03 4.98
CA ASP A 385 -16.26 -4.08 4.06
C ASP A 385 -15.50 -5.17 4.80
N LEU A 386 -14.63 -4.82 5.73
CA LEU A 386 -13.90 -5.82 6.49
C LEU A 386 -14.85 -6.72 7.27
N SER A 387 -15.91 -6.13 7.85
CA SER A 387 -16.88 -6.94 8.59
C SER A 387 -17.60 -7.91 7.66
N VAL A 388 -17.97 -7.46 6.47
CA VAL A 388 -18.68 -8.32 5.53
C VAL A 388 -17.80 -9.51 5.14
N VAL A 389 -16.50 -9.27 5.00
CA VAL A 389 -15.60 -10.32 4.53
C VAL A 389 -15.48 -11.43 5.58
N ASN A 390 -15.28 -11.06 6.85
CA ASN A 390 -15.26 -12.07 7.91
C ASN A 390 -16.62 -12.73 8.08
N ALA A 391 -17.71 -11.98 7.88
CA ALA A 391 -19.04 -12.55 8.04
C ALA A 391 -19.31 -13.63 6.99
N ARG A 392 -18.98 -13.34 5.73
CA ARG A 392 -19.40 -14.19 4.64
C ARG A 392 -18.34 -15.24 4.27
N LEU A 393 -17.07 -14.89 4.34
CA LEU A 393 -15.96 -15.79 4.01
C LEU A 393 -15.33 -16.31 5.29
N ARG A 394 -15.58 -17.57 5.62
CA ARG A 394 -14.91 -18.22 6.75
C ARG A 394 -13.70 -18.98 6.22
N ALA A 395 -12.51 -18.50 6.55
CA ALA A 395 -11.28 -19.05 6.00
C ALA A 395 -10.25 -19.28 7.09
N LYS A 396 -9.20 -20.03 6.73
CA LYS A 396 -8.08 -20.27 7.63
C LYS A 396 -7.12 -19.09 7.65
N HIS A 397 -6.92 -18.44 6.51
CA HIS A 397 -5.96 -17.36 6.39
C HIS A 397 -6.59 -16.18 5.68
N TYR A 398 -6.31 -14.98 6.18
CA TYR A 398 -6.77 -13.73 5.59
C TYR A 398 -5.54 -12.93 5.21
N VAL A 399 -5.41 -12.62 3.92
CA VAL A 399 -4.28 -11.82 3.42
C VAL A 399 -4.83 -10.49 2.96
N TYR A 400 -4.37 -9.41 3.60
CA TYR A 400 -4.84 -8.06 3.30
C TYR A 400 -3.72 -7.33 2.57
N ILE A 401 -3.96 -7.03 1.30
CA ILE A 401 -2.95 -6.46 0.41
C ILE A 401 -3.41 -5.09 -0.07
N GLY A 402 -2.52 -4.12 -0.05
CA GLY A 402 -2.87 -2.81 -0.54
C GLY A 402 -1.81 -1.78 -0.23
N ASP A 403 -2.09 -0.55 -0.67
CA ASP A 403 -1.20 0.58 -0.48
C ASP A 403 -2.01 1.75 0.09
N PRO A 404 -1.75 2.17 1.34
CA PRO A 404 -2.51 3.30 1.89
C PRO A 404 -2.31 4.62 1.17
N ALA A 405 -1.30 4.74 0.30
CA ALA A 405 -1.07 5.98 -0.43
C ALA A 405 -1.70 5.98 -1.82
N GLN A 406 -2.58 5.02 -2.10
CA GLN A 406 -3.32 4.95 -3.34
C GLN A 406 -4.78 5.37 -3.08
N LEU A 407 -5.70 4.84 -3.87
CA LEU A 407 -7.06 5.36 -3.85
C LEU A 407 -7.76 4.93 -2.57
N PRO A 408 -8.48 5.84 -1.93
CA PRO A 408 -9.27 5.46 -0.76
C PRO A 408 -10.71 5.17 -1.19
N ALA A 409 -11.47 4.71 -0.22
CA ALA A 409 -12.88 4.52 -0.43
C ALA A 409 -13.56 5.87 -0.58
N PRO A 410 -14.56 5.98 -1.44
CA PRO A 410 -15.23 7.28 -1.59
C PRO A 410 -16.01 7.60 -0.33
N ARG A 411 -15.58 8.62 0.40
CA ARG A 411 -16.35 9.08 1.55
C ARG A 411 -17.07 10.34 1.10
N THR A 412 -18.20 10.13 0.41
CA THR A 412 -18.89 11.22 -0.28
C THR A 412 -19.45 12.25 0.69
N LEU A 413 -19.72 11.87 1.94
CA LEU A 413 -20.24 12.81 2.92
C LEU A 413 -19.13 13.58 3.63
N LEU A 414 -17.87 13.14 3.50
CA LEU A 414 -16.76 13.80 4.15
C LEU A 414 -16.44 15.07 3.37
N THR A 415 -16.42 16.22 4.04
CA THR A 415 -16.25 17.45 3.28
C THR A 415 -15.11 18.34 3.75
N LYS A 416 -14.99 18.57 5.05
CA LYS A 416 -14.03 19.51 5.62
C LYS A 416 -12.98 18.77 6.44
N GLY A 417 -11.73 18.89 6.03
CA GLY A 417 -10.62 18.25 6.70
C GLY A 417 -9.94 17.22 5.82
N THR A 418 -8.82 16.69 6.34
CA THR A 418 -8.03 15.72 5.61
C THR A 418 -7.88 14.47 6.46
N LEU A 419 -8.37 13.35 5.93
CA LEU A 419 -8.33 12.07 6.61
C LEU A 419 -7.06 11.35 6.19
N GLU A 420 -6.29 10.88 7.16
CA GLU A 420 -5.04 10.22 6.82
C GLU A 420 -5.31 8.78 6.41
N PRO A 421 -4.37 8.16 5.68
CA PRO A 421 -4.57 6.75 5.31
C PRO A 421 -4.60 5.85 6.52
N GLU A 422 -4.07 6.32 7.66
CA GLU A 422 -4.07 5.53 8.88
C GLU A 422 -5.47 5.38 9.47
N TYR A 423 -6.42 6.21 9.03
CA TYR A 423 -7.79 6.16 9.52
C TYR A 423 -8.78 5.66 8.48
N PHE A 424 -8.30 5.14 7.35
CA PHE A 424 -9.18 4.57 6.34
C PHE A 424 -9.97 3.41 6.90
N ASN A 425 -9.27 2.39 7.37
CA ASN A 425 -9.90 1.21 7.94
C ASN A 425 -8.91 0.56 8.90
N SER A 426 -9.40 -0.47 9.61
CA SER A 426 -8.58 -1.06 10.66
C SER A 426 -7.36 -1.78 10.09
N VAL A 427 -7.44 -2.28 8.85
CA VAL A 427 -6.28 -2.93 8.25
C VAL A 427 -5.23 -1.89 7.88
N CYS A 428 -5.65 -0.76 7.33
CA CYS A 428 -4.71 0.33 7.08
C CYS A 428 -4.22 0.93 8.39
N ARG A 429 -5.03 0.83 9.45
CA ARG A 429 -4.59 1.31 10.76
C ARG A 429 -3.39 0.52 11.27
N LEU A 430 -3.40 -0.80 11.05
CA LEU A 430 -2.26 -1.63 11.46
C LEU A 430 -1.01 -1.26 10.67
N MET A 431 -1.15 -1.03 9.37
CA MET A 431 0.00 -0.73 8.52
C MET A 431 0.74 0.51 8.97
N LYS A 432 0.02 1.48 9.54
CA LYS A 432 0.64 2.75 9.94
C LYS A 432 1.10 2.78 11.39
N THR A 433 0.76 1.77 12.20
CA THR A 433 1.17 1.75 13.61
C THR A 433 2.17 0.64 13.93
N ILE A 434 1.79 -0.63 13.77
CA ILE A 434 2.68 -1.73 14.08
C ILE A 434 3.38 -2.28 12.85
N GLY A 435 3.05 -1.79 11.67
CA GLY A 435 3.71 -2.23 10.48
C GLY A 435 3.01 -3.40 9.83
N PRO A 436 3.34 -3.65 8.58
CA PRO A 436 2.75 -4.78 7.86
C PRO A 436 3.46 -6.08 8.18
N ASP A 437 2.70 -7.18 8.11
CA ASP A 437 3.32 -8.49 8.28
C ASP A 437 4.30 -8.78 7.15
N MET A 438 4.00 -8.31 5.93
CA MET A 438 4.87 -8.48 4.77
C MET A 438 4.97 -7.13 4.04
N PHE A 439 6.03 -6.97 3.25
CA PHE A 439 6.30 -5.69 2.58
C PHE A 439 7.13 -5.89 1.33
N LEU A 440 6.65 -5.36 0.20
CA LEU A 440 7.37 -5.33 -1.07
C LEU A 440 7.74 -3.89 -1.40
N GLY A 441 9.02 -3.57 -1.36
CA GLY A 441 9.45 -2.18 -1.48
C GLY A 441 10.15 -1.82 -2.78
N THR A 442 10.03 -2.67 -3.79
CA THR A 442 10.68 -2.47 -5.09
C THR A 442 9.63 -2.47 -6.19
N CYS A 443 9.53 -1.34 -6.89
CA CYS A 443 8.59 -1.19 -7.99
C CYS A 443 9.11 -1.91 -9.23
N ARG A 444 8.40 -2.96 -9.64
CA ARG A 444 8.80 -3.84 -10.72
C ARG A 444 8.05 -3.54 -12.02
N ARG A 445 7.45 -2.35 -12.14
CA ARG A 445 6.58 -2.06 -13.28
C ARG A 445 6.92 -0.76 -14.00
N CYS A 446 7.20 0.29 -13.29
CA CYS A 446 7.28 1.60 -13.90
C CYS A 446 8.72 1.98 -14.18
N PRO A 447 8.94 2.87 -15.14
CA PRO A 447 10.30 3.35 -15.41
C PRO A 447 10.85 4.12 -14.21
N ALA A 448 12.17 4.35 -14.24
CA ALA A 448 12.82 4.99 -13.10
C ALA A 448 12.34 6.41 -12.88
N GLU A 449 11.99 7.13 -13.95
CA GLU A 449 11.53 8.51 -13.81
C GLU A 449 10.24 8.58 -13.01
N ILE A 450 9.31 7.67 -13.27
CA ILE A 450 8.05 7.64 -12.52
C ILE A 450 8.34 7.26 -11.07
N VAL A 451 9.16 6.24 -10.87
CA VAL A 451 9.45 5.76 -9.52
C VAL A 451 10.13 6.86 -8.71
N ASP A 452 11.09 7.55 -9.31
CA ASP A 452 11.76 8.63 -8.58
C ASP A 452 10.77 9.71 -8.20
N THR A 453 9.80 9.99 -9.10
CA THR A 453 8.81 11.02 -8.80
C THR A 453 7.97 10.64 -7.59
N VAL A 454 7.37 9.46 -7.61
CA VAL A 454 6.48 9.06 -6.53
C VAL A 454 7.26 8.75 -5.26
N SER A 455 8.52 8.32 -5.38
CA SER A 455 9.30 8.00 -4.19
C SER A 455 9.58 9.27 -3.38
N ALA A 456 9.97 10.35 -4.05
CA ALA A 456 10.24 11.58 -3.34
C ALA A 456 8.98 12.40 -3.08
N LEU A 457 7.86 12.04 -3.70
CA LEU A 457 6.62 12.77 -3.52
C LEU A 457 5.80 12.26 -2.34
N VAL A 458 5.58 10.95 -2.28
CA VAL A 458 4.64 10.38 -1.31
C VAL A 458 5.20 9.18 -0.54
N TYR A 459 6.31 8.57 -0.95
CA TYR A 459 6.81 7.36 -0.30
C TYR A 459 8.10 7.59 0.48
N ASP A 460 8.40 8.84 0.83
CA ASP A 460 9.44 9.16 1.81
C ASP A 460 10.82 8.70 1.35
N ASN A 461 11.05 8.72 0.03
CA ASN A 461 12.33 8.31 -0.56
C ASN A 461 12.74 6.89 -0.17
N LYS A 462 11.77 6.00 0.03
CA LYS A 462 12.02 4.60 0.38
C LYS A 462 11.62 3.63 -0.73
N LEU A 463 11.27 4.12 -1.91
CA LEU A 463 10.83 3.27 -3.01
C LEU A 463 11.96 3.03 -4.00
N LYS A 464 12.25 1.75 -4.25
CA LYS A 464 13.32 1.34 -5.15
C LYS A 464 12.74 0.93 -6.50
N ALA A 465 13.45 1.27 -7.56
CA ALA A 465 13.04 0.96 -8.92
C ALA A 465 13.76 -0.30 -9.39
N HIS A 466 13.02 -1.19 -10.05
CA HIS A 466 13.69 -2.31 -10.69
C HIS A 466 14.06 -1.98 -12.13
N LYS A 467 13.22 -1.21 -12.81
CA LYS A 467 13.50 -0.77 -14.16
C LYS A 467 14.40 0.47 -14.15
N ASP A 468 15.13 0.64 -15.25
CA ASP A 468 15.96 1.81 -15.48
C ASP A 468 15.14 2.91 -16.16
N LYS A 469 15.74 4.09 -16.29
CA LYS A 469 15.14 5.19 -17.02
C LYS A 469 14.78 4.77 -18.44
N SER A 470 13.50 4.88 -18.79
CA SER A 470 13.06 4.60 -20.15
C SER A 470 13.25 5.79 -21.09
N ALA A 471 13.48 6.98 -20.54
CA ALA A 471 13.66 8.23 -21.29
C ALA A 471 12.43 8.61 -22.11
N GLN A 472 11.27 8.04 -21.78
CA GLN A 472 10.03 8.40 -22.46
C GLN A 472 8.99 8.99 -21.52
N CYS A 473 9.43 9.56 -20.40
CA CYS A 473 8.52 10.18 -19.43
C CYS A 473 8.62 11.69 -19.60
N PHE A 474 7.55 12.28 -20.12
CA PHE A 474 7.54 13.70 -20.47
C PHE A 474 6.49 14.44 -19.67
N LYS A 475 6.71 15.74 -19.49
CA LYS A 475 5.79 16.62 -18.78
C LYS A 475 5.73 17.96 -19.51
N MET A 476 4.53 18.46 -19.73
CA MET A 476 4.33 19.77 -20.32
C MET A 476 3.49 20.63 -19.40
N PHE A 477 3.84 21.92 -19.35
CA PHE A 477 3.11 22.88 -18.52
C PHE A 477 2.24 23.73 -19.43
N TYR A 478 0.97 23.38 -19.52
CA TYR A 478 -0.01 24.17 -20.25
C TYR A 478 -1.30 24.22 -19.45
N LYS A 479 -1.77 25.44 -19.15
CA LYS A 479 -3.05 25.54 -18.45
C LYS A 479 -4.20 25.38 -19.43
N GLY A 480 -4.08 25.93 -20.63
CA GLY A 480 -5.13 25.76 -21.62
C GLY A 480 -6.35 26.59 -21.30
N VAL A 481 -7.50 26.11 -21.80
CA VAL A 481 -8.79 26.76 -21.58
C VAL A 481 -9.74 25.74 -20.97
N ILE A 482 -10.25 26.06 -19.78
CA ILE A 482 -11.10 25.17 -19.01
C ILE A 482 -12.55 25.52 -19.28
N THR A 483 -13.31 24.55 -19.79
CA THR A 483 -14.74 24.71 -20.01
C THR A 483 -15.48 23.67 -19.19
N HIS A 484 -16.65 24.05 -18.66
CA HIS A 484 -17.38 23.16 -17.76
C HIS A 484 -18.78 22.86 -18.27
N ASP A 485 -19.24 21.64 -17.97
CA ASP A 485 -20.63 21.25 -18.05
C ASP A 485 -20.95 20.55 -16.73
N VAL A 486 -21.88 21.13 -15.96
CA VAL A 486 -22.29 20.68 -14.63
C VAL A 486 -21.12 20.16 -13.79
N SER A 487 -21.12 18.87 -13.48
CA SER A 487 -20.17 18.30 -12.52
C SER A 487 -18.73 18.30 -13.05
N SER A 488 -18.51 17.91 -14.29
CA SER A 488 -17.13 17.69 -14.71
C SER A 488 -16.63 18.89 -15.49
N ALA A 489 -15.40 18.78 -15.97
CA ALA A 489 -14.75 19.87 -16.68
C ALA A 489 -14.00 19.33 -17.88
N ILE A 490 -13.72 20.22 -18.82
CA ILE A 490 -13.08 19.87 -20.08
C ILE A 490 -12.01 20.93 -20.38
N ASN A 491 -10.87 20.47 -20.89
CA ASN A 491 -9.76 21.34 -21.31
C ASN A 491 -9.39 20.92 -22.72
N ARG A 492 -10.03 21.55 -23.70
CA ARG A 492 -9.78 21.21 -25.10
C ARG A 492 -8.36 21.57 -25.55
N PRO A 493 -7.80 22.74 -25.23
CA PRO A 493 -6.42 23.02 -25.67
C PRO A 493 -5.40 22.00 -25.19
N GLN A 494 -5.57 21.48 -23.97
CA GLN A 494 -4.65 20.44 -23.50
C GLN A 494 -4.80 19.16 -24.31
N ILE A 495 -6.01 18.86 -24.75
CA ILE A 495 -6.21 17.74 -25.66
C ILE A 495 -5.56 18.05 -27.01
N GLY A 496 -5.68 19.29 -27.47
CA GLY A 496 -5.02 19.69 -28.71
C GLY A 496 -3.52 19.57 -28.63
N VAL A 497 -2.94 19.74 -27.44
CA VAL A 497 -1.52 19.52 -27.25
C VAL A 497 -1.19 18.04 -27.46
N VAL A 498 -2.03 17.16 -26.93
CA VAL A 498 -1.82 15.72 -27.13
C VAL A 498 -2.00 15.35 -28.59
N ARG A 499 -2.99 15.94 -29.25
CA ARG A 499 -3.25 15.66 -30.66
C ARG A 499 -2.04 15.97 -31.53
N GLU A 500 -1.42 17.13 -31.31
CA GLU A 500 -0.19 17.45 -32.04
C GLU A 500 0.97 16.57 -31.60
N PHE A 501 1.04 16.27 -30.30
CA PHE A 501 2.03 15.34 -29.79
C PHE A 501 1.86 13.95 -30.39
N LEU A 502 0.61 13.50 -30.56
CA LEU A 502 0.38 12.14 -31.03
C LEU A 502 0.88 11.93 -32.45
N THR A 503 0.90 12.99 -33.27
CA THR A 503 1.47 12.87 -34.61
C THR A 503 2.98 12.68 -34.53
N ARG A 504 3.66 13.47 -33.69
CA ARG A 504 5.10 13.42 -33.60
C ARG A 504 5.60 12.12 -32.97
N ASN A 505 4.78 11.48 -32.15
CA ASN A 505 5.09 10.20 -31.52
C ASN A 505 4.02 9.19 -31.92
N PRO A 506 4.18 8.52 -33.06
CA PRO A 506 3.15 7.57 -33.51
C PRO A 506 3.09 6.30 -32.67
N ALA A 507 4.08 6.05 -31.80
CA ALA A 507 4.04 4.92 -30.89
C ALA A 507 3.15 5.19 -29.68
N TRP A 508 2.44 6.32 -29.66
CA TRP A 508 1.63 6.71 -28.51
C TRP A 508 0.14 6.74 -28.81
N ARG A 509 -0.30 6.22 -29.95
CA ARG A 509 -1.74 6.17 -30.19
C ARG A 509 -2.37 4.85 -29.76
N LYS A 510 -1.59 3.93 -29.20
CA LYS A 510 -2.11 2.81 -28.43
C LYS A 510 -2.18 3.15 -26.95
N ALA A 511 -1.88 4.39 -26.57
CA ALA A 511 -1.75 4.77 -25.18
C ALA A 511 -3.12 4.87 -24.52
N VAL A 512 -3.11 4.91 -23.19
CA VAL A 512 -4.31 5.01 -22.40
C VAL A 512 -4.40 6.43 -21.85
N PHE A 513 -5.56 7.06 -22.02
CA PHE A 513 -5.77 8.44 -21.63
C PHE A 513 -6.31 8.50 -20.21
N ILE A 514 -5.62 9.22 -19.33
CA ILE A 514 -6.01 9.35 -17.93
C ILE A 514 -6.34 10.81 -17.67
N SER A 515 -7.44 11.06 -16.96
CA SER A 515 -7.80 12.42 -16.57
C SER A 515 -8.64 12.37 -15.30
N PRO A 516 -8.59 13.42 -14.47
CA PRO A 516 -9.43 13.44 -13.26
C PRO A 516 -10.91 13.51 -13.58
N TYR A 517 -11.28 14.16 -14.68
CA TYR A 517 -12.67 14.33 -15.07
C TYR A 517 -12.96 13.43 -16.26
N ASN A 518 -14.12 12.78 -16.25
CA ASN A 518 -14.49 11.85 -17.31
C ASN A 518 -15.28 12.51 -18.43
N SER A 519 -15.61 13.80 -18.32
CA SER A 519 -16.04 14.56 -19.49
C SER A 519 -14.85 14.89 -20.37
N GLN A 520 -13.71 15.20 -19.75
CA GLN A 520 -12.46 15.33 -20.49
C GLN A 520 -12.09 14.02 -21.17
N ASN A 521 -12.34 12.89 -20.49
CA ASN A 521 -12.12 11.58 -21.11
C ASN A 521 -12.97 11.43 -22.37
N ALA A 522 -14.26 11.75 -22.27
CA ALA A 522 -15.13 11.62 -23.43
C ALA A 522 -14.69 12.54 -24.55
N VAL A 523 -14.33 13.78 -24.21
CA VAL A 523 -13.88 14.72 -25.24
C VAL A 523 -12.57 14.23 -25.83
N ALA A 524 -11.63 13.76 -25.00
CA ALA A 524 -10.38 13.26 -25.53
C ALA A 524 -10.57 11.94 -26.27
N SER A 525 -11.63 11.19 -25.95
CA SER A 525 -11.90 9.98 -26.71
C SER A 525 -12.39 10.30 -28.12
N LYS A 526 -13.21 11.36 -28.25
CA LYS A 526 -13.71 11.74 -29.56
C LYS A 526 -12.61 12.34 -30.44
N ILE A 527 -11.79 13.22 -29.87
CA ILE A 527 -10.77 13.89 -30.68
C ILE A 527 -9.55 13.00 -30.86
N LEU A 528 -9.12 12.33 -29.80
CA LEU A 528 -7.88 11.54 -29.90
C LEU A 528 -8.20 10.11 -30.28
N GLY A 529 -9.36 9.62 -29.88
CA GLY A 529 -9.73 8.25 -30.24
C GLY A 529 -8.87 7.24 -29.52
N LEU A 530 -8.43 7.55 -28.31
CA LEU A 530 -7.59 6.58 -27.57
C LEU A 530 -8.47 5.89 -26.55
N PRO A 531 -7.94 4.82 -25.93
CA PRO A 531 -8.61 4.12 -24.89
C PRO A 531 -8.54 5.08 -23.72
N THR A 532 -9.66 5.20 -23.02
CA THR A 532 -9.77 6.16 -21.90
C THR A 532 -10.11 5.38 -20.66
N GLN A 533 -9.42 5.66 -19.58
CA GLN A 533 -9.56 5.09 -18.25
C GLN A 533 -9.51 6.22 -17.23
N THR A 534 -10.38 6.14 -16.23
CA THR A 534 -10.30 7.05 -15.10
C THR A 534 -9.35 6.49 -14.05
N VAL A 535 -8.92 7.36 -13.14
CA VAL A 535 -8.05 6.90 -12.06
C VAL A 535 -8.74 5.81 -11.28
N ASP A 536 -10.04 5.98 -11.04
CA ASP A 536 -10.84 4.95 -10.39
C ASP A 536 -10.85 3.66 -11.20
N SER A 537 -11.03 3.76 -12.52
CA SER A 537 -11.15 2.57 -13.36
C SER A 537 -9.82 1.96 -13.75
N SER A 538 -8.70 2.64 -13.48
CA SER A 538 -7.37 2.14 -13.81
C SER A 538 -6.72 1.42 -12.65
N GLN A 539 -7.41 1.33 -11.51
CA GLN A 539 -6.84 0.76 -10.31
C GLN A 539 -6.36 -0.67 -10.50
N GLY A 540 -5.13 -0.93 -10.07
CA GLY A 540 -4.56 -2.25 -10.20
C GLY A 540 -4.14 -2.63 -11.61
N SER A 541 -4.08 -1.68 -12.52
CA SER A 541 -3.81 -1.97 -13.92
C SER A 541 -2.58 -1.22 -14.38
N GLU A 542 -1.98 -1.74 -15.45
CA GLU A 542 -0.74 -1.21 -15.98
C GLU A 542 -0.83 -1.14 -17.51
N TYR A 543 -0.26 -0.09 -18.08
CA TYR A 543 -0.33 0.20 -19.50
C TYR A 543 1.05 0.59 -19.99
N ASP A 544 1.38 0.22 -21.23
CA ASP A 544 2.70 0.57 -21.76
C ASP A 544 2.87 2.08 -21.83
N TYR A 545 1.96 2.77 -22.49
CA TYR A 545 2.00 4.22 -22.61
C TYR A 545 0.75 4.83 -21.98
N VAL A 546 0.94 5.86 -21.18
CA VAL A 546 -0.14 6.57 -20.51
C VAL A 546 -0.01 8.05 -20.84
N ILE A 547 -1.12 8.66 -21.25
CA ILE A 547 -1.19 10.11 -21.46
C ILE A 547 -2.18 10.68 -20.47
N PHE A 548 -1.74 11.67 -19.71
CA PHE A 548 -2.52 12.27 -18.64
C PHE A 548 -2.60 13.78 -18.85
N THR A 549 -3.83 14.30 -18.86
CA THR A 549 -4.08 15.74 -18.90
C THR A 549 -4.78 16.13 -17.60
N GLN A 550 -4.16 17.03 -16.85
CA GLN A 550 -4.68 17.42 -15.54
C GLN A 550 -5.95 18.25 -15.64
N THR A 551 -6.18 18.87 -16.79
CA THR A 551 -7.41 19.62 -17.08
C THR A 551 -7.54 20.90 -16.25
N THR A 552 -7.65 20.77 -14.93
CA THR A 552 -7.90 21.91 -14.05
C THR A 552 -6.92 21.94 -12.89
N GLU A 553 -6.84 23.09 -12.22
CA GLU A 553 -6.11 23.23 -10.97
C GLU A 553 -7.01 23.11 -9.76
N THR A 554 -8.14 22.42 -9.89
CA THR A 554 -9.03 22.26 -8.75
C THR A 554 -8.42 21.32 -7.73
N ALA A 555 -8.97 21.36 -6.52
CA ALA A 555 -8.47 20.50 -5.45
C ALA A 555 -8.64 19.03 -5.80
N HIS A 556 -9.62 18.70 -6.63
CA HIS A 556 -9.80 17.32 -7.08
C HIS A 556 -8.63 16.85 -7.93
N SER A 557 -8.22 17.67 -8.90
CA SER A 557 -7.17 17.28 -9.83
C SER A 557 -5.79 17.28 -9.19
N CYS A 558 -5.60 18.03 -8.09
CA CYS A 558 -4.32 18.10 -7.43
C CYS A 558 -4.18 17.11 -6.29
N ASN A 559 -5.11 16.17 -6.15
CA ASN A 559 -4.99 15.15 -5.11
C ASN A 559 -3.77 14.27 -5.40
N VAL A 560 -2.87 14.17 -4.43
CA VAL A 560 -1.61 13.47 -4.68
C VAL A 560 -1.86 11.98 -4.84
N ASN A 561 -2.72 11.40 -4.01
CA ASN A 561 -3.02 9.97 -4.15
C ASN A 561 -3.65 9.68 -5.51
N ARG A 562 -4.68 10.47 -5.89
CA ARG A 562 -5.24 10.35 -7.22
C ARG A 562 -4.17 10.54 -8.29
N PHE A 563 -3.28 11.53 -8.12
CA PHE A 563 -2.22 11.76 -9.09
C PHE A 563 -1.18 10.63 -9.06
N ASN A 564 -0.82 10.15 -7.86
CA ASN A 564 0.09 9.03 -7.74
C ASN A 564 -0.42 7.81 -8.52
N VAL A 565 -1.69 7.46 -8.32
CA VAL A 565 -2.23 6.26 -8.96
C VAL A 565 -2.18 6.40 -10.46
N ALA A 566 -2.49 7.61 -10.96
CA ALA A 566 -2.62 7.82 -12.39
C ALA A 566 -1.28 7.64 -13.10
N ILE A 567 -0.23 8.27 -12.57
CA ILE A 567 1.05 8.25 -13.28
C ILE A 567 1.80 6.94 -13.05
N THR A 568 1.47 6.21 -11.98
CA THR A 568 2.08 4.92 -11.73
C THR A 568 1.39 3.79 -12.47
N ARG A 569 0.51 4.11 -13.42
CA ARG A 569 -0.07 3.07 -14.26
C ARG A 569 0.83 2.72 -15.42
N ALA A 570 1.78 3.58 -15.77
CA ALA A 570 2.60 3.41 -16.96
C ALA A 570 3.81 2.53 -16.66
N LYS A 571 4.07 1.58 -17.55
CA LYS A 571 5.24 0.73 -17.43
C LYS A 571 6.38 1.18 -18.33
N VAL A 572 6.09 1.90 -19.41
CA VAL A 572 7.13 2.33 -20.34
C VAL A 572 7.26 3.85 -20.36
N GLY A 573 6.30 4.53 -21.00
CA GLY A 573 6.35 5.98 -21.10
C GLY A 573 5.07 6.62 -20.62
N ILE A 574 5.20 7.89 -20.24
CA ILE A 574 4.04 8.68 -19.80
C ILE A 574 4.25 10.12 -20.23
N LEU A 575 3.14 10.78 -20.62
CA LEU A 575 3.12 12.20 -20.91
C LEU A 575 2.09 12.86 -20.00
N CYS A 576 2.54 13.84 -19.20
CA CYS A 576 1.68 14.54 -18.25
C CYS A 576 1.52 15.99 -18.68
N ILE A 577 0.31 16.34 -19.10
CA ILE A 577 -0.03 17.72 -19.43
C ILE A 577 -0.57 18.36 -18.15
N MET A 578 0.29 19.07 -17.43
CA MET A 578 -0.05 19.58 -16.11
C MET A 578 -0.53 21.02 -16.16
N SER A 579 -1.44 21.36 -15.25
CA SER A 579 -1.92 22.73 -15.11
C SER A 579 -1.42 23.40 -13.84
N ASP A 580 -1.07 22.62 -12.82
CA ASP A 580 -0.60 23.13 -11.53
C ASP A 580 0.92 23.04 -11.51
N ARG A 581 1.58 24.18 -11.35
CA ARG A 581 3.04 24.17 -11.42
C ARG A 581 3.65 23.43 -10.22
N ASP A 582 2.92 23.37 -9.10
CA ASP A 582 3.43 22.68 -7.92
C ASP A 582 3.72 21.21 -8.24
N LEU A 583 2.78 20.54 -8.90
CA LEU A 583 2.97 19.13 -9.24
C LEU A 583 3.85 18.97 -10.46
N TYR A 584 3.80 19.93 -11.40
CA TYR A 584 4.65 19.88 -12.59
C TYR A 584 6.13 19.90 -12.22
N ASP A 585 6.53 20.79 -11.30
CA ASP A 585 7.94 20.83 -10.92
C ASP A 585 8.34 19.63 -10.09
N LYS A 586 7.38 19.02 -9.38
CA LYS A 586 7.70 17.82 -8.62
C LYS A 586 7.76 16.58 -9.50
N LEU A 587 7.37 16.68 -10.76
CA LEU A 587 7.54 15.60 -11.71
C LEU A 587 9.00 15.57 -12.16
N GLN A 588 9.65 14.42 -12.01
CA GLN A 588 11.04 14.28 -12.45
C GLN A 588 11.12 13.76 -13.88
N PHE A 589 10.40 14.45 -14.76
CA PHE A 589 10.27 14.07 -16.16
C PHE A 589 11.06 15.04 -17.02
N THR A 590 10.96 14.85 -18.34
CA THR A 590 11.58 15.75 -19.30
C THR A 590 10.53 16.73 -19.79
N SER A 591 10.87 18.02 -19.73
CA SER A 591 9.93 19.07 -20.13
C SER A 591 9.97 19.31 -21.63
N LEU A 592 8.80 19.55 -22.22
CA LEU A 592 8.70 19.81 -23.66
C LEU A 592 8.34 21.28 -23.90
N GLU A 593 8.52 21.71 -25.14
CA GLU A 593 8.37 23.10 -25.54
C GLU A 593 7.08 23.36 -26.31
N ILE A 594 6.56 24.57 -26.17
CA ILE A 594 5.30 24.96 -26.79
C ILE A 594 5.56 25.32 -28.26
N PRO A 595 4.75 24.84 -29.21
CA PRO A 595 4.87 25.18 -30.63
C PRO A 595 4.29 26.55 -30.96
N MET B 2 -8.33 -28.15 0.13
CA MET B 2 -9.58 -28.38 -0.58
C MET B 2 -9.71 -29.86 -0.94
N ALA B 3 -8.60 -30.58 -0.86
CA ALA B 3 -8.60 -32.00 -1.11
C ALA B 3 -8.76 -32.84 0.16
N VAL B 4 -8.70 -32.21 1.34
CA VAL B 4 -8.79 -32.92 2.60
C VAL B 4 -9.98 -32.39 3.38
N GLY B 5 -10.88 -33.28 3.76
CA GLY B 5 -12.06 -32.92 4.51
C GLY B 5 -12.58 -34.08 5.32
N ALA B 6 -13.83 -33.96 5.76
CA ALA B 6 -14.47 -34.96 6.60
C ALA B 6 -15.44 -35.79 5.77
N CYS B 7 -15.45 -37.10 6.02
CA CYS B 7 -16.30 -38.02 5.28
C CYS B 7 -17.76 -37.61 5.40
N VAL B 8 -18.52 -37.79 4.31
CA VAL B 8 -19.92 -37.42 4.34
C VAL B 8 -20.76 -38.52 4.97
N LEU B 9 -20.22 -39.73 5.08
CA LEU B 9 -20.94 -40.84 5.69
C LEU B 9 -20.47 -41.14 7.11
N CYS B 10 -19.24 -40.75 7.47
CA CYS B 10 -18.64 -40.99 8.77
C CYS B 10 -18.28 -39.72 9.52
N ASN B 11 -17.86 -38.68 8.80
CA ASN B 11 -17.13 -37.51 9.28
C ASN B 11 -15.68 -37.89 9.57
N SER B 12 -15.25 -39.08 9.17
CA SER B 12 -13.84 -39.47 9.29
C SER B 12 -13.00 -38.70 8.30
N GLN B 13 -11.97 -38.01 8.79
CA GLN B 13 -11.19 -37.14 7.92
C GLN B 13 -10.41 -37.96 6.89
N THR B 14 -10.44 -37.47 5.65
CA THR B 14 -9.78 -38.13 4.52
C THR B 14 -9.49 -37.12 3.43
N SER B 15 -8.60 -37.52 2.52
CA SER B 15 -8.21 -36.71 1.38
C SER B 15 -8.94 -37.09 0.09
N LEU B 16 -9.95 -37.96 0.16
CA LEU B 16 -10.61 -38.47 -1.02
C LEU B 16 -11.93 -37.77 -1.28
N ARG B 17 -12.20 -37.51 -2.57
CA ARG B 17 -13.51 -37.06 -3.05
C ARG B 17 -13.90 -37.94 -4.22
N CYS B 18 -15.19 -38.21 -4.35
CA CYS B 18 -15.68 -38.93 -5.51
C CYS B 18 -15.86 -37.96 -6.68
N GLY B 19 -15.09 -38.19 -7.75
CA GLY B 19 -15.18 -37.30 -8.90
C GLY B 19 -16.37 -37.57 -9.79
N ALA B 20 -16.90 -38.79 -9.77
CA ALA B 20 -18.07 -39.12 -10.59
C ALA B 20 -19.36 -38.58 -9.97
N CYS B 21 -19.42 -38.50 -8.64
CA CYS B 21 -20.55 -37.84 -8.00
C CYS B 21 -20.54 -36.36 -8.35
N ILE B 22 -21.70 -35.84 -8.76
CA ILE B 22 -21.76 -34.47 -9.21
C ILE B 22 -21.70 -33.45 -8.09
N ARG B 23 -21.49 -33.89 -6.85
CA ARG B 23 -21.28 -32.99 -5.73
C ARG B 23 -19.87 -33.08 -5.17
N ARG B 24 -19.09 -34.08 -5.59
CA ARG B 24 -17.73 -34.30 -5.15
C ARG B 24 -17.67 -34.34 -3.63
N PRO B 25 -18.29 -35.33 -3.01
CA PRO B 25 -18.29 -35.40 -1.54
C PRO B 25 -17.04 -36.08 -1.01
N PHE B 26 -16.59 -35.59 0.13
CA PHE B 26 -15.51 -36.21 0.86
C PHE B 26 -15.93 -37.62 1.29
N LEU B 27 -15.05 -38.59 1.05
CA LEU B 27 -15.30 -39.97 1.41
C LEU B 27 -14.08 -40.55 2.09
N CYS B 28 -14.31 -41.29 3.18
CA CYS B 28 -13.21 -41.91 3.88
C CYS B 28 -12.71 -43.12 3.11
N CYS B 29 -11.59 -43.69 3.60
CA CYS B 29 -10.96 -44.79 2.88
C CYS B 29 -11.87 -45.99 2.79
N LYS B 30 -12.58 -46.31 3.88
CA LYS B 30 -13.50 -47.44 3.85
C LYS B 30 -14.72 -47.12 3.00
N CYS B 31 -15.29 -45.94 3.17
CA CYS B 31 -16.49 -45.56 2.43
C CYS B 31 -16.21 -45.44 0.95
N CYS B 32 -15.07 -44.86 0.57
CA CYS B 32 -14.74 -44.74 -0.84
C CYS B 32 -14.66 -46.11 -1.49
N TYR B 33 -14.08 -47.09 -0.80
CA TYR B 33 -14.08 -48.46 -1.31
C TYR B 33 -15.50 -48.98 -1.46
N ASP B 34 -16.31 -48.85 -0.39
CA ASP B 34 -17.68 -49.36 -0.44
C ASP B 34 -18.49 -48.67 -1.54
N HIS B 35 -18.11 -47.44 -1.91
CA HIS B 35 -18.85 -46.71 -2.93
C HIS B 35 -18.38 -47.08 -4.34
N VAL B 36 -17.07 -47.18 -4.56
CA VAL B 36 -16.56 -47.38 -5.92
C VAL B 36 -16.71 -48.81 -6.42
N ILE B 37 -16.81 -49.81 -5.53
CA ILE B 37 -16.92 -51.18 -5.99
C ILE B 37 -18.36 -51.60 -6.28
N SER B 38 -19.34 -50.82 -5.84
CA SER B 38 -20.74 -51.18 -5.98
C SER B 38 -21.52 -50.21 -6.86
N THR B 39 -20.85 -49.20 -7.42
CA THR B 39 -21.48 -48.24 -8.32
C THR B 39 -20.64 -48.12 -9.59
N SER B 40 -21.13 -47.31 -10.52
CA SER B 40 -20.37 -46.98 -11.72
C SER B 40 -19.35 -45.88 -11.46
N HIS B 41 -19.27 -45.37 -10.25
CA HIS B 41 -18.34 -44.31 -9.92
C HIS B 41 -16.97 -44.91 -9.63
N LYS B 42 -15.99 -44.56 -10.47
CA LYS B 42 -14.64 -45.08 -10.32
C LYS B 42 -13.57 -44.01 -10.22
N LEU B 43 -13.89 -42.75 -10.53
CA LEU B 43 -12.90 -41.68 -10.43
C LEU B 43 -12.80 -41.22 -8.98
N VAL B 44 -11.58 -41.05 -8.49
CA VAL B 44 -11.32 -40.58 -7.13
C VAL B 44 -10.43 -39.36 -7.20
N LEU B 45 -10.72 -38.35 -6.36
CA LEU B 45 -9.99 -37.10 -6.38
C LEU B 45 -9.33 -36.87 -5.03
N SER B 46 -8.00 -36.92 -5.02
CA SER B 46 -7.26 -36.51 -3.82
C SER B 46 -6.55 -35.18 -4.08
N VAL B 47 -5.34 -35.03 -3.53
CA VAL B 47 -4.53 -33.86 -3.86
C VAL B 47 -4.32 -33.79 -5.36
N ASN B 48 -4.00 -34.92 -5.96
CA ASN B 48 -3.95 -35.14 -7.39
C ASN B 48 -5.02 -36.15 -7.78
N PRO B 49 -5.58 -36.05 -8.97
CA PRO B 49 -6.59 -37.04 -9.40
C PRO B 49 -6.00 -38.44 -9.40
N TYR B 50 -6.72 -39.39 -8.79
CA TYR B 50 -6.27 -40.77 -8.88
C TYR B 50 -6.39 -41.19 -10.32
N VAL B 51 -5.30 -41.01 -11.07
CA VAL B 51 -5.25 -41.32 -12.48
C VAL B 51 -3.82 -41.74 -12.80
N CYS B 52 -3.66 -42.64 -13.75
CA CYS B 52 -2.34 -43.12 -14.12
C CYS B 52 -1.47 -41.97 -14.63
N ASN B 53 -0.35 -41.73 -13.94
CA ASN B 53 0.57 -40.69 -14.34
C ASN B 53 1.48 -41.14 -15.47
N ALA B 54 1.01 -42.09 -16.29
CA ALA B 54 1.93 -42.32 -17.38
C ALA B 54 1.55 -41.40 -18.53
N PRO B 55 2.53 -40.78 -19.19
CA PRO B 55 2.21 -39.81 -20.24
C PRO B 55 1.42 -40.44 -21.37
N GLY B 56 0.24 -39.88 -21.60
CA GLY B 56 -0.65 -40.38 -22.64
C GLY B 56 -1.44 -41.61 -22.23
N CYS B 57 -1.73 -41.76 -20.95
CA CYS B 57 -2.54 -42.88 -20.48
C CYS B 57 -3.91 -42.38 -20.02
N ASP B 58 -4.94 -43.17 -20.31
CA ASP B 58 -6.33 -42.79 -20.09
C ASP B 58 -6.97 -43.44 -18.87
N VAL B 59 -6.29 -44.37 -18.20
CA VAL B 59 -6.91 -45.18 -17.16
C VAL B 59 -7.29 -44.27 -15.99
N THR B 60 -8.60 -44.07 -15.78
CA THR B 60 -9.10 -43.34 -14.63
C THR B 60 -9.84 -44.20 -13.61
N ASP B 61 -10.22 -45.42 -13.98
CA ASP B 61 -10.85 -46.35 -13.05
C ASP B 61 -9.92 -46.60 -11.86
N VAL B 62 -10.37 -46.25 -10.65
CA VAL B 62 -9.51 -46.41 -9.49
C VAL B 62 -9.33 -47.88 -9.12
N THR B 63 -10.26 -48.75 -9.52
CA THR B 63 -10.12 -50.18 -9.27
C THR B 63 -9.03 -50.80 -10.12
N GLN B 64 -8.52 -50.07 -11.12
CA GLN B 64 -7.47 -50.55 -12.00
C GLN B 64 -6.10 -49.98 -11.63
N LEU B 65 -6.07 -48.91 -10.84
CA LEU B 65 -4.86 -48.14 -10.56
C LEU B 65 -4.09 -48.71 -9.37
N TYR B 66 -2.79 -48.40 -9.35
CA TYR B 66 -1.88 -48.84 -8.30
C TYR B 66 -1.10 -47.64 -7.78
N LEU B 67 -0.52 -47.81 -6.60
CA LEU B 67 0.30 -46.78 -5.98
C LEU B 67 1.78 -47.13 -6.15
N GLY B 68 2.56 -46.15 -6.61
CA GLY B 68 3.99 -46.32 -6.74
C GLY B 68 4.75 -45.07 -6.33
N GLY B 69 5.42 -45.13 -5.18
CA GLY B 69 6.08 -43.96 -4.62
C GLY B 69 5.09 -42.90 -4.20
N MET B 70 5.13 -41.75 -4.87
CA MET B 70 4.17 -40.67 -4.63
C MET B 70 3.31 -40.41 -5.86
N SER B 71 3.21 -41.38 -6.75
CA SER B 71 2.46 -41.22 -8.00
C SER B 71 1.70 -42.51 -8.27
N TYR B 72 0.71 -42.43 -9.16
CA TYR B 72 -0.28 -43.48 -9.37
C TYR B 72 -0.15 -44.03 -10.79
N TYR B 73 -0.24 -45.35 -10.93
CA TYR B 73 -0.03 -46.00 -12.22
C TYR B 73 -1.06 -47.08 -12.44
N CYS B 74 -1.37 -47.33 -13.71
CA CYS B 74 -2.34 -48.36 -14.09
C CYS B 74 -1.67 -49.73 -14.11
N LYS B 75 -2.46 -50.74 -14.48
CA LYS B 75 -1.96 -52.11 -14.51
C LYS B 75 -0.86 -52.29 -15.55
N SER B 76 -0.89 -51.51 -16.63
CA SER B 76 0.06 -51.65 -17.72
C SER B 76 1.29 -50.77 -17.54
N HIS B 77 1.22 -49.74 -16.70
CA HIS B 77 2.33 -48.84 -16.49
C HIS B 77 2.82 -48.89 -15.04
N LYS B 78 2.74 -50.07 -14.40
CA LYS B 78 3.09 -49.92 -13.00
C LYS B 78 4.50 -50.41 -12.74
N PRO B 79 5.20 -49.77 -11.81
CA PRO B 79 6.56 -50.20 -11.47
C PRO B 79 6.52 -51.51 -10.70
N PRO B 80 7.68 -52.16 -10.51
CA PRO B 80 7.68 -53.39 -9.72
C PRO B 80 7.20 -53.19 -8.29
N ILE B 81 7.54 -52.06 -7.68
CA ILE B 81 7.11 -51.77 -6.30
C ILE B 81 5.80 -50.99 -6.42
N SER B 82 4.69 -51.71 -6.44
CA SER B 82 3.38 -51.08 -6.57
C SER B 82 2.28 -52.03 -6.10
N PHE B 83 1.34 -51.49 -5.33
CA PHE B 83 0.16 -52.19 -4.84
C PHE B 83 -1.10 -51.42 -5.22
N PRO B 84 -2.24 -52.10 -5.31
CA PRO B 84 -3.47 -51.43 -5.77
C PRO B 84 -3.93 -50.32 -4.84
N LEU B 85 -4.44 -49.25 -5.45
CA LEU B 85 -5.03 -48.15 -4.68
C LEU B 85 -6.29 -48.61 -3.98
N CYS B 86 -7.09 -49.44 -4.63
CA CYS B 86 -8.36 -49.92 -4.11
C CYS B 86 -8.18 -51.41 -3.82
N ALA B 87 -7.81 -51.71 -2.57
CA ALA B 87 -7.58 -53.09 -2.15
C ALA B 87 -7.64 -53.15 -0.63
N ASN B 88 -7.74 -54.38 -0.11
CA ASN B 88 -7.75 -54.71 1.31
C ASN B 88 -9.05 -54.28 1.99
N GLY B 89 -10.00 -53.70 1.25
CA GLY B 89 -11.25 -53.22 1.81
C GLY B 89 -11.35 -51.72 1.89
N GLN B 90 -10.32 -51.00 1.44
CA GLN B 90 -10.27 -49.56 1.50
C GLN B 90 -9.74 -49.02 0.18
N VAL B 91 -9.62 -47.71 0.11
CA VAL B 91 -8.94 -47.01 -0.98
C VAL B 91 -7.82 -46.20 -0.34
N PHE B 92 -6.62 -46.28 -0.91
CA PHE B 92 -5.48 -45.63 -0.30
C PHE B 92 -5.70 -44.13 -0.18
N GLY B 93 -5.39 -43.59 0.99
CA GLY B 93 -5.51 -42.16 1.23
C GLY B 93 -5.04 -41.83 2.62
N LEU B 94 -4.86 -40.54 2.85
CA LEU B 94 -4.44 -40.07 4.17
C LEU B 94 -5.43 -40.50 5.23
N TYR B 95 -4.92 -40.79 6.43
CA TYR B 95 -5.71 -41.30 7.56
C TYR B 95 -6.37 -42.62 7.16
N LYS B 96 -5.54 -43.58 6.74
CA LYS B 96 -6.05 -44.81 6.15
C LYS B 96 -6.63 -45.80 7.17
N ASN B 97 -6.46 -45.59 8.47
CA ASN B 97 -6.99 -46.54 9.45
C ASN B 97 -7.89 -45.93 10.50
N THR B 98 -7.91 -44.61 10.65
CA THR B 98 -8.83 -43.96 11.57
C THR B 98 -10.16 -43.60 10.90
N CYS B 99 -10.54 -44.37 9.89
CA CYS B 99 -11.81 -44.18 9.19
C CYS B 99 -12.76 -45.26 9.66
N VAL B 100 -13.94 -44.84 10.11
CA VAL B 100 -14.87 -45.77 10.75
C VAL B 100 -15.58 -46.61 9.71
N GLY B 101 -16.46 -46.00 8.93
CA GLY B 101 -17.27 -46.76 8.01
C GLY B 101 -18.73 -46.74 8.42
N SER B 102 -19.60 -46.33 7.51
CA SER B 102 -21.03 -46.24 7.81
C SER B 102 -21.70 -47.58 7.54
N ASP B 103 -22.74 -47.86 8.33
CA ASP B 103 -23.56 -49.03 8.04
C ASP B 103 -24.56 -48.77 6.91
N ASN B 104 -24.94 -47.52 6.69
CA ASN B 104 -25.86 -47.17 5.62
C ASN B 104 -25.08 -46.54 4.46
N VAL B 105 -24.35 -47.40 3.75
CA VAL B 105 -23.73 -46.99 2.49
C VAL B 105 -24.59 -47.45 1.31
N THR B 106 -25.40 -48.49 1.49
CA THR B 106 -26.34 -48.90 0.45
C THR B 106 -27.26 -47.74 0.05
N ASP B 107 -27.71 -46.96 1.03
CA ASP B 107 -28.52 -45.79 0.72
C ASP B 107 -27.73 -44.76 -0.06
N PHE B 108 -26.47 -44.55 0.31
CA PHE B 108 -25.64 -43.56 -0.36
C PHE B 108 -25.42 -43.90 -1.83
N ASN B 109 -25.31 -45.19 -2.14
CA ASN B 109 -25.07 -45.59 -3.53
C ASN B 109 -26.26 -45.24 -4.42
N ALA B 110 -27.47 -45.56 -3.97
CA ALA B 110 -28.65 -45.27 -4.79
C ALA B 110 -28.86 -43.77 -4.95
N ILE B 111 -28.67 -43.02 -3.87
CA ILE B 111 -28.84 -41.57 -3.94
C ILE B 111 -27.82 -40.95 -4.89
N ALA B 112 -26.57 -41.39 -4.80
CA ALA B 112 -25.50 -40.79 -5.59
C ALA B 112 -25.56 -41.17 -7.07
N THR B 113 -26.23 -42.28 -7.41
CA THR B 113 -26.26 -42.78 -8.77
C THR B 113 -27.61 -42.64 -9.48
N CYS B 114 -28.68 -42.31 -8.77
CA CYS B 114 -30.00 -42.26 -9.39
C CYS B 114 -30.15 -41.01 -10.25
N ASP B 115 -31.00 -41.12 -11.28
CA ASP B 115 -31.29 -40.01 -12.19
C ASP B 115 -32.43 -39.13 -11.73
N TRP B 116 -33.04 -39.44 -10.59
CA TRP B 116 -34.14 -38.65 -10.03
C TRP B 116 -35.34 -38.61 -10.97
N THR B 117 -35.59 -39.70 -11.69
CA THR B 117 -36.75 -39.82 -12.54
C THR B 117 -37.82 -40.74 -11.96
N ASN B 118 -37.54 -41.43 -10.85
CA ASN B 118 -38.48 -42.32 -10.20
C ASN B 118 -38.87 -41.78 -8.83
N ALA B 119 -40.08 -42.10 -8.41
CA ALA B 119 -40.55 -41.65 -7.11
C ALA B 119 -39.74 -42.27 -5.98
N GLY B 120 -39.22 -43.49 -6.19
CA GLY B 120 -38.42 -44.12 -5.15
C GLY B 120 -37.14 -43.36 -4.86
N ASP B 121 -36.62 -42.63 -5.85
CA ASP B 121 -35.45 -41.81 -5.61
C ASP B 121 -35.76 -40.69 -4.62
N TYR B 122 -36.99 -40.17 -4.65
CA TYR B 122 -37.38 -39.14 -3.70
C TYR B 122 -37.82 -39.73 -2.37
N ILE B 123 -38.35 -40.95 -2.40
CA ILE B 123 -38.68 -41.65 -1.15
C ILE B 123 -37.42 -41.93 -0.35
N LEU B 124 -36.39 -42.45 -1.02
CA LEU B 124 -35.13 -42.72 -0.33
C LEU B 124 -34.49 -41.42 0.15
N ALA B 125 -34.67 -40.33 -0.58
CA ALA B 125 -34.08 -39.05 -0.22
C ALA B 125 -34.73 -38.43 1.00
N ASN B 126 -35.79 -39.03 1.52
CA ASN B 126 -36.47 -38.50 2.68
C ASN B 126 -36.56 -39.48 3.85
N THR B 127 -36.32 -40.77 3.62
CA THR B 127 -36.38 -41.77 4.68
C THR B 127 -35.02 -42.24 5.13
N CYS B 128 -33.95 -41.63 4.62
CA CYS B 128 -32.59 -42.01 4.99
C CYS B 128 -32.19 -41.29 6.27
N THR B 129 -30.90 -41.33 6.60
CA THR B 129 -30.42 -40.60 7.76
C THR B 129 -30.39 -39.11 7.46
N GLU B 130 -30.25 -38.32 8.52
CA GLU B 130 -30.27 -36.87 8.35
C GLU B 130 -29.10 -36.39 7.51
N ARG B 131 -27.92 -36.97 7.71
CA ARG B 131 -26.76 -36.56 6.93
C ARG B 131 -26.96 -36.83 5.44
N LEU B 132 -27.70 -37.89 5.11
CA LEU B 132 -28.00 -38.21 3.71
C LEU B 132 -29.11 -37.34 3.15
N LYS B 133 -30.08 -36.94 3.97
CA LYS B 133 -31.12 -36.03 3.48
C LYS B 133 -30.50 -34.76 2.91
N LEU B 134 -29.52 -34.20 3.61
CA LEU B 134 -28.82 -33.03 3.09
C LEU B 134 -28.07 -33.37 1.80
N PHE B 135 -27.38 -34.51 1.77
CA PHE B 135 -26.68 -34.92 0.56
C PHE B 135 -27.66 -35.14 -0.58
N ALA B 136 -28.78 -35.80 -0.31
CA ALA B 136 -29.75 -36.07 -1.36
C ALA B 136 -30.36 -34.77 -1.89
N ALA B 137 -30.65 -33.83 -0.98
CA ALA B 137 -31.16 -32.53 -1.41
C ALA B 137 -30.12 -31.78 -2.23
N GLU B 138 -28.86 -31.88 -1.84
CA GLU B 138 -27.78 -31.28 -2.63
C GLU B 138 -27.67 -31.93 -3.99
N THR B 139 -27.69 -33.26 -4.02
CA THR B 139 -27.55 -33.98 -5.29
C THR B 139 -28.75 -33.75 -6.19
N LEU B 140 -29.95 -33.68 -5.61
CA LEU B 140 -31.15 -33.45 -6.42
C LEU B 140 -31.14 -32.06 -7.04
N LYS B 141 -30.91 -31.02 -6.23
CA LYS B 141 -30.95 -29.68 -6.77
C LYS B 141 -29.81 -29.44 -7.74
N ALA B 142 -28.63 -29.99 -7.46
CA ALA B 142 -27.51 -29.86 -8.39
C ALA B 142 -27.81 -30.58 -9.70
N THR B 143 -28.42 -31.77 -9.62
CA THR B 143 -28.86 -32.47 -10.83
C THR B 143 -29.84 -31.63 -11.61
N GLU B 144 -30.79 -31.00 -10.91
CA GLU B 144 -31.80 -30.20 -11.60
C GLU B 144 -31.18 -29.02 -12.33
N GLU B 145 -30.25 -28.31 -11.68
CA GLU B 145 -29.61 -27.18 -12.32
C GLU B 145 -28.69 -27.63 -13.45
N THR B 146 -28.05 -28.80 -13.30
CA THR B 146 -27.19 -29.32 -14.36
C THR B 146 -28.02 -29.74 -15.57
N PHE B 147 -29.24 -30.24 -15.35
CA PHE B 147 -30.10 -30.65 -16.45
C PHE B 147 -30.63 -29.46 -17.23
N LYS B 148 -30.54 -28.25 -16.68
CA LYS B 148 -30.94 -27.06 -17.43
C LYS B 148 -29.91 -26.66 -18.46
N LEU B 149 -28.65 -27.06 -18.26
CA LEU B 149 -27.58 -26.74 -19.19
C LEU B 149 -27.45 -27.73 -20.33
N SER B 150 -28.12 -28.89 -20.24
CA SER B 150 -28.07 -29.86 -21.34
C SER B 150 -28.95 -29.46 -22.50
N TYR B 151 -29.90 -28.56 -22.29
CA TYR B 151 -30.77 -28.10 -23.36
C TYR B 151 -30.06 -27.06 -24.22
N GLY B 152 -30.50 -26.98 -25.48
CA GLY B 152 -29.88 -26.09 -26.43
C GLY B 152 -30.52 -24.73 -26.46
N ILE B 153 -29.82 -23.79 -27.09
CA ILE B 153 -30.32 -22.43 -27.23
C ILE B 153 -31.52 -22.43 -28.16
N ALA B 154 -32.49 -21.56 -27.88
CA ALA B 154 -33.63 -21.33 -28.75
C ALA B 154 -33.59 -19.89 -29.23
N THR B 155 -33.58 -19.70 -30.55
CA THR B 155 -33.51 -18.37 -31.14
C THR B 155 -34.79 -18.04 -31.90
N VAL B 156 -35.11 -16.75 -31.92
CA VAL B 156 -36.29 -16.23 -32.60
C VAL B 156 -35.98 -16.11 -34.08
N ARG B 157 -36.65 -16.94 -34.90
CA ARG B 157 -36.54 -16.79 -36.34
C ARG B 157 -37.62 -15.87 -36.90
N GLU B 158 -38.80 -15.84 -36.29
CA GLU B 158 -39.90 -15.02 -36.78
C GLU B 158 -40.73 -14.51 -35.60
N VAL B 159 -41.11 -13.24 -35.67
CA VAL B 159 -41.92 -12.57 -34.66
C VAL B 159 -43.32 -12.40 -35.25
N LEU B 160 -44.26 -13.24 -34.81
CA LEU B 160 -45.60 -13.19 -35.36
C LEU B 160 -46.39 -11.99 -34.85
N SER B 161 -46.27 -11.70 -33.56
CA SER B 161 -47.08 -10.68 -32.89
C SER B 161 -46.47 -10.35 -31.54
N ASP B 162 -47.31 -9.95 -30.59
CA ASP B 162 -46.82 -9.69 -29.23
C ASP B 162 -47.21 -10.81 -28.30
N ARG B 163 -47.53 -11.99 -28.86
CA ARG B 163 -47.77 -13.16 -28.03
C ARG B 163 -47.42 -14.47 -28.74
N GLU B 164 -46.76 -14.43 -29.90
CA GLU B 164 -46.43 -15.65 -30.63
C GLU B 164 -45.08 -15.54 -31.34
N LEU B 165 -44.35 -16.65 -31.38
CA LEU B 165 -43.03 -16.72 -32.00
C LEU B 165 -42.88 -18.01 -32.79
N HIS B 166 -41.89 -18.03 -33.67
CA HIS B 166 -41.33 -19.25 -34.26
C HIS B 166 -39.90 -19.39 -33.78
N LEU B 167 -39.58 -20.52 -33.14
CA LEU B 167 -38.27 -20.74 -32.57
C LEU B 167 -37.43 -21.70 -33.39
N SER B 168 -36.11 -21.51 -33.33
CA SER B 168 -35.12 -22.43 -33.87
C SER B 168 -34.21 -22.89 -32.75
N TRP B 169 -33.87 -24.18 -32.74
CA TRP B 169 -33.23 -24.80 -31.60
C TRP B 169 -31.79 -25.20 -31.95
N GLU B 170 -30.92 -25.18 -30.94
CA GLU B 170 -29.55 -25.63 -31.09
C GLU B 170 -29.49 -27.06 -31.61
N VAL B 171 -28.50 -27.34 -32.46
CA VAL B 171 -28.29 -28.68 -33.00
C VAL B 171 -27.37 -29.46 -32.06
N GLY B 172 -27.65 -30.76 -31.92
CA GLY B 172 -26.86 -31.62 -31.08
C GLY B 172 -27.18 -31.56 -29.60
N LYS B 173 -28.18 -30.79 -29.21
CA LYS B 173 -28.57 -30.59 -27.83
C LYS B 173 -30.09 -30.67 -27.76
N PRO B 174 -30.64 -31.33 -26.76
CA PRO B 174 -32.10 -31.52 -26.71
C PRO B 174 -32.82 -30.21 -26.45
N ARG B 175 -34.15 -30.27 -26.58
CA ARG B 175 -35.05 -29.13 -26.46
C ARG B 175 -35.78 -29.14 -25.12
N PRO B 176 -35.88 -27.97 -24.48
CA PRO B 176 -36.55 -27.93 -23.18
C PRO B 176 -38.05 -28.13 -23.32
N PRO B 177 -38.71 -28.63 -22.29
CA PRO B 177 -40.17 -28.77 -22.33
C PRO B 177 -40.85 -27.41 -22.35
N LEU B 178 -41.87 -27.27 -23.20
CA LEU B 178 -42.54 -25.99 -23.39
C LEU B 178 -43.79 -25.92 -22.52
N ASN B 179 -43.66 -25.32 -21.34
CA ASN B 179 -44.78 -25.06 -20.46
C ASN B 179 -44.37 -23.94 -19.49
N ARG B 180 -45.33 -23.52 -18.65
CA ARG B 180 -45.10 -22.40 -17.76
C ARG B 180 -44.11 -22.69 -16.63
N ASN B 181 -43.87 -23.97 -16.29
CA ASN B 181 -42.95 -24.26 -15.20
C ASN B 181 -41.52 -23.85 -15.53
N TYR B 182 -41.10 -24.01 -16.78
CA TYR B 182 -39.74 -23.64 -17.17
C TYR B 182 -39.69 -22.17 -17.58
N VAL B 183 -38.90 -21.39 -16.86
CA VAL B 183 -38.77 -19.95 -17.10
C VAL B 183 -37.46 -19.71 -17.84
N PHE B 184 -37.54 -19.04 -18.98
CA PHE B 184 -36.38 -18.73 -19.80
C PHE B 184 -35.94 -17.29 -19.58
N THR B 185 -34.72 -16.98 -20.04
CA THR B 185 -34.19 -15.63 -20.03
C THR B 185 -33.74 -15.26 -21.43
N GLY B 186 -34.19 -14.11 -21.92
CA GLY B 186 -33.85 -13.67 -23.26
C GLY B 186 -32.62 -12.80 -23.32
N TYR B 187 -31.89 -12.90 -24.42
CA TYR B 187 -30.67 -12.13 -24.64
C TYR B 187 -30.67 -11.54 -26.04
N ARG B 188 -30.16 -10.31 -26.17
CA ARG B 188 -29.97 -9.63 -27.44
C ARG B 188 -28.48 -9.56 -27.75
N VAL B 189 -28.12 -9.91 -28.99
CA VAL B 189 -26.71 -9.89 -29.37
C VAL B 189 -26.28 -8.44 -29.55
N THR B 190 -25.28 -8.02 -28.78
CA THR B 190 -24.78 -6.65 -28.78
C THR B 190 -23.50 -6.58 -29.61
N LYS B 191 -22.69 -5.54 -29.38
CA LYS B 191 -21.49 -5.33 -30.20
C LYS B 191 -20.58 -6.55 -30.15
N ASN B 192 -20.07 -6.88 -28.96
CA ASN B 192 -19.28 -8.08 -28.79
C ASN B 192 -19.62 -8.75 -27.47
N SER B 193 -20.92 -8.79 -27.15
CA SER B 193 -21.38 -9.41 -25.90
C SER B 193 -22.87 -9.70 -26.05
N LYS B 194 -23.60 -9.63 -24.94
CA LYS B 194 -25.00 -10.00 -24.90
C LYS B 194 -25.68 -9.21 -23.78
N VAL B 195 -26.93 -8.82 -23.99
CA VAL B 195 -27.65 -8.02 -23.01
C VAL B 195 -28.99 -8.71 -22.72
N GLN B 196 -29.36 -8.73 -21.46
CA GLN B 196 -30.55 -9.45 -21.01
C GLN B 196 -31.82 -8.74 -21.45
N ILE B 197 -32.83 -9.53 -21.84
CA ILE B 197 -34.10 -8.97 -22.29
C ILE B 197 -35.16 -9.12 -21.21
N GLY B 198 -35.03 -10.16 -20.38
CA GLY B 198 -35.91 -10.35 -19.26
C GLY B 198 -36.18 -11.81 -19.04
N GLU B 199 -37.37 -12.13 -18.56
CA GLU B 199 -37.77 -13.51 -18.34
C GLU B 199 -39.02 -13.80 -19.15
N TYR B 200 -39.10 -15.00 -19.70
CA TYR B 200 -40.16 -15.38 -20.61
C TYR B 200 -40.63 -16.79 -20.28
N THR B 201 -41.89 -17.07 -20.66
CA THR B 201 -42.47 -18.40 -20.55
C THR B 201 -43.13 -18.75 -21.87
N PHE B 202 -43.06 -20.02 -22.26
CA PHE B 202 -43.56 -20.45 -23.54
C PHE B 202 -44.51 -21.62 -23.39
N GLU B 203 -45.54 -21.63 -24.24
CA GLU B 203 -46.42 -22.77 -24.47
C GLU B 203 -46.66 -22.87 -25.97
N LYS B 204 -47.00 -24.06 -26.43
CA LYS B 204 -47.32 -24.25 -27.83
C LYS B 204 -48.82 -24.08 -28.02
N GLY B 205 -49.20 -23.27 -28.99
CA GLY B 205 -50.60 -22.98 -29.25
C GLY B 205 -50.81 -21.78 -30.17
N ALA B 210 -44.80 -22.34 -33.95
CA ALA B 210 -45.67 -21.31 -33.39
C ALA B 210 -45.88 -21.53 -31.90
N VAL B 211 -45.26 -20.68 -31.08
CA VAL B 211 -45.32 -20.79 -29.63
C VAL B 211 -45.82 -19.49 -29.05
N VAL B 212 -46.61 -19.57 -27.98
CA VAL B 212 -47.14 -18.39 -27.30
C VAL B 212 -46.18 -17.99 -26.19
N TYR B 213 -46.01 -16.70 -25.98
CA TYR B 213 -45.04 -16.21 -25.02
C TYR B 213 -45.58 -15.03 -24.23
N ARG B 214 -45.06 -14.89 -23.01
CA ARG B 214 -45.31 -13.74 -22.17
C ARG B 214 -44.00 -13.34 -21.52
N GLY B 215 -43.76 -12.02 -21.46
CA GLY B 215 -42.49 -11.52 -20.96
C GLY B 215 -42.67 -10.52 -19.83
N THR B 216 -41.58 -10.34 -19.09
CA THR B 216 -41.54 -9.34 -18.02
C THR B 216 -41.46 -7.93 -18.58
N THR B 217 -40.99 -7.77 -19.81
CA THR B 217 -40.91 -6.48 -20.46
C THR B 217 -41.82 -6.44 -21.69
N THR B 218 -42.14 -5.23 -22.11
CA THR B 218 -42.90 -4.97 -23.32
C THR B 218 -41.93 -4.47 -24.38
N TYR B 219 -41.04 -5.37 -24.78
CA TYR B 219 -39.99 -5.12 -25.75
C TYR B 219 -40.30 -5.91 -27.01
N LYS B 220 -40.08 -5.29 -28.16
CA LYS B 220 -40.35 -5.93 -29.45
C LYS B 220 -39.12 -6.75 -29.83
N LEU B 221 -39.06 -7.94 -29.24
CA LEU B 221 -37.92 -8.81 -29.47
C LEU B 221 -37.80 -9.10 -30.96
N ASN B 222 -36.56 -9.07 -31.46
CA ASN B 222 -36.30 -9.18 -32.88
C ASN B 222 -35.68 -10.53 -33.20
N VAL B 223 -35.43 -10.74 -34.49
CA VAL B 223 -34.83 -11.99 -34.95
C VAL B 223 -33.37 -12.01 -34.53
N GLY B 224 -32.92 -13.15 -34.03
CA GLY B 224 -31.59 -13.27 -33.50
C GLY B 224 -31.53 -13.30 -31.99
N ASP B 225 -32.59 -12.85 -31.32
CA ASP B 225 -32.66 -12.95 -29.86
C ASP B 225 -32.85 -14.40 -29.47
N TYR B 226 -32.29 -14.78 -28.32
CA TYR B 226 -32.28 -16.18 -27.91
C TYR B 226 -32.62 -16.30 -26.42
N PHE B 227 -33.03 -17.51 -26.04
CA PHE B 227 -33.47 -17.81 -24.69
C PHE B 227 -32.77 -19.08 -24.20
N VAL B 228 -32.28 -19.03 -22.95
CA VAL B 228 -31.70 -20.20 -22.30
C VAL B 228 -32.16 -20.24 -20.85
N LEU B 229 -32.38 -21.46 -20.34
CA LEU B 229 -32.71 -21.65 -18.94
C LEU B 229 -31.56 -21.23 -18.03
N THR B 230 -31.85 -20.36 -17.06
CA THR B 230 -30.86 -19.92 -16.09
C THR B 230 -30.55 -20.99 -15.05
N SER B 231 -29.27 -21.33 -14.90
CA SER B 231 -28.81 -22.29 -13.90
C SER B 231 -28.03 -21.59 -12.80
N HIS B 232 -28.22 -22.05 -11.56
CA HIS B 232 -27.56 -21.48 -10.40
C HIS B 232 -26.64 -22.52 -9.76
N THR B 233 -25.62 -22.04 -9.07
CA THR B 233 -24.73 -22.95 -8.33
C THR B 233 -25.44 -23.43 -7.06
N VAL B 234 -25.33 -24.72 -6.79
CA VAL B 234 -25.93 -25.32 -5.60
C VAL B 234 -24.89 -25.32 -4.49
N MET B 235 -25.22 -24.68 -3.39
CA MET B 235 -24.29 -24.49 -2.27
C MET B 235 -24.42 -25.63 -1.28
N PRO B 236 -23.34 -25.95 -0.55
CA PRO B 236 -23.41 -27.05 0.42
C PRO B 236 -24.29 -26.73 1.62
N LEU B 237 -25.03 -27.74 2.06
CA LEU B 237 -25.94 -27.64 3.19
C LEU B 237 -25.22 -28.05 4.47
N SER B 238 -25.43 -27.28 5.54
CA SER B 238 -24.80 -27.55 6.83
C SER B 238 -25.80 -27.97 7.89
N ALA B 239 -26.81 -27.15 8.15
CA ALA B 239 -27.79 -27.45 9.19
C ALA B 239 -28.75 -28.54 8.72
N PRO B 240 -29.36 -29.27 9.67
CA PRO B 240 -30.27 -30.35 9.28
C PRO B 240 -31.61 -29.82 8.83
N THR B 241 -32.42 -30.71 8.24
CA THR B 241 -33.76 -30.31 7.81
C THR B 241 -34.60 -29.92 9.01
N LEU B 242 -34.47 -30.65 10.12
CA LEU B 242 -35.16 -30.34 11.35
C LEU B 242 -34.16 -30.34 12.48
N VAL B 243 -34.24 -29.32 13.34
CA VAL B 243 -33.36 -29.23 14.50
C VAL B 243 -33.76 -30.34 15.47
N PRO B 244 -32.88 -30.76 16.37
CA PRO B 244 -33.27 -31.75 17.37
C PRO B 244 -34.40 -31.23 18.21
N GLN B 245 -35.41 -32.08 18.41
CA GLN B 245 -36.61 -31.66 19.12
C GLN B 245 -36.30 -31.54 20.61
N GLU B 246 -36.48 -30.35 21.15
CA GLU B 246 -36.34 -30.10 22.59
C GLU B 246 -37.73 -29.81 23.15
N HIS B 247 -38.11 -30.55 24.18
CA HIS B 247 -39.39 -30.33 24.85
C HIS B 247 -39.16 -29.52 26.12
N TYR B 248 -40.02 -28.53 26.33
CA TYR B 248 -39.92 -27.67 27.50
C TYR B 248 -41.10 -27.92 28.42
N VAL B 249 -40.95 -27.46 29.66
CA VAL B 249 -41.98 -27.62 30.68
C VAL B 249 -42.71 -26.32 30.98
N ARG B 250 -42.09 -25.17 30.75
CA ARG B 250 -42.75 -23.86 30.72
C ARG B 250 -42.34 -23.12 29.45
N ILE B 251 -42.88 -21.93 29.26
CA ILE B 251 -42.61 -21.13 28.06
C ILE B 251 -41.24 -20.48 28.15
N THR B 252 -40.47 -20.59 27.06
CA THR B 252 -39.10 -20.08 26.97
C THR B 252 -39.00 -18.95 25.96
N GLY B 253 -38.35 -17.85 26.37
CA GLY B 253 -38.08 -16.73 25.50
C GLY B 253 -39.27 -15.86 25.17
N LEU B 254 -40.48 -16.27 25.55
CA LEU B 254 -41.71 -15.59 25.18
C LEU B 254 -42.49 -15.21 26.43
N TYR B 255 -43.12 -14.03 26.38
CA TYR B 255 -43.93 -13.54 27.49
C TYR B 255 -45.36 -13.36 27.01
N PRO B 256 -46.28 -14.27 27.33
CA PRO B 256 -47.65 -14.13 26.79
C PRO B 256 -48.36 -12.92 27.38
N THR B 257 -49.17 -12.28 26.55
CA THR B 257 -50.01 -11.18 26.98
C THR B 257 -51.32 -11.74 27.51
N LEU B 258 -52.03 -10.94 28.31
CA LEU B 258 -53.36 -11.39 28.73
C LEU B 258 -54.44 -10.97 27.74
N ASN B 259 -54.37 -9.76 27.20
CA ASN B 259 -55.45 -9.28 26.33
C ASN B 259 -55.15 -9.70 24.90
N ILE B 260 -56.05 -10.51 24.36
CA ILE B 260 -56.00 -10.95 22.99
C ILE B 260 -57.43 -10.87 22.46
N SER B 261 -57.56 -10.71 21.15
CA SER B 261 -58.88 -10.55 20.58
C SER B 261 -59.64 -11.88 20.57
N ASP B 262 -60.97 -11.79 20.49
CA ASP B 262 -61.79 -12.99 20.46
C ASP B 262 -61.56 -13.78 19.18
N GLU B 263 -60.94 -13.16 18.18
CA GLU B 263 -60.58 -13.86 16.95
C GLU B 263 -59.48 -14.87 17.22
N PHE B 264 -58.46 -14.46 17.95
CA PHE B 264 -57.35 -15.33 18.31
C PHE B 264 -57.53 -15.95 19.70
N SER B 265 -58.73 -15.85 20.26
CA SER B 265 -58.99 -16.47 21.56
C SER B 265 -59.07 -17.98 21.42
N SER B 266 -59.43 -18.47 20.24
CA SER B 266 -59.56 -19.89 19.97
C SER B 266 -58.22 -20.57 19.70
N ASN B 267 -57.14 -19.81 19.57
CA ASN B 267 -55.82 -20.37 19.27
C ASN B 267 -54.89 -20.30 20.47
N VAL B 268 -55.37 -19.90 21.64
CA VAL B 268 -54.48 -19.73 22.78
C VAL B 268 -53.92 -21.06 23.23
N ALA B 269 -54.70 -22.14 23.09
CA ALA B 269 -54.18 -23.47 23.37
C ALA B 269 -53.04 -23.80 22.42
N ASN B 270 -53.21 -23.48 21.13
CA ASN B 270 -52.16 -23.77 20.16
C ASN B 270 -50.97 -22.83 20.33
N TYR B 271 -51.23 -21.56 20.68
CA TYR B 271 -50.13 -20.61 20.89
C TYR B 271 -49.27 -21.04 22.06
N GLN B 272 -49.89 -21.61 23.10
CA GLN B 272 -49.11 -22.19 24.19
C GLN B 272 -48.25 -23.33 23.69
N LYS B 273 -48.78 -24.17 22.80
CA LYS B 273 -48.02 -25.28 22.24
C LYS B 273 -46.79 -24.81 21.48
N VAL B 274 -46.88 -23.66 20.81
CA VAL B 274 -45.73 -23.11 20.09
C VAL B 274 -44.58 -22.84 21.04
N GLY B 275 -44.86 -22.25 22.19
CA GLY B 275 -43.83 -21.91 23.14
C GLY B 275 -43.38 -23.02 24.06
N MET B 276 -43.87 -24.25 23.89
CA MET B 276 -43.53 -25.36 24.78
C MET B 276 -42.56 -26.37 24.16
N GLN B 277 -42.06 -26.10 22.95
CA GLN B 277 -41.13 -27.02 22.30
C GLN B 277 -40.30 -26.26 21.27
N LYS B 278 -39.20 -26.92 20.88
CA LYS B 278 -38.26 -26.34 19.93
C LYS B 278 -38.94 -26.08 18.59
N TYR B 279 -39.56 -27.10 18.01
CA TYR B 279 -40.28 -26.91 16.76
C TYR B 279 -41.63 -27.59 16.83
N SER B 280 -42.62 -26.98 16.19
CA SER B 280 -44.00 -27.46 16.25
C SER B 280 -44.62 -27.39 14.86
N THR B 281 -45.37 -28.43 14.51
CA THR B 281 -45.98 -28.54 13.19
C THR B 281 -47.48 -28.35 13.31
N LEU B 282 -48.03 -27.40 12.55
CA LEU B 282 -49.46 -27.13 12.51
C LEU B 282 -49.98 -27.41 11.11
N GLN B 283 -50.93 -28.35 11.00
CA GLN B 283 -51.60 -28.61 9.73
C GLN B 283 -52.91 -27.82 9.65
N GLY B 284 -53.13 -27.17 8.50
CA GLY B 284 -54.36 -26.47 8.29
C GLY B 284 -54.94 -26.69 6.91
N PRO B 285 -56.11 -27.29 6.86
CA PRO B 285 -56.82 -27.49 5.58
C PRO B 285 -57.28 -26.17 4.99
N PRO B 286 -57.85 -26.18 3.78
CA PRO B 286 -58.25 -24.90 3.16
C PRO B 286 -59.33 -24.20 3.95
N GLY B 287 -59.17 -22.89 4.09
CA GLY B 287 -60.17 -22.08 4.78
C GLY B 287 -60.23 -22.29 6.26
N THR B 288 -59.12 -22.70 6.89
CA THR B 288 -59.10 -22.96 8.32
C THR B 288 -58.36 -21.90 9.11
N GLY B 289 -57.77 -20.89 8.46
CA GLY B 289 -57.16 -19.78 9.14
C GLY B 289 -55.66 -19.86 9.36
N LYS B 290 -54.91 -20.46 8.43
CA LYS B 290 -53.47 -20.60 8.61
C LYS B 290 -52.78 -19.24 8.68
N SER B 291 -53.08 -18.35 7.75
CA SER B 291 -52.51 -17.01 7.81
C SER B 291 -53.05 -16.24 9.00
N HIS B 292 -54.32 -16.48 9.36
CA HIS B 292 -54.88 -15.91 10.57
C HIS B 292 -54.20 -16.46 11.81
N PHE B 293 -53.85 -17.73 11.81
CA PHE B 293 -53.16 -18.32 12.95
C PHE B 293 -51.78 -17.74 13.14
N ALA B 294 -51.07 -17.49 12.03
CA ALA B 294 -49.68 -17.07 12.13
C ALA B 294 -49.55 -15.66 12.71
N ILE B 295 -50.45 -14.76 12.31
CA ILE B 295 -50.35 -13.39 12.78
C ILE B 295 -50.85 -13.25 14.21
N GLY B 296 -51.77 -14.13 14.63
CA GLY B 296 -52.18 -14.14 16.02
C GLY B 296 -51.10 -14.62 16.96
N LEU B 297 -50.15 -15.41 16.46
CA LEU B 297 -49.00 -15.79 17.28
C LEU B 297 -48.19 -14.57 17.68
N ALA B 298 -48.12 -13.57 16.79
CA ALA B 298 -47.44 -12.32 17.11
C ALA B 298 -48.18 -11.58 18.21
N LEU B 299 -49.52 -11.66 18.21
CA LEU B 299 -50.31 -10.97 19.22
C LEU B 299 -50.30 -11.69 20.55
N TYR B 300 -50.08 -13.01 20.55
CA TYR B 300 -49.96 -13.72 21.82
C TYR B 300 -48.57 -13.53 22.42
N TYR B 301 -47.56 -13.30 21.58
CA TYR B 301 -46.21 -12.98 22.03
C TYR B 301 -45.84 -11.63 21.44
N PRO B 302 -46.38 -10.53 21.98
CA PRO B 302 -46.11 -9.22 21.38
C PRO B 302 -44.65 -8.80 21.49
N SER B 303 -43.94 -9.28 22.50
CA SER B 303 -42.52 -8.96 22.65
C SER B 303 -41.62 -9.77 21.72
N ALA B 304 -42.11 -10.90 21.22
CA ALA B 304 -41.29 -11.77 20.39
C ALA B 304 -41.06 -11.16 19.01
N ARG B 305 -39.91 -11.49 18.43
CA ARG B 305 -39.58 -11.07 17.08
C ARG B 305 -39.76 -12.29 16.18
N ILE B 306 -40.65 -12.19 15.21
CA ILE B 306 -41.03 -13.32 14.37
C ILE B 306 -40.60 -13.05 12.93
N VAL B 307 -40.05 -14.08 12.30
CA VAL B 307 -39.67 -14.04 10.89
C VAL B 307 -40.63 -14.96 10.14
N TYR B 308 -41.43 -14.37 9.26
CA TYR B 308 -42.41 -15.11 8.48
C TYR B 308 -41.80 -15.42 7.12
N THR B 309 -41.72 -16.70 6.78
CA THR B 309 -41.08 -17.09 5.53
C THR B 309 -41.86 -18.20 4.86
N ALA B 310 -41.68 -18.30 3.55
CA ALA B 310 -42.28 -19.34 2.74
C ALA B 310 -41.47 -19.50 1.46
N CYS B 311 -41.82 -20.50 0.67
CA CYS B 311 -41.05 -20.80 -0.53
C CYS B 311 -41.47 -19.98 -1.76
N SER B 312 -42.66 -19.40 -1.75
CA SER B 312 -43.15 -18.63 -2.88
C SER B 312 -43.39 -17.19 -2.45
N HIS B 313 -43.17 -16.26 -3.38
CA HIS B 313 -43.43 -14.85 -3.09
C HIS B 313 -44.91 -14.59 -2.82
N ALA B 314 -45.79 -15.39 -3.44
CA ALA B 314 -47.22 -15.25 -3.21
C ALA B 314 -47.58 -15.56 -1.76
N ALA B 315 -47.05 -16.67 -1.23
CA ALA B 315 -47.37 -17.06 0.14
C ALA B 315 -46.84 -16.04 1.14
N VAL B 316 -45.69 -15.43 0.85
CA VAL B 316 -45.19 -14.38 1.72
C VAL B 316 -46.09 -13.16 1.65
N ASP B 317 -46.63 -12.88 0.45
CA ASP B 317 -47.56 -11.77 0.30
C ASP B 317 -48.84 -12.03 1.11
N ALA B 318 -49.31 -13.27 1.12
CA ALA B 318 -50.51 -13.62 1.89
C ALA B 318 -50.29 -13.35 3.37
N LEU B 319 -49.12 -13.70 3.90
CA LEU B 319 -48.82 -13.39 5.29
C LEU B 319 -48.73 -11.89 5.53
N CYS B 320 -48.30 -11.14 4.52
CA CYS B 320 -48.24 -9.68 4.65
C CYS B 320 -49.64 -9.08 4.76
N GLU B 321 -50.61 -9.65 4.06
CA GLU B 321 -51.97 -9.10 4.11
C GLU B 321 -52.56 -9.18 5.51
N LYS B 322 -52.50 -10.36 6.13
CA LYS B 322 -52.99 -10.49 7.50
C LYS B 322 -52.25 -9.57 8.47
N ALA B 323 -50.93 -9.43 8.31
CA ALA B 323 -50.18 -8.55 9.19
C ALA B 323 -50.62 -7.10 9.01
N LEU B 324 -50.92 -6.71 7.76
CA LEU B 324 -51.48 -5.39 7.50
C LEU B 324 -52.75 -5.18 8.32
N LYS B 325 -53.58 -6.22 8.41
CA LYS B 325 -54.86 -6.10 9.10
C LYS B 325 -54.70 -6.02 10.62
N TYR B 326 -53.70 -6.68 11.20
CA TYR B 326 -53.64 -6.85 12.65
C TYR B 326 -52.39 -6.35 13.36
N LEU B 327 -51.34 -5.97 12.64
CA LEU B 327 -50.05 -5.63 13.24
C LEU B 327 -49.63 -4.20 12.91
N PRO B 328 -48.83 -3.59 13.77
CA PRO B 328 -48.38 -2.21 13.52
C PRO B 328 -47.54 -2.15 12.26
N ILE B 329 -48.02 -1.38 11.29
CA ILE B 329 -47.41 -1.39 9.96
C ILE B 329 -45.98 -0.90 9.99
N ASP B 330 -45.64 0.00 10.92
CA ASP B 330 -44.28 0.51 10.99
C ASP B 330 -43.34 -0.42 11.74
N LYS B 331 -43.81 -1.59 12.17
CA LYS B 331 -42.97 -2.62 12.76
C LYS B 331 -42.81 -3.83 11.85
N CYS B 332 -43.37 -3.79 10.64
CA CYS B 332 -43.30 -4.89 9.70
C CYS B 332 -42.36 -4.53 8.56
N SER B 333 -41.80 -5.56 7.92
CA SER B 333 -40.90 -5.35 6.81
C SER B 333 -40.98 -6.51 5.83
N ARG B 334 -40.85 -6.19 4.55
CA ARG B 334 -40.87 -7.17 3.47
C ARG B 334 -39.48 -7.22 2.86
N ILE B 335 -38.84 -8.38 2.96
CA ILE B 335 -37.48 -8.56 2.46
C ILE B 335 -37.58 -9.03 1.01
N ILE B 336 -37.28 -8.11 0.10
CA ILE B 336 -37.22 -8.39 -1.33
C ILE B 336 -35.75 -8.55 -1.71
N PRO B 337 -35.36 -9.58 -2.45
CA PRO B 337 -33.96 -9.75 -2.77
C PRO B 337 -33.46 -8.73 -3.77
N ALA B 338 -32.16 -8.42 -3.67
CA ALA B 338 -31.49 -7.45 -4.51
C ALA B 338 -31.87 -7.64 -5.98
N ARG B 339 -32.25 -6.53 -6.63
CA ARG B 339 -32.86 -6.57 -7.95
C ARG B 339 -34.08 -7.47 -7.91
N ALA B 340 -34.03 -8.61 -8.60
CA ALA B 340 -35.12 -9.58 -8.64
C ALA B 340 -36.45 -8.89 -8.94
N ARG B 341 -36.58 -8.50 -10.20
CA ARG B 341 -37.59 -7.54 -10.66
C ARG B 341 -38.94 -8.24 -10.81
N VAL B 342 -39.63 -8.41 -9.68
CA VAL B 342 -40.96 -9.01 -9.71
C VAL B 342 -41.86 -8.23 -8.75
N GLU B 343 -43.08 -7.93 -9.21
CA GLU B 343 -44.05 -7.19 -8.41
C GLU B 343 -44.54 -8.02 -7.22
N CYS B 344 -44.46 -7.45 -6.03
CA CYS B 344 -44.99 -8.11 -4.83
C CYS B 344 -45.55 -7.07 -3.85
N PHE B 345 -45.41 -7.32 -2.55
CA PHE B 345 -46.05 -6.52 -1.51
C PHE B 345 -45.14 -5.35 -1.12
N ASP B 346 -45.60 -4.13 -1.38
CA ASP B 346 -44.85 -2.93 -1.00
C ASP B 346 -45.73 -1.96 -0.22
N LYS B 347 -46.36 -2.44 0.85
CA LYS B 347 -46.99 -1.58 1.84
C LYS B 347 -46.19 -1.52 3.14
N PHE B 348 -45.19 -2.38 3.30
CA PHE B 348 -44.27 -2.35 4.43
C PHE B 348 -42.96 -1.71 4.02
N LYS B 349 -42.07 -1.57 5.00
CA LYS B 349 -40.72 -1.08 4.75
C LYS B 349 -39.92 -2.19 4.10
N VAL B 350 -39.23 -1.87 3.03
CA VAL B 350 -38.54 -2.88 2.23
C VAL B 350 -37.12 -3.05 2.73
N ASN B 351 -36.70 -4.30 2.95
CA ASN B 351 -35.34 -4.63 3.33
C ASN B 351 -34.88 -3.86 4.56
N SER B 352 -35.60 -4.07 5.65
CA SER B 352 -35.29 -3.54 6.98
C SER B 352 -35.05 -4.74 7.90
N THR B 353 -33.81 -5.23 7.92
CA THR B 353 -33.52 -6.50 8.59
C THR B 353 -33.79 -6.44 10.10
N LEU B 354 -33.67 -5.28 10.72
CA LEU B 354 -33.82 -5.16 12.16
C LEU B 354 -35.23 -4.72 12.54
N GLU B 355 -36.22 -5.49 12.10
CA GLU B 355 -37.60 -5.26 12.48
C GLU B 355 -38.09 -6.38 13.39
N GLN B 356 -39.17 -6.11 14.12
CA GLN B 356 -39.78 -7.16 14.92
C GLN B 356 -40.41 -8.23 14.04
N TYR B 357 -41.03 -7.81 12.94
CA TYR B 357 -41.71 -8.71 12.02
C TYR B 357 -41.04 -8.63 10.66
N VAL B 358 -40.64 -9.78 10.12
CA VAL B 358 -39.91 -9.88 8.85
C VAL B 358 -40.65 -10.85 7.95
N PHE B 359 -40.93 -10.40 6.72
CA PHE B 359 -41.65 -11.21 5.73
C PHE B 359 -40.73 -11.41 4.53
N CYS B 360 -40.29 -12.65 4.31
CA CYS B 360 -39.23 -12.89 3.35
C CYS B 360 -39.35 -14.28 2.75
N THR B 361 -38.78 -14.44 1.56
CA THR B 361 -38.73 -15.74 0.91
C THR B 361 -37.57 -16.56 1.45
N VAL B 362 -37.68 -17.89 1.33
CA VAL B 362 -36.66 -18.76 1.91
C VAL B 362 -35.29 -18.45 1.30
N ASN B 363 -35.22 -18.34 -0.02
CA ASN B 363 -33.93 -18.17 -0.68
C ASN B 363 -33.42 -16.74 -0.63
N ALA B 364 -34.20 -15.79 -0.11
CA ALA B 364 -33.75 -14.42 0.06
C ALA B 364 -33.53 -14.07 1.52
N LEU B 365 -33.55 -15.07 2.39
CA LEU B 365 -33.40 -14.85 3.82
C LEU B 365 -32.00 -14.33 4.14
N PRO B 366 -31.89 -13.37 5.04
CA PRO B 366 -30.58 -13.03 5.61
C PRO B 366 -30.36 -13.86 6.87
N GLU B 367 -29.09 -14.04 7.21
CA GLU B 367 -28.75 -14.78 8.42
C GLU B 367 -29.05 -13.91 9.62
N THR B 368 -30.01 -14.31 10.44
CA THR B 368 -30.42 -13.50 11.57
C THR B 368 -31.01 -14.39 12.65
N THR B 369 -31.15 -13.80 13.84
CA THR B 369 -31.79 -14.43 14.97
C THR B 369 -33.27 -14.08 14.98
N ALA B 370 -34.06 -14.96 15.59
CA ALA B 370 -35.47 -14.68 15.76
C ALA B 370 -35.93 -15.31 17.07
N ASP B 371 -37.08 -14.85 17.54
CA ASP B 371 -37.74 -15.52 18.65
C ASP B 371 -38.59 -16.69 18.15
N ILE B 372 -39.37 -16.45 17.11
CA ILE B 372 -40.17 -17.48 16.46
C ILE B 372 -39.93 -17.39 14.95
N VAL B 373 -39.80 -18.55 14.31
CA VAL B 373 -39.74 -18.66 12.86
C VAL B 373 -41.01 -19.36 12.40
N VAL B 374 -41.70 -18.77 11.43
CA VAL B 374 -42.93 -19.32 10.89
C VAL B 374 -42.70 -19.67 9.42
N PHE B 375 -42.91 -20.92 9.07
CA PHE B 375 -42.68 -21.45 7.73
C PHE B 375 -44.03 -21.87 7.17
N ASP B 376 -44.53 -21.13 6.18
CA ASP B 376 -45.84 -21.36 5.62
C ASP B 376 -45.70 -22.08 4.27
N GLU B 377 -46.78 -22.73 3.84
CA GLU B 377 -46.78 -23.63 2.70
C GLU B 377 -45.65 -24.66 2.83
N ILE B 378 -45.79 -25.50 3.86
CA ILE B 378 -44.75 -26.50 4.12
C ILE B 378 -44.84 -27.66 3.14
N SER B 379 -46.00 -27.86 2.50
CA SER B 379 -46.10 -28.90 1.49
C SER B 379 -45.29 -28.53 0.25
N MET B 380 -45.22 -27.24 -0.06
CA MET B 380 -44.46 -26.74 -1.20
C MET B 380 -42.98 -26.57 -0.89
N ALA B 381 -42.52 -27.00 0.27
CA ALA B 381 -41.13 -26.86 0.67
C ALA B 381 -40.33 -28.10 0.31
N THR B 382 -39.00 -27.93 0.25
CA THR B 382 -38.10 -29.04 0.02
C THR B 382 -37.11 -29.14 1.19
N ASN B 383 -36.46 -30.29 1.27
CA ASN B 383 -35.46 -30.50 2.31
C ASN B 383 -34.29 -29.54 2.19
N TYR B 384 -33.96 -29.11 0.98
CA TYR B 384 -32.95 -28.07 0.83
C TYR B 384 -33.40 -26.78 1.49
N ASP B 385 -34.67 -26.43 1.32
CA ASP B 385 -35.21 -25.21 1.92
C ASP B 385 -35.22 -25.31 3.43
N LEU B 386 -35.62 -26.46 3.97
CA LEU B 386 -35.63 -26.65 5.41
C LEU B 386 -34.23 -26.47 5.98
N SER B 387 -33.22 -27.01 5.29
CA SER B 387 -31.84 -26.83 5.76
C SER B 387 -31.44 -25.37 5.73
N VAL B 388 -31.81 -24.65 4.67
CA VAL B 388 -31.42 -23.24 4.56
C VAL B 388 -32.05 -22.42 5.67
N VAL B 389 -33.29 -22.73 6.03
CA VAL B 389 -33.97 -21.95 7.05
C VAL B 389 -33.35 -22.20 8.42
N ASN B 390 -33.12 -23.46 8.77
CA ASN B 390 -32.44 -23.75 10.03
C ASN B 390 -31.01 -23.21 10.03
N ALA B 391 -30.36 -23.21 8.87
CA ALA B 391 -29.00 -22.70 8.77
C ALA B 391 -28.95 -21.19 9.00
N ARG B 392 -29.87 -20.45 8.37
CA ARG B 392 -29.78 -19.00 8.36
C ARG B 392 -30.53 -18.36 9.51
N LEU B 393 -31.68 -18.93 9.91
CA LEU B 393 -32.50 -18.37 10.98
C LEU B 393 -32.27 -19.15 12.27
N ARG B 394 -31.57 -18.54 13.22
CA ARG B 394 -31.39 -19.13 14.54
C ARG B 394 -32.50 -18.61 15.46
N ALA B 395 -33.41 -19.49 15.85
CA ALA B 395 -34.59 -19.08 16.59
C ALA B 395 -34.80 -19.99 17.79
N LYS B 396 -35.66 -19.53 18.72
CA LYS B 396 -36.03 -20.35 19.85
C LYS B 396 -37.13 -21.34 19.49
N HIS B 397 -38.06 -20.93 18.64
CA HIS B 397 -39.18 -21.77 18.23
C HIS B 397 -39.38 -21.70 16.73
N TYR B 398 -39.66 -22.87 16.14
CA TYR B 398 -39.93 -22.99 14.72
C TYR B 398 -41.34 -23.51 14.54
N VAL B 399 -42.16 -22.77 13.82
CA VAL B 399 -43.54 -23.15 13.52
C VAL B 399 -43.62 -23.46 12.04
N TYR B 400 -43.98 -24.71 11.71
CA TYR B 400 -44.10 -25.15 10.33
C TYR B 400 -45.59 -25.30 10.02
N ILE B 401 -46.08 -24.47 9.11
CA ILE B 401 -47.51 -24.39 8.79
C ILE B 401 -47.71 -24.82 7.34
N GLY B 402 -48.70 -25.68 7.12
CA GLY B 402 -49.00 -26.14 5.79
C GLY B 402 -49.97 -27.31 5.86
N ASP B 403 -50.29 -27.83 4.69
CA ASP B 403 -51.21 -28.96 4.58
C ASP B 403 -50.60 -30.05 3.74
N PRO B 404 -50.25 -31.21 4.31
CA PRO B 404 -49.72 -32.31 3.51
C PRO B 404 -50.74 -32.88 2.52
N ALA B 405 -52.01 -32.51 2.63
CA ALA B 405 -53.02 -32.98 1.69
C ALA B 405 -53.21 -32.02 0.53
N GLN B 406 -52.34 -31.02 0.39
CA GLN B 406 -52.40 -30.10 -0.73
C GLN B 406 -51.26 -30.37 -1.71
N LEU B 407 -50.91 -29.35 -2.52
CA LEU B 407 -49.97 -29.50 -3.62
C LEU B 407 -48.53 -29.44 -3.13
N PRO B 408 -47.63 -30.28 -3.69
CA PRO B 408 -46.20 -30.20 -3.35
C PRO B 408 -45.40 -29.35 -4.31
N ALA B 409 -44.11 -29.20 -4.04
CA ALA B 409 -43.23 -28.51 -4.97
C ALA B 409 -43.06 -29.32 -6.25
N PRO B 410 -42.93 -28.64 -7.40
CA PRO B 410 -42.77 -29.35 -8.68
C PRO B 410 -41.41 -30.03 -8.77
N ARG B 411 -41.43 -31.35 -8.99
CA ARG B 411 -40.22 -32.14 -9.25
C ARG B 411 -40.09 -32.33 -10.75
N THR B 412 -39.42 -31.37 -11.41
CA THR B 412 -39.41 -31.36 -12.87
C THR B 412 -38.75 -32.60 -13.45
N LEU B 413 -37.91 -33.29 -12.68
CA LEU B 413 -37.26 -34.51 -13.13
C LEU B 413 -38.11 -35.75 -12.88
N LEU B 414 -39.16 -35.64 -12.06
CA LEU B 414 -39.97 -36.80 -11.73
C LEU B 414 -40.93 -37.11 -12.86
N THR B 415 -40.84 -38.32 -13.40
CA THR B 415 -41.64 -38.83 -14.52
C THR B 415 -42.29 -40.17 -14.20
N LYS B 416 -41.61 -41.04 -13.48
CA LYS B 416 -42.02 -42.42 -13.25
C LYS B 416 -42.44 -42.55 -11.79
N GLY B 417 -43.73 -42.73 -11.54
CA GLY B 417 -44.21 -42.90 -10.19
C GLY B 417 -44.99 -41.68 -9.71
N THR B 418 -45.54 -41.83 -8.50
CA THR B 418 -46.33 -40.79 -7.85
C THR B 418 -45.74 -40.51 -6.47
N LEU B 419 -45.43 -39.24 -6.21
CA LEU B 419 -44.81 -38.86 -4.94
C LEU B 419 -45.93 -38.63 -3.93
N GLU B 420 -45.86 -39.34 -2.82
CA GLU B 420 -46.89 -39.29 -1.79
C GLU B 420 -46.63 -38.16 -0.80
N PRO B 421 -47.64 -37.75 -0.04
CA PRO B 421 -47.44 -36.61 0.88
C PRO B 421 -46.44 -36.87 1.99
N GLU B 422 -46.25 -38.12 2.41
CA GLU B 422 -45.26 -38.37 3.46
C GLU B 422 -43.83 -38.23 2.98
N TYR B 423 -43.61 -38.13 1.67
CA TYR B 423 -42.28 -38.02 1.09
C TYR B 423 -41.99 -36.65 0.50
N PHE B 424 -42.85 -35.65 0.76
CA PHE B 424 -42.59 -34.29 0.28
C PHE B 424 -41.31 -33.72 0.89
N ASN B 425 -41.30 -33.60 2.22
CA ASN B 425 -40.16 -33.08 2.95
C ASN B 425 -40.23 -33.61 4.37
N SER B 426 -39.22 -33.29 5.18
CA SER B 426 -39.13 -33.88 6.51
C SER B 426 -40.26 -33.42 7.42
N VAL B 427 -40.79 -32.21 7.22
CA VAL B 427 -41.89 -31.76 8.05
C VAL B 427 -43.18 -32.48 7.65
N CYS B 428 -43.40 -32.66 6.36
CA CYS B 428 -44.56 -33.46 5.93
C CYS B 428 -44.38 -34.92 6.30
N ARG B 429 -43.13 -35.37 6.44
CA ARG B 429 -42.86 -36.73 6.87
C ARG B 429 -43.41 -36.96 8.27
N LEU B 430 -43.20 -36.00 9.18
CA LEU B 430 -43.75 -36.14 10.52
C LEU B 430 -45.27 -36.07 10.53
N MET B 431 -45.85 -35.14 9.77
CA MET B 431 -47.30 -34.96 9.81
C MET B 431 -48.03 -36.20 9.33
N LYS B 432 -47.41 -36.98 8.44
CA LYS B 432 -48.07 -38.16 7.90
C LYS B 432 -47.74 -39.43 8.67
N THR B 433 -46.78 -39.36 9.61
CA THR B 433 -46.38 -40.52 10.40
C THR B 433 -46.79 -40.39 11.87
N ILE B 434 -46.29 -39.37 12.58
CA ILE B 434 -46.63 -39.16 13.99
C ILE B 434 -47.73 -38.13 14.19
N GLY B 435 -48.20 -37.50 13.12
CA GLY B 435 -49.26 -36.54 13.20
C GLY B 435 -48.77 -35.13 13.41
N PRO B 436 -49.64 -34.15 13.18
CA PRO B 436 -49.28 -32.76 13.42
C PRO B 436 -49.42 -32.41 14.89
N ASP B 437 -48.54 -31.50 15.34
CA ASP B 437 -48.63 -31.02 16.71
C ASP B 437 -49.91 -30.21 16.93
N MET B 438 -50.32 -29.45 15.91
CA MET B 438 -51.52 -28.65 15.94
C MET B 438 -52.32 -28.86 14.67
N PHE B 439 -53.61 -28.53 14.75
CA PHE B 439 -54.53 -28.82 13.65
C PHE B 439 -55.66 -27.81 13.68
N LEU B 440 -55.98 -27.26 12.51
CA LEU B 440 -57.10 -26.34 12.37
C LEU B 440 -58.27 -27.09 11.75
N GLY B 441 -59.31 -27.33 12.54
CA GLY B 441 -60.37 -28.23 12.14
C GLY B 441 -61.67 -27.57 11.74
N THR B 442 -61.64 -26.26 11.45
CA THR B 442 -62.84 -25.53 11.08
C THR B 442 -62.65 -24.90 9.72
N CYS B 443 -63.37 -25.40 8.72
CA CYS B 443 -63.31 -24.80 7.39
C CYS B 443 -64.29 -23.62 7.34
N ARG B 444 -63.76 -22.41 7.24
CA ARG B 444 -64.54 -21.18 7.32
C ARG B 444 -64.80 -20.57 5.96
N ARG B 445 -64.69 -21.34 4.91
CA ARG B 445 -64.81 -20.82 3.55
C ARG B 445 -65.77 -21.61 2.69
N CYS B 446 -65.73 -22.91 2.76
CA CYS B 446 -66.44 -23.71 1.79
C CYS B 446 -67.76 -24.22 2.38
N PRO B 447 -68.70 -24.53 1.49
CA PRO B 447 -69.97 -25.12 1.95
C PRO B 447 -69.78 -26.50 2.57
N ALA B 448 -70.81 -26.95 3.26
CA ALA B 448 -70.74 -28.21 3.99
C ALA B 448 -70.58 -29.41 3.06
N GLU B 449 -71.16 -29.35 1.86
CA GLU B 449 -71.02 -30.46 0.92
C GLU B 449 -69.56 -30.65 0.51
N ILE B 450 -68.87 -29.55 0.22
CA ILE B 450 -67.46 -29.62 -0.15
C ILE B 450 -66.61 -30.07 1.03
N VAL B 451 -66.86 -29.48 2.21
CA VAL B 451 -66.02 -29.79 3.37
C VAL B 451 -66.18 -31.24 3.77
N ASP B 452 -67.41 -31.75 3.80
CA ASP B 452 -67.63 -33.15 4.14
C ASP B 452 -66.93 -34.08 3.14
N THR B 453 -66.90 -33.69 1.86
CA THR B 453 -66.22 -34.50 0.85
C THR B 453 -64.73 -34.60 1.15
N VAL B 454 -64.06 -33.46 1.33
CA VAL B 454 -62.63 -33.47 1.57
C VAL B 454 -62.32 -34.02 2.96
N SER B 455 -63.26 -33.89 3.90
CA SER B 455 -63.00 -34.40 5.24
C SER B 455 -62.86 -35.92 5.22
N ALA B 456 -63.73 -36.61 4.47
CA ALA B 456 -63.65 -38.06 4.35
C ALA B 456 -62.65 -38.51 3.30
N LEU B 457 -62.13 -37.59 2.50
CA LEU B 457 -61.20 -37.91 1.44
C LEU B 457 -59.76 -37.94 1.92
N VAL B 458 -59.30 -36.90 2.62
CA VAL B 458 -57.88 -36.76 2.94
C VAL B 458 -57.60 -36.45 4.41
N TYR B 459 -58.62 -36.05 5.17
CA TYR B 459 -58.42 -35.57 6.54
C TYR B 459 -58.96 -36.54 7.59
N ASP B 460 -59.22 -37.80 7.23
CA ASP B 460 -59.56 -38.81 8.23
C ASP B 460 -60.85 -38.43 8.96
N ASN B 461 -61.76 -37.77 8.25
CA ASN B 461 -63.03 -37.33 8.82
C ASN B 461 -62.83 -36.45 10.06
N LYS B 462 -61.76 -35.65 10.04
CA LYS B 462 -61.42 -34.74 11.13
C LYS B 462 -61.66 -33.28 10.75
N LEU B 463 -62.17 -33.00 9.57
CA LEU B 463 -62.40 -31.63 9.12
C LEU B 463 -63.88 -31.30 9.23
N LYS B 464 -64.20 -30.30 10.03
CA LYS B 464 -65.58 -29.88 10.26
C LYS B 464 -65.83 -28.54 9.60
N ALA B 465 -67.07 -28.36 9.13
CA ALA B 465 -67.48 -27.15 8.42
C ALA B 465 -68.09 -26.13 9.36
N HIS B 466 -67.75 -24.86 9.15
CA HIS B 466 -68.39 -23.76 9.85
C HIS B 466 -69.62 -23.26 9.10
N LYS B 467 -69.59 -23.30 7.77
CA LYS B 467 -70.72 -22.94 6.93
C LYS B 467 -71.72 -24.09 6.83
N ASP B 468 -72.96 -23.74 6.52
CA ASP B 468 -74.02 -24.71 6.30
C ASP B 468 -73.99 -25.18 4.84
N LYS B 469 -74.75 -26.24 4.55
CA LYS B 469 -74.89 -26.69 3.18
C LYS B 469 -75.41 -25.56 2.31
N SER B 470 -74.66 -25.21 1.27
CA SER B 470 -75.10 -24.14 0.37
C SER B 470 -76.08 -24.62 -0.68
N ALA B 471 -76.18 -25.93 -0.90
CA ALA B 471 -77.06 -26.54 -1.89
C ALA B 471 -76.76 -26.09 -3.31
N GLN B 472 -75.57 -25.54 -3.54
CA GLN B 472 -75.17 -25.12 -4.87
C GLN B 472 -73.96 -25.92 -5.36
N CYS B 473 -73.72 -27.09 -4.78
CA CYS B 473 -72.59 -27.94 -5.14
C CYS B 473 -73.09 -29.11 -5.99
N PHE B 474 -72.70 -29.12 -7.27
CA PHE B 474 -73.19 -30.08 -8.24
C PHE B 474 -72.06 -30.92 -8.81
N LYS B 475 -72.41 -32.13 -9.26
CA LYS B 475 -71.47 -33.05 -9.88
C LYS B 475 -72.19 -33.75 -11.03
N MET B 476 -71.55 -33.79 -12.20
CA MET B 476 -72.07 -34.53 -13.33
C MET B 476 -71.00 -35.50 -13.83
N PHE B 477 -71.45 -36.67 -14.26
CA PHE B 477 -70.57 -37.73 -14.75
C PHE B 477 -70.63 -37.76 -16.27
N TYR B 478 -69.61 -37.20 -16.92
CA TYR B 478 -69.52 -37.19 -18.37
C TYR B 478 -68.09 -37.53 -18.77
N LYS B 479 -67.92 -38.58 -19.59
CA LYS B 479 -66.57 -38.97 -20.00
C LYS B 479 -66.03 -38.05 -21.09
N GLY B 480 -66.87 -37.71 -22.06
CA GLY B 480 -66.48 -36.83 -23.13
C GLY B 480 -65.52 -37.48 -24.12
N VAL B 481 -64.81 -36.63 -24.85
CA VAL B 481 -63.83 -37.07 -25.83
C VAL B 481 -62.53 -36.34 -25.52
N ILE B 482 -61.47 -37.10 -25.26
CA ILE B 482 -60.19 -36.56 -24.82
C ILE B 482 -59.28 -36.42 -26.03
N THR B 483 -58.82 -35.19 -26.27
CA THR B 483 -57.85 -34.88 -27.31
C THR B 483 -56.62 -34.25 -26.68
N HIS B 484 -55.47 -34.54 -27.28
CA HIS B 484 -54.16 -34.17 -26.75
C HIS B 484 -53.40 -33.32 -27.77
N ASP B 485 -52.42 -32.58 -27.27
CA ASP B 485 -51.51 -31.87 -28.18
C ASP B 485 -50.07 -32.31 -27.97
N VAL B 486 -49.40 -31.82 -26.93
CA VAL B 486 -48.02 -32.21 -26.71
C VAL B 486 -47.84 -32.47 -25.21
N SER B 487 -48.13 -31.47 -24.40
CA SER B 487 -47.93 -31.56 -22.96
C SER B 487 -49.23 -31.62 -22.17
N SER B 488 -50.31 -31.10 -22.74
CA SER B 488 -51.59 -30.99 -22.09
C SER B 488 -52.61 -31.89 -22.77
N ALA B 489 -53.87 -31.76 -22.34
CA ALA B 489 -55.02 -32.52 -22.80
C ALA B 489 -56.22 -31.59 -22.90
N ILE B 490 -57.21 -31.99 -23.71
CA ILE B 490 -58.38 -31.16 -23.99
C ILE B 490 -59.62 -32.06 -24.03
N ASN B 491 -60.72 -31.57 -23.45
CA ASN B 491 -62.02 -32.26 -23.49
C ASN B 491 -63.09 -31.25 -23.87
N ARG B 492 -63.33 -31.11 -25.18
CA ARG B 492 -64.35 -30.19 -25.70
C ARG B 492 -65.76 -30.59 -25.28
N PRO B 493 -66.15 -31.88 -25.40
CA PRO B 493 -67.51 -32.23 -24.98
C PRO B 493 -67.82 -31.89 -23.53
N GLN B 494 -66.86 -32.04 -22.63
CA GLN B 494 -67.11 -31.63 -21.25
C GLN B 494 -67.26 -30.13 -21.14
N ILE B 495 -66.53 -29.37 -21.96
CA ILE B 495 -66.75 -27.93 -22.00
C ILE B 495 -68.13 -27.62 -22.56
N GLY B 496 -68.57 -28.38 -23.56
CA GLY B 496 -69.90 -28.17 -24.12
C GLY B 496 -71.01 -28.37 -23.11
N VAL B 497 -70.79 -29.24 -22.13
CA VAL B 497 -71.77 -29.38 -21.05
C VAL B 497 -71.85 -28.10 -20.22
N VAL B 498 -70.70 -27.47 -19.97
CA VAL B 498 -70.69 -26.24 -19.19
C VAL B 498 -71.38 -25.12 -19.95
N ARG B 499 -71.11 -25.01 -21.26
CA ARG B 499 -71.76 -24.00 -22.07
C ARG B 499 -73.28 -24.19 -22.09
N GLU B 500 -73.74 -25.43 -22.22
CA GLU B 500 -75.18 -25.70 -22.14
C GLU B 500 -75.73 -25.45 -20.74
N PHE B 501 -74.96 -25.83 -19.72
CA PHE B 501 -75.30 -25.51 -18.33
C PHE B 501 -75.36 -24.01 -18.10
N LEU B 502 -74.46 -23.26 -18.71
CA LEU B 502 -74.37 -21.81 -18.47
C LEU B 502 -75.61 -21.05 -18.91
N THR B 503 -76.38 -21.57 -19.87
CA THR B 503 -77.59 -20.88 -20.29
C THR B 503 -78.64 -20.87 -19.20
N ARG B 504 -78.89 -22.04 -18.58
CA ARG B 504 -79.95 -22.13 -17.58
C ARG B 504 -79.58 -21.43 -16.27
N ASN B 505 -78.29 -21.33 -15.97
CA ASN B 505 -77.81 -20.76 -14.71
C ASN B 505 -76.93 -19.55 -14.98
N PRO B 506 -77.52 -18.36 -15.13
CA PRO B 506 -76.71 -17.16 -15.43
C PRO B 506 -75.89 -16.66 -14.26
N ALA B 507 -76.11 -17.18 -13.05
CA ALA B 507 -75.28 -16.80 -11.91
C ALA B 507 -73.93 -17.49 -11.93
N TRP B 508 -73.61 -18.21 -12.99
CA TRP B 508 -72.37 -18.97 -13.06
C TRP B 508 -71.44 -18.46 -14.14
N ARG B 509 -71.73 -17.31 -14.73
CA ARG B 509 -70.80 -16.70 -15.67
C ARG B 509 -69.89 -15.69 -14.99
N LYS B 510 -70.04 -15.54 -13.68
CA LYS B 510 -69.05 -14.92 -12.81
C LYS B 510 -68.09 -15.94 -12.23
N ALA B 511 -68.23 -17.21 -12.60
CA ALA B 511 -67.47 -18.31 -12.04
C ALA B 511 -66.08 -18.39 -12.62
N VAL B 512 -65.22 -19.17 -11.97
CA VAL B 512 -63.86 -19.42 -12.41
C VAL B 512 -63.79 -20.86 -12.92
N PHE B 513 -63.22 -21.05 -14.12
CA PHE B 513 -63.10 -22.36 -14.72
C PHE B 513 -61.78 -22.97 -14.30
N ILE B 514 -61.83 -24.12 -13.64
CA ILE B 514 -60.65 -24.81 -13.15
C ILE B 514 -60.58 -26.17 -13.82
N SER B 515 -59.38 -26.54 -14.26
CA SER B 515 -59.12 -27.86 -14.85
C SER B 515 -57.67 -28.21 -14.60
N PRO B 516 -57.34 -29.50 -14.54
CA PRO B 516 -55.93 -29.89 -14.35
C PRO B 516 -55.04 -29.50 -15.52
N TYR B 517 -55.59 -29.43 -16.73
CA TYR B 517 -54.83 -29.13 -17.93
C TYR B 517 -55.10 -27.69 -18.38
N ASN B 518 -54.03 -26.99 -18.77
CA ASN B 518 -54.18 -25.60 -19.18
C ASN B 518 -54.39 -25.42 -20.67
N SER B 519 -54.31 -26.50 -21.46
CA SER B 519 -54.87 -26.44 -22.80
C SER B 519 -56.38 -26.54 -22.75
N GLN B 520 -56.91 -27.34 -21.82
CA GLN B 520 -58.33 -27.32 -21.55
C GLN B 520 -58.77 -25.95 -21.04
N ASN B 521 -57.93 -25.32 -20.22
CA ASN B 521 -58.22 -23.95 -19.78
C ASN B 521 -58.29 -23.00 -20.96
N ALA B 522 -57.31 -23.08 -21.87
CA ALA B 522 -57.29 -22.19 -23.02
C ALA B 522 -58.51 -22.38 -23.90
N VAL B 523 -58.90 -23.64 -24.13
CA VAL B 523 -60.08 -23.89 -24.96
C VAL B 523 -61.34 -23.37 -24.27
N ALA B 524 -61.48 -23.61 -22.97
CA ALA B 524 -62.66 -23.13 -22.27
C ALA B 524 -62.64 -21.62 -22.07
N SER B 525 -61.46 -21.00 -22.07
CA SER B 525 -61.43 -19.54 -22.02
C SER B 525 -61.90 -18.94 -23.34
N LYS B 526 -61.54 -19.58 -24.45
CA LYS B 526 -61.99 -19.11 -25.75
C LYS B 526 -63.48 -19.36 -25.94
N ILE B 527 -63.97 -20.54 -25.52
CA ILE B 527 -65.37 -20.89 -25.75
C ILE B 527 -66.28 -20.28 -24.69
N LEU B 528 -65.94 -20.44 -23.41
CA LEU B 528 -66.82 -20.01 -22.33
C LEU B 528 -66.60 -18.56 -21.92
N GLY B 529 -65.38 -18.06 -22.01
CA GLY B 529 -65.11 -16.69 -21.63
C GLY B 529 -64.94 -16.45 -20.15
N LEU B 530 -64.86 -17.50 -19.34
CA LEU B 530 -64.71 -17.32 -17.90
C LEU B 530 -63.24 -17.25 -17.54
N PRO B 531 -62.90 -16.74 -16.36
CA PRO B 531 -61.49 -16.78 -15.94
C PRO B 531 -61.04 -18.21 -15.74
N THR B 532 -59.84 -18.50 -16.23
CA THR B 532 -59.29 -19.86 -16.18
C THR B 532 -58.00 -19.86 -15.37
N GLN B 533 -57.92 -20.80 -14.43
CA GLN B 533 -56.74 -21.03 -13.61
C GLN B 533 -56.64 -22.52 -13.36
N THR B 534 -55.41 -23.04 -13.34
CA THR B 534 -55.21 -24.44 -13.03
C THR B 534 -55.22 -24.66 -11.52
N VAL B 535 -55.36 -25.92 -11.13
CA VAL B 535 -55.34 -26.27 -9.72
C VAL B 535 -54.05 -25.82 -9.07
N ASP B 536 -52.92 -26.02 -9.77
CA ASP B 536 -51.65 -25.53 -9.26
C ASP B 536 -51.68 -24.01 -9.05
N SER B 537 -52.24 -23.28 -10.03
CA SER B 537 -52.24 -21.82 -9.97
C SER B 537 -53.37 -21.27 -9.11
N SER B 538 -54.29 -22.11 -8.66
CA SER B 538 -55.39 -21.64 -7.82
C SER B 538 -55.11 -21.82 -6.34
N GLN B 539 -54.00 -22.45 -5.96
CA GLN B 539 -53.69 -22.68 -4.57
C GLN B 539 -53.51 -21.34 -3.86
N GLY B 540 -54.13 -21.21 -2.70
CA GLY B 540 -54.13 -19.94 -1.97
C GLY B 540 -55.09 -18.91 -2.49
N SER B 541 -56.03 -19.29 -3.36
CA SER B 541 -57.01 -18.37 -3.90
C SER B 541 -58.41 -18.94 -3.66
N GLU B 542 -59.40 -18.06 -3.60
CA GLU B 542 -60.77 -18.47 -3.34
C GLU B 542 -61.72 -17.70 -4.25
N TYR B 543 -62.74 -18.39 -4.75
CA TYR B 543 -63.69 -17.83 -5.70
C TYR B 543 -65.08 -18.23 -5.26
N ASP B 544 -66.06 -17.34 -5.46
CA ASP B 544 -67.43 -17.65 -5.04
C ASP B 544 -67.97 -18.86 -5.78
N TYR B 545 -67.92 -18.84 -7.10
CA TYR B 545 -68.40 -19.95 -7.93
C TYR B 545 -67.23 -20.52 -8.73
N VAL B 546 -67.11 -21.84 -8.72
CA VAL B 546 -66.04 -22.57 -9.40
C VAL B 546 -66.64 -23.64 -10.29
N ILE B 547 -66.18 -23.72 -11.53
CA ILE B 547 -66.55 -24.80 -12.43
C ILE B 547 -65.30 -25.62 -12.72
N PHE B 548 -65.39 -26.92 -12.48
CA PHE B 548 -64.25 -27.83 -12.60
C PHE B 548 -64.62 -28.97 -13.54
N THR B 549 -63.79 -29.17 -14.56
CA THR B 549 -63.91 -30.29 -15.48
C THR B 549 -62.68 -31.17 -15.32
N GLN B 550 -62.90 -32.43 -14.97
CA GLN B 550 -61.79 -33.34 -14.71
C GLN B 550 -61.03 -33.69 -15.98
N THR B 551 -61.66 -33.51 -17.15
CA THR B 551 -61.02 -33.65 -18.44
C THR B 551 -60.64 -35.10 -18.74
N THR B 552 -59.73 -35.66 -17.95
CA THR B 552 -59.20 -36.98 -18.19
C THR B 552 -59.28 -37.82 -16.92
N GLU B 553 -59.16 -39.13 -17.10
CA GLU B 553 -59.09 -40.08 -16.00
C GLU B 553 -57.66 -40.48 -15.66
N THR B 554 -56.70 -39.62 -15.97
CA THR B 554 -55.29 -39.92 -15.68
C THR B 554 -54.98 -39.78 -14.19
N ALA B 555 -53.85 -40.35 -13.79
CA ALA B 555 -53.40 -40.23 -12.41
C ALA B 555 -53.12 -38.78 -12.04
N HIS B 556 -52.79 -37.95 -13.02
CA HIS B 556 -52.62 -36.53 -12.76
C HIS B 556 -53.92 -35.89 -12.30
N SER B 557 -55.00 -36.11 -13.06
CA SER B 557 -56.28 -35.50 -12.74
C SER B 557 -56.97 -36.18 -11.57
N CYS B 558 -56.66 -37.44 -11.28
CA CYS B 558 -57.31 -38.16 -10.19
C CYS B 558 -56.50 -38.13 -8.91
N ASN B 559 -55.44 -37.33 -8.85
CA ASN B 559 -54.70 -37.18 -7.60
C ASN B 559 -55.56 -36.51 -6.55
N VAL B 560 -55.68 -37.15 -5.39
CA VAL B 560 -56.60 -36.65 -4.37
C VAL B 560 -56.13 -35.31 -3.82
N ASN B 561 -54.83 -35.14 -3.61
CA ASN B 561 -54.32 -33.85 -3.14
C ASN B 561 -54.64 -32.75 -4.14
N ARG B 562 -54.30 -32.97 -5.41
CA ARG B 562 -54.66 -32.01 -6.44
C ARG B 562 -56.17 -31.80 -6.49
N PHE B 563 -56.94 -32.88 -6.37
CA PHE B 563 -58.40 -32.77 -6.38
C PHE B 563 -58.92 -32.06 -5.13
N ASN B 564 -58.28 -32.31 -3.99
CA ASN B 564 -58.61 -31.56 -2.77
C ASN B 564 -58.52 -30.07 -3.01
N VAL B 565 -57.41 -29.63 -3.63
CA VAL B 565 -57.18 -28.19 -3.82
C VAL B 565 -58.24 -27.60 -4.73
N ALA B 566 -58.59 -28.31 -5.80
CA ALA B 566 -59.46 -27.74 -6.83
C ALA B 566 -60.86 -27.46 -6.29
N ILE B 567 -61.46 -28.41 -5.60
CA ILE B 567 -62.84 -28.22 -5.16
C ILE B 567 -62.93 -27.36 -3.91
N THR B 568 -61.83 -27.20 -3.17
CA THR B 568 -61.82 -26.32 -2.01
C THR B 568 -61.56 -24.87 -2.38
N ARG B 569 -61.62 -24.53 -3.67
CA ARG B 569 -61.50 -23.13 -4.07
C ARG B 569 -62.80 -22.37 -3.99
N ALA B 570 -63.93 -23.07 -3.95
CA ALA B 570 -65.25 -22.44 -4.03
C ALA B 570 -65.75 -22.02 -2.66
N LYS B 571 -66.32 -20.81 -2.59
CA LYS B 571 -66.92 -20.30 -1.37
C LYS B 571 -68.43 -20.48 -1.34
N VAL B 572 -69.07 -20.53 -2.51
CA VAL B 572 -70.53 -20.63 -2.60
C VAL B 572 -70.91 -21.93 -3.30
N GLY B 573 -70.74 -21.97 -4.61
CA GLY B 573 -71.12 -23.14 -5.38
C GLY B 573 -69.98 -23.64 -6.25
N ILE B 574 -70.07 -24.91 -6.62
CA ILE B 574 -69.09 -25.53 -7.50
C ILE B 574 -69.81 -26.52 -8.41
N LEU B 575 -69.35 -26.61 -9.66
CA LEU B 575 -69.83 -27.58 -10.62
C LEU B 575 -68.66 -28.47 -11.03
N CYS B 576 -68.79 -29.77 -10.81
CA CYS B 576 -67.73 -30.71 -11.13
C CYS B 576 -68.21 -31.62 -12.26
N ILE B 577 -67.61 -31.44 -13.44
CA ILE B 577 -67.84 -32.35 -14.56
C ILE B 577 -66.77 -33.43 -14.43
N MET B 578 -67.15 -34.55 -13.82
CA MET B 578 -66.18 -35.55 -13.42
C MET B 578 -66.05 -36.61 -14.50
N SER B 579 -64.83 -37.16 -14.62
CA SER B 579 -64.53 -38.22 -15.56
C SER B 579 -64.25 -39.56 -14.88
N ASP B 580 -63.85 -39.55 -13.61
CA ASP B 580 -63.53 -40.77 -12.88
C ASP B 580 -64.68 -41.14 -11.94
N ARG B 581 -65.20 -42.36 -12.09
CA ARG B 581 -66.33 -42.80 -11.28
C ARG B 581 -65.98 -42.87 -9.80
N ASP B 582 -64.72 -43.13 -9.46
CA ASP B 582 -64.33 -43.23 -8.06
C ASP B 582 -64.52 -41.90 -7.34
N LEU B 583 -64.05 -40.79 -7.94
CA LEU B 583 -64.16 -39.49 -7.28
C LEU B 583 -65.57 -38.90 -7.40
N TYR B 584 -66.26 -39.17 -8.51
CA TYR B 584 -67.63 -38.70 -8.64
C TYR B 584 -68.52 -39.28 -7.56
N ASP B 585 -68.38 -40.58 -7.29
CA ASP B 585 -69.16 -41.21 -6.23
C ASP B 585 -68.70 -40.79 -4.85
N LYS B 586 -67.42 -40.42 -4.70
CA LYS B 586 -66.95 -39.88 -3.42
C LYS B 586 -67.34 -38.42 -3.24
N LEU B 587 -67.84 -37.77 -4.29
CA LEU B 587 -68.32 -36.40 -4.16
C LEU B 587 -69.68 -36.40 -3.49
N GLN B 588 -69.80 -35.64 -2.40
CA GLN B 588 -71.08 -35.53 -1.70
C GLN B 588 -71.86 -34.33 -2.23
N PHE B 589 -72.03 -34.29 -3.54
CA PHE B 589 -72.70 -33.19 -4.23
C PHE B 589 -74.06 -33.67 -4.73
N THR B 590 -74.76 -32.76 -5.41
CA THR B 590 -76.04 -33.07 -6.04
C THR B 590 -75.82 -33.34 -7.51
N SER B 591 -76.35 -34.45 -8.01
CA SER B 591 -76.12 -34.85 -9.39
C SER B 591 -77.06 -34.13 -10.34
N LEU B 592 -76.55 -33.76 -11.52
CA LEU B 592 -77.34 -33.09 -12.53
C LEU B 592 -77.66 -34.04 -13.67
N GLU B 593 -78.63 -33.66 -14.47
CA GLU B 593 -79.14 -34.50 -15.55
C GLU B 593 -78.62 -33.98 -16.89
N ILE B 594 -78.36 -34.92 -17.79
CA ILE B 594 -77.77 -34.57 -19.08
C ILE B 594 -78.90 -34.12 -20.02
N PRO B 595 -78.75 -32.97 -20.71
CA PRO B 595 -79.74 -32.50 -21.68
C PRO B 595 -79.60 -33.19 -23.03
N VAL C 4 35.29 35.81 14.91
CA VAL C 4 34.97 35.02 16.09
C VAL C 4 33.62 35.44 16.66
N GLY C 5 32.72 34.46 16.83
CA GLY C 5 31.39 34.71 17.33
C GLY C 5 30.79 33.50 18.03
N ALA C 6 29.47 33.50 18.20
CA ALA C 6 28.79 32.44 18.93
C ALA C 6 28.09 31.49 17.96
N CYS C 7 28.22 30.20 18.24
CA CYS C 7 27.56 29.17 17.44
C CYS C 7 26.06 29.41 17.43
N VAL C 8 25.42 29.15 16.29
CA VAL C 8 23.98 29.38 16.19
C VAL C 8 23.17 28.21 16.72
N LEU C 9 23.76 27.01 16.86
CA LEU C 9 23.08 25.87 17.45
C LEU C 9 23.54 25.55 18.86
N CYS C 10 24.73 25.99 19.25
CA CYS C 10 25.29 25.71 20.58
C CYS C 10 25.55 26.95 21.40
N ASN C 11 25.95 28.05 20.76
CA ASN C 11 26.60 29.23 21.35
C ASN C 11 28.06 28.93 21.68
N SER C 12 28.59 27.79 21.23
CA SER C 12 30.01 27.48 21.43
C SER C 12 30.86 28.39 20.54
N GLN C 13 31.79 29.11 21.16
CA GLN C 13 32.58 30.09 20.43
C GLN C 13 33.55 29.42 19.46
N THR C 14 33.63 29.98 18.25
CA THR C 14 34.51 29.51 17.18
C THR C 14 34.78 30.68 16.26
N SER C 15 35.81 30.52 15.43
CA SER C 15 36.16 31.50 14.42
C SER C 15 35.61 31.13 13.04
N LEU C 16 34.75 30.12 12.99
CA LEU C 16 34.29 29.55 11.73
C LEU C 16 32.92 30.12 11.36
N ARG C 17 32.75 30.40 10.07
CA ARG C 17 31.47 30.77 9.49
C ARG C 17 31.25 29.92 8.24
N CYS C 18 29.99 29.59 7.99
CA CYS C 18 29.65 28.86 6.77
C CYS C 18 29.57 29.84 5.61
N GLY C 19 30.47 29.68 4.62
CA GLY C 19 30.52 30.60 3.50
C GLY C 19 29.46 30.38 2.45
N ALA C 20 28.93 29.15 2.35
CA ALA C 20 27.88 28.87 1.37
C ALA C 20 26.53 29.39 1.83
N CYS C 21 26.28 29.43 3.13
CA CYS C 21 25.10 30.08 3.66
C CYS C 21 25.16 31.57 3.36
N ILE C 22 24.08 32.12 2.82
CA ILE C 22 24.07 33.51 2.37
C ILE C 22 23.94 34.47 3.54
N ARG C 23 23.98 33.93 4.76
CA ARG C 23 24.03 34.74 5.96
C ARG C 23 25.35 34.66 6.70
N ARG C 24 26.23 33.74 6.31
CA ARG C 24 27.53 33.55 6.94
C ARG C 24 27.39 33.36 8.46
N PRO C 25 26.72 32.30 8.90
CA PRO C 25 26.53 32.10 10.35
C PRO C 25 27.73 31.43 10.99
N PHE C 26 28.02 31.86 12.21
CA PHE C 26 29.06 31.21 13.00
C PHE C 26 28.65 29.78 13.32
N LEU C 27 29.57 28.83 13.13
CA LEU C 27 29.32 27.43 13.42
C LEU C 27 30.48 26.87 14.23
N CYS C 28 30.14 26.11 15.27
CA CYS C 28 31.17 25.52 16.10
C CYS C 28 31.81 24.33 15.38
N CYS C 29 32.86 23.78 15.99
CA CYS C 29 33.61 22.72 15.33
C CYS C 29 32.75 21.48 15.13
N LYS C 30 31.92 21.13 16.11
CA LYS C 30 31.04 19.97 15.96
C LYS C 30 29.92 20.27 14.95
N CYS C 31 29.26 21.42 15.09
CA CYS C 31 28.15 21.75 14.20
C CYS C 31 28.61 21.97 12.76
N CYS C 32 29.72 22.71 12.58
CA CYS C 32 30.22 22.95 11.23
C CYS C 32 30.51 21.65 10.50
N TYR C 33 31.10 20.68 11.21
CA TYR C 33 31.36 19.37 10.61
C TYR C 33 30.07 18.69 10.16
N ASP C 34 29.09 18.61 11.06
CA ASP C 34 27.82 17.96 10.72
C ASP C 34 27.09 18.68 9.59
N HIS C 35 27.34 19.98 9.43
CA HIS C 35 26.66 20.75 8.37
C HIS C 35 27.34 20.58 7.02
N VAL C 36 28.67 20.60 7.00
CA VAL C 36 29.38 20.55 5.71
C VAL C 36 29.41 19.15 5.12
N ILE C 37 29.28 18.10 5.94
CA ILE C 37 29.32 16.74 5.42
C ILE C 37 27.95 16.23 4.98
N SER C 38 26.86 16.91 5.34
CA SER C 38 25.52 16.46 5.04
C SER C 38 24.74 17.38 4.13
N THR C 39 25.32 18.49 3.69
CA THR C 39 24.69 19.42 2.77
C THR C 39 25.64 19.70 1.60
N SER C 40 25.18 20.52 0.67
CA SER C 40 26.03 20.98 -0.42
C SER C 40 26.95 22.12 -0.01
N HIS C 41 26.86 22.58 1.25
CA HIS C 41 27.68 23.68 1.72
C HIS C 41 29.04 23.14 2.14
N LYS C 42 30.10 23.57 1.46
CA LYS C 42 31.46 23.11 1.77
C LYS C 42 32.45 24.24 2.03
N LEU C 43 32.12 25.49 1.71
CA LEU C 43 33.02 26.61 1.94
C LEU C 43 32.93 27.04 3.40
N VAL C 44 34.09 27.26 4.02
CA VAL C 44 34.17 27.68 5.41
C VAL C 44 34.99 28.97 5.48
N LEU C 45 34.55 29.90 6.33
CA LEU C 45 35.19 31.20 6.47
C LEU C 45 35.68 31.31 7.91
N SER C 46 37.00 31.34 8.09
CA SER C 46 37.59 31.62 9.39
C SER C 46 38.18 33.03 9.37
N VAL C 47 39.35 33.21 9.98
CA VAL C 47 40.06 34.48 9.85
C VAL C 47 40.28 34.80 8.38
N ASN C 48 40.77 33.82 7.63
CA ASN C 48 40.82 33.81 6.18
C ASN C 48 39.96 32.67 5.65
N PRO C 49 39.36 32.83 4.48
CA PRO C 49 38.53 31.75 3.92
C PRO C 49 39.32 30.46 3.72
N TYR C 50 38.73 29.35 4.17
CA TYR C 50 39.33 28.04 3.97
C TYR C 50 39.35 27.68 2.49
N VAL C 51 40.47 27.97 1.83
CA VAL C 51 40.64 27.72 0.41
C VAL C 51 42.11 27.40 0.18
N CYS C 52 42.39 26.55 -0.80
CA CYS C 52 43.77 26.21 -1.12
C CYS C 52 44.51 27.47 -1.55
N ASN C 53 45.52 27.87 -0.77
CA ASN C 53 46.25 29.09 -1.06
C ASN C 53 47.29 28.87 -2.14
N ALA C 54 47.06 27.90 -3.02
CA ALA C 54 48.01 27.69 -4.11
C ALA C 54 47.57 28.49 -5.33
N PRO C 55 48.51 29.14 -6.00
CA PRO C 55 48.15 29.99 -7.15
C PRO C 55 47.48 29.17 -8.24
N GLY C 56 46.25 29.57 -8.59
CA GLY C 56 45.49 28.89 -9.62
C GLY C 56 44.82 27.60 -9.21
N CYS C 57 44.47 27.46 -7.93
CA CYS C 57 43.74 26.29 -7.47
C CYS C 57 42.32 26.69 -7.08
N ASP C 58 41.36 25.82 -7.40
CA ASP C 58 39.95 26.12 -7.22
C ASP C 58 39.34 25.43 -6.01
N VAL C 59 40.07 24.55 -5.35
CA VAL C 59 39.51 23.70 -4.31
C VAL C 59 39.08 24.57 -3.13
N THR C 60 37.77 24.71 -2.94
CA THR C 60 37.21 25.38 -1.78
C THR C 60 36.50 24.41 -0.84
N ASP C 61 36.22 23.20 -1.29
CA ASP C 61 35.62 22.17 -0.44
C ASP C 61 36.50 21.93 0.78
N VAL C 62 35.93 22.15 1.97
CA VAL C 62 36.70 22.00 3.20
C VAL C 62 37.02 20.55 3.47
N THR C 63 36.23 19.61 2.93
CA THR C 63 36.52 18.19 3.11
C THR C 63 37.76 17.75 2.34
N GLN C 64 38.26 18.58 1.42
CA GLN C 64 39.45 18.29 0.64
C GLN C 64 40.68 19.02 1.15
N LEU C 65 40.52 20.07 1.95
CA LEU C 65 41.61 20.95 2.32
C LEU C 65 42.34 20.46 3.56
N TYR C 66 43.61 20.86 3.67
CA TYR C 66 44.47 20.53 4.79
C TYR C 66 45.15 21.81 5.27
N LEU C 67 45.65 21.77 6.50
CA LEU C 67 46.40 22.87 7.08
C LEU C 67 47.88 22.55 7.02
N GLY C 68 48.66 23.48 6.48
CA GLY C 68 50.10 23.30 6.36
C GLY C 68 50.87 24.55 6.71
N GLY C 69 51.57 24.50 7.82
CA GLY C 69 52.24 25.68 8.34
C GLY C 69 51.23 26.71 8.81
N MET C 70 51.17 27.87 8.16
CA MET C 70 50.20 28.90 8.49
C MET C 70 49.23 29.19 7.35
N SER C 71 49.09 28.26 6.40
CA SER C 71 48.22 28.46 5.25
C SER C 71 47.49 27.17 4.95
N TYR C 72 46.48 27.26 4.08
CA TYR C 72 45.57 26.16 3.82
C TYR C 72 45.80 25.66 2.40
N TYR C 73 45.85 24.33 2.24
CA TYR C 73 46.18 23.74 0.95
C TYR C 73 45.27 22.56 0.68
N CYS C 74 45.09 22.25 -0.61
CA CYS C 74 44.31 21.09 -0.99
C CYS C 74 45.19 19.84 -0.89
N LYS C 75 44.62 18.69 -1.25
CA LYS C 75 45.36 17.44 -1.13
C LYS C 75 46.57 17.41 -2.07
N SER C 76 46.50 18.13 -3.18
CA SER C 76 47.55 18.08 -4.18
C SER C 76 48.63 19.14 -3.99
N HIS C 77 48.37 20.19 -3.22
CA HIS C 77 49.33 21.26 -3.02
C HIS C 77 49.75 21.39 -1.55
N LYS C 78 49.80 20.26 -0.81
CA LYS C 78 50.07 20.47 0.61
C LYS C 78 51.51 20.09 0.96
N PRO C 79 52.08 20.79 1.94
CA PRO C 79 53.45 20.49 2.39
C PRO C 79 53.48 19.18 3.14
N PRO C 80 54.69 18.66 3.44
CA PRO C 80 54.77 17.38 4.18
C PRO C 80 54.11 17.39 5.54
N ILE C 81 54.23 18.49 6.30
CA ILE C 81 53.63 18.58 7.63
C ILE C 81 52.26 19.23 7.46
N SER C 82 51.23 18.38 7.35
CA SER C 82 49.87 18.85 7.14
C SER C 82 48.87 17.77 7.56
N PHE C 83 47.83 18.18 8.27
CA PHE C 83 46.77 17.31 8.75
C PHE C 83 45.44 17.85 8.25
N PRO C 84 44.42 16.98 8.11
CA PRO C 84 43.14 17.46 7.58
C PRO C 84 42.47 18.48 8.49
N LEU C 85 41.83 19.47 7.86
CA LEU C 85 41.08 20.48 8.61
C LEU C 85 39.85 19.88 9.28
N CYS C 86 39.15 18.98 8.60
CA CYS C 86 37.94 18.37 9.11
C CYS C 86 38.21 16.88 9.33
N ALA C 87 38.48 16.52 10.57
CA ALA C 87 38.76 15.14 10.94
C ALA C 87 38.45 14.97 12.42
N ASN C 88 38.33 13.72 12.84
CA ASN C 88 38.06 13.30 14.21
C ASN C 88 36.65 13.67 14.66
N GLY C 89 35.83 14.28 13.79
CA GLY C 89 34.50 14.69 14.14
C GLY C 89 34.28 16.19 14.24
N GLN C 90 35.29 17.00 13.93
CA GLN C 90 35.17 18.45 14.05
C GLN C 90 35.78 19.09 12.80
N VAL C 91 35.75 20.42 12.77
CA VAL C 91 36.44 21.23 11.77
C VAL C 91 37.41 22.14 12.50
N PHE C 92 38.64 22.21 12.01
CA PHE C 92 39.67 22.97 12.70
C PHE C 92 39.31 24.45 12.81
N GLY C 93 39.51 24.99 14.01
CA GLY C 93 39.26 26.40 14.25
C GLY C 93 39.61 26.72 15.68
N LEU C 94 39.72 28.02 15.95
CA LEU C 94 40.03 28.48 17.29
C LEU C 94 38.97 28.01 18.28
N TYR C 95 39.42 27.73 19.51
CA TYR C 95 38.57 27.19 20.58
C TYR C 95 37.93 25.87 20.13
N LYS C 96 38.81 24.95 19.73
CA LYS C 96 38.41 23.63 19.26
C LYS C 96 38.00 22.70 20.38
N ASN C 97 38.01 23.16 21.64
CA ASN C 97 37.73 22.33 22.78
C ASN C 97 36.50 22.75 23.57
N THR C 98 36.02 23.99 23.39
CA THR C 98 34.79 24.47 24.02
C THR C 98 33.57 24.32 23.12
N CYS C 99 33.56 23.31 22.26
CA CYS C 99 32.44 23.08 21.35
C CYS C 99 31.60 21.94 21.87
N VAL C 100 30.31 22.21 22.11
CA VAL C 100 29.42 21.21 22.67
C VAL C 100 28.90 20.33 21.55
N GLY C 101 28.05 20.89 20.69
CA GLY C 101 27.41 20.07 19.68
C GLY C 101 25.93 19.98 19.92
N SER C 102 25.13 20.30 18.90
CA SER C 102 23.69 20.23 19.07
C SER C 102 23.21 18.81 18.82
N ASP C 103 22.16 18.43 19.53
CA ASP C 103 21.51 17.14 19.32
C ASP C 103 21.15 16.93 17.86
N ASN C 104 20.01 17.46 17.44
CA ASN C 104 19.56 17.36 16.07
C ASN C 104 19.86 18.68 15.36
N VAL C 105 20.72 18.62 14.35
CA VAL C 105 20.98 19.76 13.47
C VAL C 105 20.16 19.72 12.18
N THR C 106 19.51 18.60 11.87
CA THR C 106 18.68 18.45 10.68
C THR C 106 17.78 19.64 10.35
N ASP C 107 17.20 20.31 11.34
CA ASP C 107 16.40 21.49 11.05
C ASP C 107 17.25 22.59 10.42
N PHE C 108 18.46 22.79 10.94
CA PHE C 108 19.34 23.83 10.40
C PHE C 108 19.76 23.53 8.97
N ASN C 109 19.96 22.25 8.64
CA ASN C 109 20.39 21.89 7.29
C ASN C 109 19.32 22.23 6.26
N ALA C 110 18.07 21.89 6.55
CA ALA C 110 16.98 22.15 5.61
C ALA C 110 16.77 23.64 5.40
N ILE C 111 16.86 24.43 6.48
CA ILE C 111 16.68 25.88 6.37
C ILE C 111 17.76 26.48 5.49
N ALA C 112 19.00 26.04 5.66
CA ALA C 112 20.11 26.63 4.93
C ALA C 112 20.13 26.22 3.46
N THR C 113 19.48 25.11 3.10
CA THR C 113 19.55 24.58 1.75
C THR C 113 18.26 24.77 0.95
N CYS C 114 17.16 25.15 1.59
CA CYS C 114 15.90 25.29 0.89
C CYS C 114 15.89 26.55 0.03
N ASP C 115 15.12 26.50 -1.05
CA ASP C 115 14.96 27.62 -1.96
C ASP C 115 13.80 28.53 -1.58
N TRP C 116 13.07 28.19 -0.51
CA TRP C 116 11.94 28.99 -0.02
C TRP C 116 10.84 29.09 -1.07
N THR C 117 10.65 28.04 -1.86
CA THR C 117 9.58 27.99 -2.86
C THR C 117 8.44 27.06 -2.44
N ASN C 118 8.58 26.35 -1.34
CA ASN C 118 7.57 25.42 -0.86
C ASN C 118 6.97 25.90 0.45
N ALA C 119 5.70 25.54 0.66
CA ALA C 119 5.06 25.91 1.91
C ALA C 119 5.69 25.19 3.10
N GLY C 120 6.19 23.97 2.89
CA GLY C 120 6.81 23.22 3.96
C GLY C 120 8.08 23.88 4.50
N ASP C 121 8.76 24.66 3.67
CA ASP C 121 9.93 25.40 4.14
C ASP C 121 9.54 26.43 5.20
N TYR C 122 8.32 26.98 5.12
CA TYR C 122 7.87 27.94 6.12
C TYR C 122 7.32 27.27 7.37
N ILE C 123 6.80 26.05 7.24
CA ILE C 123 6.37 25.30 8.41
C ILE C 123 7.57 24.99 9.30
N LEU C 124 8.65 24.48 8.71
CA LEU C 124 9.85 24.23 9.51
C LEU C 124 10.47 25.52 10.00
N ALA C 125 10.39 26.59 9.22
CA ALA C 125 10.96 27.88 9.60
C ALA C 125 10.18 28.58 10.69
N ASN C 126 9.04 28.04 11.11
CA ASN C 126 8.23 28.66 12.15
C ASN C 126 7.98 27.78 13.36
N THR C 127 8.22 26.47 13.26
CA THR C 127 8.00 25.55 14.37
C THR C 127 9.31 25.11 15.03
N CYS C 128 10.43 25.70 14.64
CA CYS C 128 11.73 25.34 15.21
C CYS C 128 11.94 26.10 16.52
N THR C 129 13.18 26.10 17.02
CA THR C 129 13.51 26.82 18.24
C THR C 129 13.56 28.32 17.98
N GLU C 130 13.56 29.08 19.08
CA GLU C 130 13.64 30.53 18.97
C GLU C 130 14.94 30.97 18.33
N ARG C 131 16.06 30.33 18.71
CA ARG C 131 17.34 30.63 18.07
C ARG C 131 17.32 30.29 16.58
N LEU C 132 16.58 29.26 16.17
CA LEU C 132 16.47 28.95 14.75
C LEU C 132 15.47 29.85 14.04
N LYS C 133 14.43 30.30 14.74
CA LYS C 133 13.47 31.23 14.14
C LYS C 133 14.16 32.50 13.65
N LEU C 134 15.08 33.04 14.46
CA LEU C 134 15.81 34.24 14.04
C LEU C 134 16.66 33.96 12.81
N PHE C 135 17.34 32.81 12.77
CA PHE C 135 18.15 32.47 11.60
C PHE C 135 17.28 32.34 10.35
N ALA C 136 16.12 31.69 10.48
CA ALA C 136 15.25 31.52 9.34
C ALA C 136 14.77 32.86 8.80
N ALA C 137 14.46 33.80 9.69
CA ALA C 137 14.05 35.13 9.24
C ALA C 137 15.17 35.84 8.50
N GLU C 138 16.42 35.68 8.97
CA GLU C 138 17.56 36.26 8.24
C GLU C 138 17.77 35.58 6.89
N THR C 139 17.76 34.25 6.87
CA THR C 139 18.01 33.54 5.62
C THR C 139 16.88 33.77 4.62
N LEU C 140 15.63 33.81 5.09
CA LEU C 140 14.52 34.08 4.19
C LEU C 140 14.58 35.50 3.64
N LYS C 141 14.76 36.49 4.52
CA LYS C 141 14.81 37.88 4.08
C LYS C 141 16.01 38.14 3.19
N ALA C 142 17.16 37.54 3.52
CA ALA C 142 18.35 37.74 2.69
C ALA C 142 18.16 37.13 1.30
N THR C 143 17.55 35.94 1.24
CA THR C 143 17.26 35.36 -0.06
C THR C 143 16.32 36.25 -0.86
N GLU C 144 15.29 36.79 -0.21
CA GLU C 144 14.33 37.64 -0.90
C GLU C 144 14.99 38.92 -1.42
N GLU C 145 15.80 39.57 -0.59
CA GLU C 145 16.45 40.81 -1.01
C GLU C 145 17.52 40.53 -2.05
N THR C 146 18.21 39.38 -1.95
CA THR C 146 19.19 39.02 -2.95
C THR C 146 18.53 38.70 -4.28
N PHE C 147 17.33 38.12 -4.23
CA PHE C 147 16.61 37.76 -5.44
C PHE C 147 16.08 38.99 -6.17
N LYS C 148 16.04 40.15 -5.50
CA LYS C 148 15.66 41.39 -6.16
C LYS C 148 16.78 41.98 -7.01
N LEU C 149 18.03 41.61 -6.74
CA LEU C 149 19.14 42.14 -7.53
C LEU C 149 19.33 41.38 -8.83
N SER C 150 18.71 40.22 -8.97
CA SER C 150 18.75 39.51 -10.24
C SER C 150 17.78 40.08 -11.26
N TYR C 151 16.81 40.89 -10.81
CA TYR C 151 15.87 41.51 -11.73
C TYR C 151 16.46 42.77 -12.34
N GLY C 152 16.02 43.08 -13.57
CA GLY C 152 16.58 44.18 -14.32
C GLY C 152 15.86 45.51 -14.15
N ILE C 153 16.56 46.57 -14.56
CA ILE C 153 15.99 47.91 -14.52
C ILE C 153 14.88 48.04 -15.56
N ALA C 154 13.86 48.82 -15.25
CA ALA C 154 12.79 49.15 -16.18
C ALA C 154 12.77 50.65 -16.42
N THR C 155 12.89 51.05 -17.68
CA THR C 155 12.93 52.45 -18.07
C THR C 155 11.70 52.81 -18.89
N VAL C 156 11.28 54.08 -18.78
CA VAL C 156 10.11 54.58 -19.49
C VAL C 156 10.50 54.80 -20.96
N ARG C 157 9.92 54.01 -21.86
CA ARG C 157 10.13 54.16 -23.30
C ARG C 157 9.10 55.08 -23.95
N GLU C 158 7.83 54.95 -23.59
CA GLU C 158 6.76 55.74 -24.18
C GLU C 158 5.64 55.90 -23.16
N VAL C 159 5.01 57.07 -23.16
CA VAL C 159 3.93 57.40 -22.23
C VAL C 159 2.61 57.26 -22.94
N LEU C 160 1.85 56.21 -22.61
CA LEU C 160 0.55 55.99 -23.25
C LEU C 160 -0.47 57.00 -22.76
N SER C 161 -0.48 57.27 -21.45
CA SER C 161 -1.49 58.09 -20.80
C SER C 161 -1.02 58.46 -19.40
N ASP C 162 -1.87 58.28 -18.40
CA ASP C 162 -1.50 58.53 -17.02
C ASP C 162 -1.57 57.26 -16.18
N ARG C 163 -1.95 56.13 -16.78
CA ARG C 163 -2.05 54.88 -16.04
C ARG C 163 -1.56 53.70 -16.87
N GLU C 164 -0.93 53.96 -18.00
CA GLU C 164 -0.37 52.93 -18.86
C GLU C 164 0.94 53.46 -19.42
N LEU C 165 1.94 52.58 -19.49
CA LEU C 165 3.27 52.94 -19.97
C LEU C 165 3.81 51.82 -20.84
N HIS C 166 4.86 52.15 -21.59
CA HIS C 166 5.70 51.15 -22.23
C HIS C 166 7.05 51.17 -21.52
N LEU C 167 7.44 50.03 -20.98
CA LEU C 167 8.68 49.92 -20.24
C LEU C 167 9.73 49.20 -21.10
N SER C 168 10.98 49.55 -20.89
CA SER C 168 12.10 48.84 -21.47
C SER C 168 12.98 48.32 -20.35
N TRP C 169 13.40 47.07 -20.48
CA TRP C 169 14.06 46.32 -19.43
C TRP C 169 15.52 46.05 -19.77
N GLU C 170 16.32 45.91 -18.72
CA GLU C 170 17.72 45.54 -18.86
C GLU C 170 17.88 44.27 -19.69
N VAL C 171 18.93 44.22 -20.46
CA VAL C 171 19.27 43.03 -21.23
C VAL C 171 20.13 42.14 -20.36
N GLY C 172 19.92 40.83 -20.47
CA GLY C 172 20.71 39.88 -19.71
C GLY C 172 20.26 39.67 -18.28
N LYS C 173 19.16 40.29 -17.86
CA LYS C 173 18.64 40.16 -16.51
C LYS C 173 17.15 39.96 -16.59
N PRO C 174 16.59 39.01 -15.83
CA PRO C 174 15.15 38.75 -15.92
C PRO C 174 14.34 39.87 -15.30
N ARG C 175 13.02 39.79 -15.52
CA ARG C 175 12.07 40.79 -15.08
C ARG C 175 11.28 40.30 -13.87
N PRO C 176 11.05 41.16 -12.89
CA PRO C 176 10.23 40.76 -11.75
C PRO C 176 8.79 40.60 -12.17
N PRO C 177 8.01 39.77 -11.47
CA PRO C 177 6.58 39.68 -11.79
C PRO C 177 5.91 41.01 -11.49
N LEU C 178 5.07 41.46 -12.42
CA LEU C 178 4.45 42.78 -12.33
C LEU C 178 3.06 42.62 -11.71
N ASN C 179 2.99 42.87 -10.41
CA ASN C 179 1.75 42.85 -9.65
C ASN C 179 1.96 43.74 -8.42
N ARG C 180 0.91 43.87 -7.61
CA ARG C 180 0.94 44.80 -6.49
C ARG C 180 1.93 44.41 -5.41
N ASN C 181 2.35 43.14 -5.35
CA ASN C 181 3.28 42.73 -4.30
C ASN C 181 4.66 43.36 -4.47
N TYR C 182 5.14 43.46 -5.70
CA TYR C 182 6.46 44.02 -5.96
C TYR C 182 6.33 45.52 -6.13
N VAL C 183 6.95 46.27 -5.21
CA VAL C 183 6.86 47.73 -5.21
C VAL C 183 8.19 48.28 -5.72
N PHE C 184 8.13 49.16 -6.70
CA PHE C 184 9.31 49.76 -7.30
C PHE C 184 9.57 51.14 -6.71
N THR C 185 10.76 51.65 -7.00
CA THR C 185 11.10 53.04 -6.69
C THR C 185 11.59 53.69 -7.97
N GLY C 186 11.02 54.85 -8.28
CA GLY C 186 11.36 55.55 -9.49
C GLY C 186 12.49 56.53 -9.26
N TYR C 187 13.28 56.74 -10.31
CA TYR C 187 14.42 57.64 -10.25
C TYR C 187 14.35 58.55 -11.46
N ARG C 188 14.74 59.81 -11.27
CA ARG C 188 14.78 60.77 -12.37
C ARG C 188 16.22 60.99 -12.79
N VAL C 189 16.47 60.88 -14.09
CA VAL C 189 17.81 61.07 -14.61
C VAL C 189 18.09 62.57 -14.60
N THR C 190 19.08 62.99 -13.83
CA THR C 190 19.38 64.40 -13.68
C THR C 190 20.60 64.75 -14.53
N LYS C 191 21.24 65.87 -14.22
CA LYS C 191 22.41 66.28 -14.98
C LYS C 191 23.51 65.24 -14.88
N ASN C 192 23.99 64.98 -13.66
CA ASN C 192 24.99 63.94 -13.43
C ASN C 192 24.70 63.18 -12.13
N SER C 193 23.44 62.84 -11.87
CA SER C 193 23.13 62.07 -10.67
C SER C 193 21.75 61.42 -10.84
N LYS C 194 21.08 61.16 -9.71
CA LYS C 194 19.80 60.49 -9.69
C LYS C 194 19.07 60.89 -8.42
N VAL C 195 17.77 61.14 -8.55
CA VAL C 195 16.93 61.57 -7.45
C VAL C 195 15.65 60.75 -7.46
N GLN C 196 15.15 60.39 -6.28
CA GLN C 196 13.96 59.57 -6.21
C GLN C 196 12.74 60.38 -6.64
N ILE C 197 11.88 59.75 -7.43
CA ILE C 197 10.66 60.37 -7.89
C ILE C 197 9.43 59.80 -7.18
N GLY C 198 9.54 58.63 -6.57
CA GLY C 198 8.50 58.06 -5.73
C GLY C 198 8.53 56.55 -5.78
N GLU C 199 7.35 55.95 -5.60
CA GLU C 199 7.17 54.50 -5.59
C GLU C 199 6.11 54.12 -6.60
N TYR C 200 6.29 52.97 -7.26
CA TYR C 200 5.41 52.59 -8.35
C TYR C 200 5.10 51.11 -8.32
N THR C 201 3.94 50.74 -8.86
CA THR C 201 3.53 49.36 -9.04
C THR C 201 2.93 49.20 -10.43
N PHE C 202 3.15 48.02 -11.03
CA PHE C 202 2.77 47.78 -12.42
C PHE C 202 1.97 46.49 -12.57
N GLU C 203 1.00 46.50 -13.49
CA GLU C 203 0.36 45.29 -13.99
C GLU C 203 0.09 45.45 -15.49
N LYS C 204 0.05 44.32 -16.20
CA LYS C 204 -0.25 44.28 -17.63
C LYS C 204 -1.71 43.97 -17.89
N GLY C 205 -2.33 44.74 -18.77
CA GLY C 205 -3.73 44.54 -19.10
C GLY C 205 -3.99 44.36 -20.58
N ALA C 210 3.83 46.88 -22.43
CA ALA C 210 2.64 47.67 -22.13
C ALA C 210 2.06 47.28 -20.77
N VAL C 211 2.24 48.15 -19.78
CA VAL C 211 1.82 47.88 -18.41
C VAL C 211 0.97 49.02 -17.87
N VAL C 212 0.01 48.67 -17.03
CA VAL C 212 -0.85 49.62 -16.32
C VAL C 212 -0.16 49.91 -14.99
N TYR C 213 -0.22 51.16 -14.50
CA TYR C 213 0.53 51.48 -13.30
C TYR C 213 -0.27 52.39 -12.37
N ARG C 214 0.11 52.32 -11.09
CA ARG C 214 -0.35 53.24 -10.06
C ARG C 214 0.86 53.59 -9.20
N GLY C 215 0.94 54.85 -8.77
CA GLY C 215 2.10 55.29 -8.03
C GLY C 215 1.78 55.85 -6.66
N THR C 216 2.76 55.87 -5.75
CA THR C 216 2.52 56.42 -4.42
C THR C 216 2.47 57.94 -4.42
N THR C 217 3.25 58.60 -5.27
CA THR C 217 3.21 60.05 -5.41
C THR C 217 2.95 60.41 -6.86
N THR C 218 2.69 61.69 -7.10
CA THR C 218 2.50 62.19 -8.45
C THR C 218 3.77 62.87 -8.96
N TYR C 219 3.75 63.15 -10.27
CA TYR C 219 4.80 63.70 -11.12
C TYR C 219 4.51 63.24 -12.54
N LYS C 220 4.72 64.11 -13.53
CA LYS C 220 4.52 63.71 -14.92
C LYS C 220 5.81 63.06 -15.38
N LEU C 221 6.01 61.81 -14.97
CA LEU C 221 7.23 61.09 -15.31
C LEU C 221 7.34 60.96 -16.82
N ASN C 222 8.51 61.29 -17.35
CA ASN C 222 8.73 61.34 -18.79
C ASN C 222 9.66 60.21 -19.23
N VAL C 223 9.92 60.17 -20.54
CA VAL C 223 10.73 59.11 -21.12
C VAL C 223 12.17 59.24 -20.65
N GLY C 224 12.78 58.10 -20.32
CA GLY C 224 14.12 58.05 -19.76
C GLY C 224 14.18 57.74 -18.28
N ASP C 225 13.07 57.95 -17.57
CA ASP C 225 13.00 57.62 -16.15
C ASP C 225 12.96 56.10 -15.98
N TYR C 226 13.56 55.62 -14.89
CA TYR C 226 13.72 54.19 -14.70
C TYR C 226 13.29 53.78 -13.29
N PHE C 227 13.01 52.48 -13.15
CA PHE C 227 12.49 51.88 -11.94
C PHE C 227 13.33 50.66 -11.58
N VAL C 228 13.64 50.52 -10.29
CA VAL C 228 14.29 49.32 -9.77
C VAL C 228 13.60 48.94 -8.48
N LEU C 229 13.46 47.63 -8.24
CA LEU C 229 12.93 47.17 -6.98
C LEU C 229 13.85 47.58 -5.85
N THR C 230 13.32 48.30 -4.87
CA THR C 230 14.14 48.68 -3.72
C THR C 230 14.35 47.48 -2.81
N SER C 231 15.62 47.10 -2.63
CA SER C 231 16.00 46.06 -1.70
C SER C 231 16.77 46.71 -0.55
N HIS C 232 16.55 46.22 0.66
CA HIS C 232 17.20 46.77 1.84
C HIS C 232 18.16 45.78 2.47
N THR C 233 19.09 46.33 3.23
CA THR C 233 20.12 45.53 3.88
C THR C 233 19.51 44.69 4.99
N VAL C 234 19.97 43.45 5.10
CA VAL C 234 19.50 42.52 6.12
C VAL C 234 20.39 42.69 7.34
N MET C 235 19.80 43.06 8.45
CA MET C 235 20.55 43.31 9.67
C MET C 235 20.62 42.07 10.55
N PRO C 236 21.67 41.94 11.35
CA PRO C 236 21.77 40.78 12.25
C PRO C 236 20.72 40.87 13.35
N LEU C 237 20.08 39.74 13.63
CA LEU C 237 19.02 39.66 14.63
C LEU C 237 19.60 39.20 15.97
N SER C 238 19.24 39.91 17.04
CA SER C 238 19.70 39.55 18.38
C SER C 238 18.55 39.19 19.31
N ALA C 239 17.58 40.08 19.47
CA ALA C 239 16.46 39.91 20.39
C ALA C 239 15.45 38.89 19.88
N PRO C 240 14.67 38.28 20.76
CA PRO C 240 13.77 37.20 20.35
C PRO C 240 12.53 37.69 19.61
N THR C 241 11.83 36.73 19.01
CA THR C 241 10.55 37.01 18.36
C THR C 241 9.47 37.36 19.38
N LEU C 242 9.37 36.57 20.45
CA LEU C 242 8.43 36.82 21.53
C LEU C 242 9.14 36.62 22.86
N VAL C 243 8.94 37.54 23.79
CA VAL C 243 9.51 37.36 25.12
C VAL C 243 8.74 36.25 25.82
N PRO C 244 9.33 35.57 26.82
CA PRO C 244 8.60 34.55 27.56
C PRO C 244 7.38 35.11 28.28
N GLN C 245 6.25 34.38 28.17
CA GLN C 245 4.98 34.82 28.75
C GLN C 245 4.94 34.61 30.26
N GLU C 246 4.76 35.70 31.02
CA GLU C 246 4.49 35.63 32.45
C GLU C 246 3.08 36.12 32.70
N HIS C 247 2.30 35.37 33.46
CA HIS C 247 0.94 35.73 33.80
C HIS C 247 0.92 36.40 35.17
N TYR C 248 0.15 37.48 35.29
CA TYR C 248 0.11 38.27 36.51
C TYR C 248 -1.23 38.10 37.22
N VAL C 249 -1.21 38.45 38.51
CA VAL C 249 -2.40 38.37 39.35
C VAL C 249 -2.95 39.73 39.75
N ARG C 250 -2.12 40.77 39.76
CA ARG C 250 -2.57 42.16 39.88
C ARG C 250 -1.94 42.97 38.75
N ILE C 251 -2.31 44.25 38.70
CA ILE C 251 -1.86 45.13 37.63
C ILE C 251 -0.42 45.56 37.88
N THR C 252 0.43 45.43 36.87
CA THR C 252 1.85 45.74 36.97
C THR C 252 2.20 46.91 36.05
N GLY C 253 2.86 47.92 36.60
CA GLY C 253 3.38 49.03 35.81
C GLY C 253 2.36 50.00 35.27
N LEU C 254 1.08 49.70 35.37
CA LEU C 254 0.03 50.52 34.78
C LEU C 254 -0.89 50.98 35.90
N TYR C 255 -1.36 52.21 35.79
CA TYR C 255 -2.32 52.75 36.76
C TYR C 255 -3.60 53.11 36.02
N PRO C 256 -4.62 52.26 36.11
CA PRO C 256 -5.86 52.49 35.34
C PRO C 256 -6.60 53.72 35.79
N THR C 257 -7.36 54.29 34.86
CA THR C 257 -8.18 55.45 35.16
C THR C 257 -9.46 55.04 35.88
N LEU C 258 -10.04 56.01 36.58
CA LEU C 258 -11.33 55.84 37.21
C LEU C 258 -12.46 56.23 36.26
N ASN C 259 -12.26 57.26 35.46
CA ASN C 259 -13.27 57.76 34.55
C ASN C 259 -12.95 57.32 33.12
N ILE C 260 -13.90 56.63 32.49
CA ILE C 260 -13.80 56.20 31.11
C ILE C 260 -15.17 56.48 30.49
N SER C 261 -15.20 56.62 29.17
CA SER C 261 -16.46 56.95 28.50
C SER C 261 -17.11 55.67 27.98
N ASP C 262 -18.42 55.77 27.73
CA ASP C 262 -19.22 54.61 27.32
C ASP C 262 -18.82 54.10 25.94
N GLU C 263 -18.01 54.86 25.19
CA GLU C 263 -17.54 54.37 23.90
C GLU C 263 -16.57 53.21 24.06
N PHE C 264 -15.64 53.31 25.01
CA PHE C 264 -14.67 52.24 25.22
C PHE C 264 -15.11 51.29 26.32
N SER C 265 -16.38 51.33 26.72
CA SER C 265 -16.86 50.44 27.77
C SER C 265 -16.95 48.99 27.31
N SER C 266 -17.07 48.77 26.00
CA SER C 266 -17.15 47.40 25.49
C SER C 266 -15.79 46.72 25.43
N ASN C 267 -14.69 47.46 25.63
CA ASN C 267 -13.35 46.90 25.58
C ASN C 267 -12.65 46.89 26.94
N VAL C 268 -13.33 47.29 28.01
CA VAL C 268 -12.65 47.41 29.30
C VAL C 268 -12.25 46.05 29.85
N ALA C 269 -13.03 45.00 29.56
CA ALA C 269 -12.65 43.66 29.99
C ALA C 269 -11.35 43.24 29.33
N ASN C 270 -11.22 43.50 28.03
CA ASN C 270 -9.98 43.17 27.33
C ASN C 270 -8.84 44.09 27.74
N TYR C 271 -9.14 45.35 28.08
CA TYR C 271 -8.10 46.27 28.51
C TYR C 271 -7.39 45.78 29.77
N GLN C 272 -8.13 45.17 30.70
CA GLN C 272 -7.46 44.58 31.86
C GLN C 272 -6.52 43.45 31.47
N LYS C 273 -6.95 42.57 30.55
CA LYS C 273 -6.11 41.44 30.18
C LYS C 273 -4.75 41.91 29.66
N VAL C 274 -4.71 43.10 29.04
CA VAL C 274 -3.44 43.68 28.62
C VAL C 274 -2.54 43.85 29.84
N GLY C 275 -3.10 44.38 30.94
CA GLY C 275 -2.34 44.56 32.15
C GLY C 275 -2.24 43.33 33.03
N MET C 276 -2.80 42.20 32.60
CA MET C 276 -2.77 40.96 33.36
C MET C 276 -1.81 39.94 32.77
N GLN C 277 -1.02 40.33 31.76
CA GLN C 277 -0.07 39.44 31.11
C GLN C 277 1.08 40.25 30.55
N LYS C 278 2.19 39.57 30.30
CA LYS C 278 3.37 40.22 29.72
C LYS C 278 3.04 40.71 28.32
N TYR C 279 2.53 39.83 27.48
CA TYR C 279 2.09 40.18 26.14
C TYR C 279 0.75 39.49 25.89
N SER C 280 -0.11 40.15 25.14
CA SER C 280 -1.49 39.70 24.94
C SER C 280 -1.84 39.79 23.47
N THR C 281 -2.60 38.79 22.99
CA THR C 281 -2.96 38.67 21.60
C THR C 281 -4.43 39.02 21.42
N LEU C 282 -4.70 39.96 20.53
CA LEU C 282 -6.05 40.40 20.20
C LEU C 282 -6.37 40.06 18.75
N GLN C 283 -7.39 39.24 18.55
CA GLN C 283 -7.89 38.98 17.21
C GLN C 283 -9.02 39.95 16.94
N GLY C 284 -8.97 40.58 15.77
CA GLY C 284 -10.04 41.48 15.39
C GLY C 284 -10.43 41.28 13.96
N PRO C 285 -11.65 40.85 13.74
CA PRO C 285 -12.16 40.64 12.38
C PRO C 285 -12.29 41.95 11.63
N PRO C 286 -12.58 41.89 10.33
CA PRO C 286 -12.66 43.14 9.54
C PRO C 286 -13.80 44.03 10.02
N GLY C 287 -13.50 45.32 10.15
CA GLY C 287 -14.52 46.28 10.52
C GLY C 287 -15.02 46.15 11.93
N THR C 288 -14.19 45.66 12.85
CA THR C 288 -14.61 45.44 14.23
C THR C 288 -14.04 46.46 15.22
N GLY C 289 -13.23 47.39 14.77
CA GLY C 289 -12.75 48.46 15.63
C GLY C 289 -11.40 48.27 16.27
N LYS C 290 -10.45 47.62 15.57
CA LYS C 290 -9.13 47.40 16.16
C LYS C 290 -8.45 48.73 16.48
N SER C 291 -8.49 49.67 15.55
CA SER C 291 -7.88 50.98 15.79
C SER C 291 -8.62 51.74 16.88
N HIS C 292 -9.94 51.55 17.00
CA HIS C 292 -10.66 52.14 18.12
C HIS C 292 -10.23 51.49 19.43
N PHE C 293 -9.95 50.19 19.40
CA PHE C 293 -9.48 49.49 20.60
C PHE C 293 -8.12 49.99 21.05
N ALA C 294 -7.23 50.27 20.12
CA ALA C 294 -5.86 50.63 20.50
C ALA C 294 -5.83 51.99 21.17
N ILE C 295 -6.63 52.95 20.68
CA ILE C 295 -6.58 54.29 21.24
C ILE C 295 -7.33 54.37 22.57
N GLY C 296 -8.34 53.51 22.77
CA GLY C 296 -9.01 53.48 24.06
C GLY C 296 -8.15 52.96 25.18
N LEU C 297 -7.14 52.15 24.84
CA LEU C 297 -6.18 51.70 25.85
C LEU C 297 -5.38 52.88 26.42
N ALA C 298 -5.10 53.89 25.60
CA ALA C 298 -4.39 55.07 26.09
C ALA C 298 -5.24 55.86 27.09
N LEU C 299 -6.56 55.91 26.86
CA LEU C 299 -7.45 56.64 27.76
C LEU C 299 -7.78 55.85 29.02
N TYR C 300 -7.67 54.52 28.97
CA TYR C 300 -7.85 53.71 30.18
C TYR C 300 -6.57 53.67 31.02
N TYR C 301 -5.41 53.86 30.39
CA TYR C 301 -4.13 53.98 31.07
C TYR C 301 -3.54 55.35 30.71
N PRO C 302 -4.06 56.43 31.31
CA PRO C 302 -3.61 57.76 30.91
C PRO C 302 -2.16 58.03 31.27
N SER C 303 -1.65 57.41 32.34
CA SER C 303 -0.25 57.57 32.71
C SER C 303 0.67 56.66 31.90
N ALA C 304 0.15 55.60 31.31
CA ALA C 304 0.99 54.65 30.59
C ALA C 304 1.49 55.27 29.29
N ARG C 305 2.67 54.85 28.88
CA ARG C 305 3.30 55.35 27.66
C ARG C 305 3.19 54.29 26.57
N ILE C 306 2.59 54.65 25.44
CA ILE C 306 2.24 53.70 24.38
C ILE C 306 3.09 53.95 23.15
N VAL C 307 3.57 52.87 22.53
CA VAL C 307 4.24 52.92 21.23
C VAL C 307 3.34 52.22 20.23
N TYR C 308 2.81 52.96 19.27
CA TYR C 308 1.90 52.41 18.27
C TYR C 308 2.70 52.10 17.01
N THR C 309 2.71 50.83 16.61
CA THR C 309 3.50 50.44 15.46
C THR C 309 2.76 49.40 14.63
N ALA C 310 3.16 49.33 13.36
CA ALA C 310 2.71 48.32 12.42
C ALA C 310 3.73 48.24 11.30
N CYS C 311 3.57 47.26 10.43
CA CYS C 311 4.56 47.06 9.38
C CYS C 311 4.29 47.90 8.14
N SER C 312 3.08 48.46 8.01
CA SER C 312 2.72 49.27 6.85
C SER C 312 2.38 50.69 7.29
N HIS C 313 2.70 51.66 6.43
CA HIS C 313 2.36 53.05 6.72
C HIS C 313 0.85 53.27 6.72
N ALA C 314 0.10 52.47 5.96
CA ALA C 314 -1.35 52.60 5.97
C ALA C 314 -1.91 52.26 7.34
N ALA C 315 -1.46 51.16 7.94
CA ALA C 315 -1.96 50.77 9.25
C ALA C 315 -1.54 51.76 10.32
N VAL C 316 -0.32 52.29 10.24
CA VAL C 316 0.14 53.24 11.23
C VAL C 316 -0.59 54.57 11.10
N ASP C 317 -0.87 55.00 9.87
CA ASP C 317 -1.61 56.25 9.66
C ASP C 317 -3.04 56.14 10.18
N ALA C 318 -3.67 54.97 10.00
CA ALA C 318 -5.02 54.77 10.50
C ALA C 318 -5.09 54.98 12.01
N LEU C 319 -4.07 54.50 12.73
CA LEU C 319 -4.03 54.72 14.17
C LEU C 319 -3.89 56.19 14.51
N CYS C 320 -3.20 56.96 13.66
CA CYS C 320 -3.05 58.39 13.91
C CYS C 320 -4.37 59.12 13.75
N GLU C 321 -5.20 58.69 12.80
CA GLU C 321 -6.50 59.32 12.61
C GLU C 321 -7.39 59.11 13.83
N LYS C 322 -7.47 57.87 14.30
CA LYS C 322 -8.24 57.58 15.50
C LYS C 322 -7.72 58.36 16.70
N ALA C 323 -6.40 58.48 16.83
CA ALA C 323 -5.80 59.15 17.98
C ALA C 323 -6.11 60.65 18.00
N LEU C 324 -6.08 61.31 16.85
CA LEU C 324 -6.44 62.72 16.80
C LEU C 324 -7.83 62.95 17.39
N LYS C 325 -8.75 62.02 17.14
CA LYS C 325 -10.12 62.15 17.59
C LYS C 325 -10.22 62.05 19.11
N TYR C 326 -9.34 61.28 19.74
CA TYR C 326 -9.46 60.95 21.16
C TYR C 326 -8.25 61.31 22.02
N LEU C 327 -7.12 61.71 21.43
CA LEU C 327 -5.96 61.87 22.31
C LEU C 327 -5.38 63.27 22.27
N PRO C 328 -4.73 63.70 23.35
CA PRO C 328 -4.07 65.02 23.39
C PRO C 328 -2.89 65.07 22.44
N ILE C 329 -2.94 66.00 21.48
CA ILE C 329 -1.94 66.06 20.42
C ILE C 329 -0.55 66.36 20.95
N ASP C 330 -0.44 67.05 22.09
CA ASP C 330 0.89 67.43 22.58
C ASP C 330 1.64 66.28 23.26
N LYS C 331 1.03 65.10 23.35
CA LYS C 331 1.71 63.89 23.78
C LYS C 331 1.83 62.86 22.66
N CYS C 332 1.44 63.22 21.45
CA CYS C 332 1.48 62.29 20.33
C CYS C 332 2.67 62.63 19.45
N SER C 333 3.17 61.62 18.76
CA SER C 333 4.31 61.83 17.88
C SER C 333 4.27 60.83 16.73
N ARG C 334 4.62 61.32 15.54
CA ARG C 334 4.70 60.49 14.34
C ARG C 334 6.15 60.45 13.88
N ILE C 335 6.74 59.26 13.91
CA ILE C 335 8.12 59.09 13.46
C ILE C 335 8.05 58.77 11.97
N ILE C 336 8.41 59.76 11.16
CA ILE C 336 8.43 59.60 9.70
C ILE C 336 9.87 59.34 9.29
N PRO C 337 10.15 58.31 8.52
CA PRO C 337 11.53 58.01 8.11
C PRO C 337 12.02 58.96 7.04
N ALA C 338 13.35 59.05 6.96
CA ALA C 338 14.06 59.89 6.01
C ALA C 338 13.46 59.84 4.60
N VAL C 342 7.28 59.06 1.71
CA VAL C 342 5.92 58.68 1.36
C VAL C 342 4.90 59.61 2.01
N GLU C 343 3.87 59.97 1.24
CA GLU C 343 2.84 60.84 1.77
C GLU C 343 2.14 60.13 2.92
N CYS C 344 2.16 60.75 4.10
CA CYS C 344 1.51 60.15 5.26
C CYS C 344 0.93 61.18 6.22
N PHE C 345 0.91 60.85 7.50
CA PHE C 345 0.27 61.65 8.54
C PHE C 345 1.29 62.59 9.16
N ASP C 346 1.08 63.90 9.00
CA ASP C 346 1.99 64.91 9.57
C ASP C 346 1.18 65.97 10.35
N LYS C 347 0.37 65.52 11.31
CA LYS C 347 -0.23 66.41 12.29
C LYS C 347 0.38 66.28 13.68
N PHE C 348 1.21 65.27 13.92
CA PHE C 348 1.85 65.12 15.22
C PHE C 348 3.29 65.62 15.16
N LYS C 349 3.95 65.60 16.31
CA LYS C 349 5.35 66.02 16.40
C LYS C 349 6.25 64.92 15.85
N VAL C 350 7.20 65.32 15.02
CA VAL C 350 8.00 64.39 14.23
C VAL C 350 9.26 64.00 14.99
N ASN C 351 9.53 62.70 15.05
CA ASN C 351 10.74 62.15 15.64
C ASN C 351 10.95 62.64 17.07
N SER C 352 9.95 62.40 17.91
CA SER C 352 10.04 62.70 19.34
C SER C 352 9.88 61.39 20.09
N THR C 353 10.99 60.63 20.18
CA THR C 353 10.93 59.29 20.75
C THR C 353 10.57 59.32 22.23
N LEU C 354 10.91 60.40 22.92
CA LEU C 354 10.66 60.50 24.37
C LEU C 354 9.33 61.20 24.65
N GLU C 355 8.27 60.73 24.01
CA GLU C 355 6.90 61.18 24.22
C GLU C 355 6.04 60.07 24.84
N GLN C 356 4.86 60.50 25.32
CA GLN C 356 3.89 59.55 25.85
C GLN C 356 3.38 58.60 24.79
N TYR C 357 3.11 59.11 23.59
CA TYR C 357 2.56 58.32 22.50
C TYR C 357 3.49 58.33 21.30
N VAL C 358 3.74 57.16 20.73
CA VAL C 358 4.65 56.97 19.61
C VAL C 358 3.91 56.30 18.47
N PHE C 359 3.92 56.92 17.29
CA PHE C 359 3.33 56.36 16.07
C PHE C 359 4.46 56.19 15.08
N CYS C 360 4.81 54.94 14.80
CA CYS C 360 6.03 54.68 14.06
C CYS C 360 5.92 53.38 13.28
N THR C 361 6.68 53.29 12.21
CA THR C 361 6.77 52.07 11.41
C THR C 361 7.78 51.12 12.03
N VAL C 362 7.63 49.83 11.71
CA VAL C 362 8.55 48.83 12.24
C VAL C 362 9.98 49.16 11.86
N ASN C 363 10.19 49.59 10.62
CA ASN C 363 11.54 49.86 10.13
C ASN C 363 12.11 51.18 10.63
N ALA C 364 11.30 52.02 11.27
CA ALA C 364 11.80 53.26 11.85
C ALA C 364 11.77 53.26 13.37
N LEU C 365 11.51 52.12 13.99
CA LEU C 365 11.42 52.08 15.45
C LEU C 365 12.77 52.44 16.06
N PRO C 366 12.81 53.27 17.09
CA PRO C 366 14.03 53.41 17.89
C PRO C 366 14.03 52.50 19.11
N GLU C 367 15.24 52.20 19.58
CA GLU C 367 15.39 51.40 20.79
C GLU C 367 15.11 52.29 22.00
N THR C 368 14.01 52.03 22.68
CA THR C 368 13.57 52.85 23.81
C THR C 368 12.70 52.00 24.72
N THR C 369 12.42 52.53 25.90
CA THR C 369 11.53 51.86 26.85
C THR C 369 10.10 52.27 26.57
N ALA C 370 9.17 51.41 26.94
CA ALA C 370 7.76 51.72 26.81
C ALA C 370 7.01 51.07 27.96
N ASP C 371 5.78 51.55 28.20
CA ASP C 371 4.91 50.86 29.13
C ASP C 371 4.13 49.76 28.40
N ILE C 372 3.53 50.09 27.27
CA ILE C 372 2.80 49.13 26.43
C ILE C 372 3.23 49.32 24.99
N VAL C 373 3.39 48.20 24.28
CA VAL C 373 3.67 48.20 22.85
C VAL C 373 2.44 47.67 22.14
N VAL C 374 2.00 48.40 21.11
CA VAL C 374 0.84 48.02 20.31
C VAL C 374 1.33 47.73 18.91
N PHE C 375 1.13 46.49 18.45
CA PHE C 375 1.56 46.04 17.13
C PHE C 375 0.30 45.69 16.35
N ASP C 376 -0.01 46.52 15.36
CA ASP C 376 -1.26 46.37 14.63
C ASP C 376 -1.02 45.68 13.29
N GLU C 377 -2.07 45.06 12.77
CA GLU C 377 -2.00 44.20 11.60
C GLU C 377 -0.86 43.19 11.73
N ILE C 378 -1.05 42.28 12.69
CA ILE C 378 -0.02 41.29 12.99
C ILE C 378 0.01 40.17 11.94
N SER C 379 -1.05 40.03 11.15
CA SER C 379 -1.03 39.04 10.08
C SER C 379 -0.02 39.42 9.00
N MET C 380 0.19 40.72 8.78
CA MET C 380 1.15 41.19 7.80
C MET C 380 2.58 41.20 8.32
N ALA C 381 2.82 40.69 9.51
CA ALA C 381 4.15 40.68 10.10
C ALA C 381 4.87 39.36 9.79
N THR C 382 6.20 39.41 9.90
CA THR C 382 7.09 38.26 9.77
C THR C 382 7.92 38.12 11.03
N ASN C 383 8.60 36.96 11.16
CA ASN C 383 9.45 36.73 12.31
C ASN C 383 10.57 37.76 12.40
N TYR C 384 11.03 38.26 11.25
CA TYR C 384 12.00 39.36 11.26
C TYR C 384 11.39 40.60 11.89
N ASP C 385 10.14 40.90 11.55
CA ASP C 385 9.47 42.07 12.10
C ASP C 385 9.24 41.91 13.60
N LEU C 386 8.80 40.73 14.03
CA LEU C 386 8.59 40.49 15.45
C LEU C 386 9.89 40.63 16.23
N SER C 387 11.00 40.15 15.65
CA SER C 387 12.30 40.23 16.33
C SER C 387 12.74 41.67 16.52
N VAL C 388 12.51 42.52 15.51
CA VAL C 388 12.94 43.91 15.60
C VAL C 388 12.22 44.64 16.74
N VAL C 389 10.95 44.32 16.95
CA VAL C 389 10.17 45.04 17.95
C VAL C 389 10.67 44.72 19.36
N ASN C 390 10.91 43.45 19.66
CA ASN C 390 11.50 43.09 20.94
C ASN C 390 12.90 43.68 21.09
N ALA C 391 13.60 43.85 19.98
CA ALA C 391 14.96 44.39 20.03
C ALA C 391 14.97 45.82 20.54
N ARG C 392 14.12 46.67 19.97
CA ARG C 392 14.15 48.09 20.24
C ARG C 392 13.17 48.54 21.32
N LEU C 393 11.99 47.96 21.35
CA LEU C 393 10.97 48.40 22.30
C LEU C 393 11.00 47.46 23.50
N ARG C 394 11.61 47.92 24.58
CA ARG C 394 11.59 47.19 25.84
C ARG C 394 10.44 47.75 26.65
N ALA C 395 9.40 46.94 26.83
CA ALA C 395 8.18 47.40 27.45
C ALA C 395 7.74 46.41 28.51
N LYS C 396 6.80 46.87 29.33
CA LYS C 396 6.21 46.01 30.33
C LYS C 396 5.11 45.14 29.73
N HIS C 397 4.36 45.68 28.77
CA HIS C 397 3.23 44.99 28.17
C HIS C 397 3.30 45.10 26.64
N TYR C 398 3.01 44.00 25.95
CA TYR C 398 2.98 43.98 24.49
C TYR C 398 1.59 43.55 24.02
N VAL C 399 0.95 44.40 23.21
CA VAL C 399 -0.37 44.11 22.65
C VAL C 399 -0.22 43.89 21.15
N TYR C 400 -0.58 42.69 20.70
CA TYR C 400 -0.48 42.32 19.29
C TYR C 400 -1.89 42.26 18.72
N ILE C 401 -2.18 43.14 17.78
CA ILE C 401 -3.51 43.31 17.21
C ILE C 401 -3.48 42.90 15.75
N GLY C 402 -4.44 42.07 15.36
CA GLY C 402 -4.53 41.60 13.99
C GLY C 402 -5.55 40.47 13.91
N ASP C 403 -5.69 39.95 12.70
CA ASP C 403 -6.63 38.85 12.45
C ASP C 403 -5.92 37.74 11.68
N PRO C 404 -5.73 36.56 12.28
CA PRO C 404 -5.13 35.45 11.52
C PRO C 404 -5.98 35.00 10.34
N ALA C 405 -7.23 35.43 10.26
CA ALA C 405 -8.10 35.09 9.15
C ALA C 405 -8.07 36.12 8.04
N GLN C 406 -7.15 37.08 8.09
CA GLN C 406 -7.02 38.04 7.02
C GLN C 406 -5.74 37.74 6.23
N LEU C 407 -5.25 38.74 5.51
CA LEU C 407 -4.15 38.56 4.59
C LEU C 407 -2.81 38.59 5.31
N PRO C 408 -1.88 37.73 4.93
CA PRO C 408 -0.52 37.81 5.48
C PRO C 408 0.37 38.67 4.59
N ALA C 409 1.60 38.89 5.03
CA ALA C 409 2.55 39.60 4.19
C ALA C 409 2.91 38.74 2.99
N PRO C 410 3.15 39.36 1.83
CA PRO C 410 3.48 38.58 0.64
C PRO C 410 4.85 37.95 0.80
N ARG C 411 4.88 36.62 0.79
CA ARG C 411 6.12 35.86 0.83
C ARG C 411 6.39 35.48 -0.63
N THR C 412 7.06 36.41 -1.32
CA THR C 412 7.16 36.40 -2.78
C THR C 412 7.86 35.17 -3.34
N LEU C 413 8.66 34.47 -2.54
CA LEU C 413 9.37 33.32 -3.05
C LEU C 413 8.54 32.04 -3.02
N LEU C 414 7.43 32.04 -2.31
CA LEU C 414 6.58 30.86 -2.21
C LEU C 414 5.76 30.71 -3.48
N THR C 415 5.88 29.58 -4.14
CA THR C 415 5.20 29.29 -5.40
C THR C 415 4.38 28.00 -5.32
N LYS C 416 4.92 26.96 -4.67
CA LYS C 416 4.29 25.66 -4.66
C LYS C 416 3.76 25.42 -3.25
N GLY C 417 2.44 25.45 -3.11
CA GLY C 417 1.78 25.25 -1.83
C GLY C 417 1.13 26.53 -1.32
N THR C 418 0.37 26.36 -0.23
CA THR C 418 -0.27 27.48 0.44
C THR C 418 0.04 27.38 1.94
N LEU C 419 0.58 28.45 2.50
CA LEU C 419 0.97 28.49 3.91
C LEU C 419 -0.20 28.95 4.77
N GLU C 420 -0.44 28.23 5.87
CA GLU C 420 -1.57 28.43 6.76
C GLU C 420 -1.35 29.58 7.75
N PRO C 421 -2.42 30.09 8.36
CA PRO C 421 -2.27 31.24 9.28
C PRO C 421 -1.45 30.94 10.52
N GLU C 422 -1.38 29.68 10.94
CA GLU C 422 -0.55 29.35 12.09
C GLU C 422 0.94 29.41 11.76
N TYR C 423 1.28 29.50 10.48
CA TYR C 423 2.66 29.59 10.03
C TYR C 423 3.02 30.96 9.48
N PHE C 424 2.15 31.96 9.66
CA PHE C 424 2.49 33.32 9.26
C PHE C 424 3.70 33.82 10.05
N ASN C 425 3.55 33.86 11.37
CA ASN C 425 4.62 34.28 12.26
C ASN C 425 4.34 33.66 13.63
N SER C 426 5.27 33.86 14.56
CA SER C 426 5.15 33.21 15.86
C SER C 426 3.98 33.76 16.67
N VAL C 427 3.61 35.03 16.45
CA VAL C 427 2.49 35.61 17.16
C VAL C 427 1.17 35.02 16.68
N CYS C 428 1.03 34.85 15.37
CA CYS C 428 -0.16 34.20 14.81
C CYS C 428 -0.24 32.72 15.16
N ARG C 429 0.90 32.07 15.43
CA ARG C 429 0.87 30.66 15.80
C ARG C 429 0.09 30.45 17.08
N LEU C 430 0.25 31.34 18.05
CA LEU C 430 -0.50 31.21 19.30
C LEU C 430 -2.00 31.37 19.06
N MET C 431 -2.39 32.36 18.25
CA MET C 431 -3.81 32.60 18.02
C MET C 431 -4.48 31.41 17.34
N LYS C 432 -3.74 30.68 16.50
CA LYS C 432 -4.31 29.56 15.76
C LYS C 432 -4.14 28.21 16.45
N THR C 433 -3.40 28.15 17.56
CA THR C 433 -3.22 26.91 18.31
C THR C 433 -3.97 26.94 19.63
N ILE C 434 -3.66 27.91 20.50
CA ILE C 434 -4.32 28.03 21.79
C ILE C 434 -5.43 29.07 21.78
N GLY C 435 -5.65 29.75 20.67
CA GLY C 435 -6.72 30.72 20.55
C GLY C 435 -6.29 32.12 20.90
N PRO C 436 -7.07 33.11 20.49
CA PRO C 436 -6.73 34.51 20.82
C PRO C 436 -7.15 34.86 22.24
N ASP C 437 -6.33 35.68 22.89
CA ASP C 437 -6.64 36.11 24.25
C ASP C 437 -7.82 37.08 24.29
N MET C 438 -7.95 37.94 23.28
CA MET C 438 -9.03 38.93 23.25
C MET C 438 -9.69 38.89 21.88
N PHE C 439 -10.91 39.44 21.82
CA PHE C 439 -11.69 39.31 20.60
C PHE C 439 -12.68 40.47 20.51
N LEU C 440 -12.78 41.07 19.33
CA LEU C 440 -13.78 42.10 19.06
C LEU C 440 -14.90 41.42 18.27
N GLY C 441 -16.07 41.29 18.89
CA GLY C 441 -17.10 40.45 18.32
C GLY C 441 -18.27 41.16 17.66
N THR C 442 -18.14 42.44 17.35
CA THR C 442 -19.20 43.18 16.68
C THR C 442 -18.65 43.80 15.41
N CYS C 443 -19.10 43.28 14.26
CA CYS C 443 -18.73 43.85 12.96
C CYS C 443 -19.65 45.02 12.69
N ARG C 444 -19.10 46.22 12.68
CA ARG C 444 -19.88 47.44 12.63
C ARG C 444 -19.90 48.10 11.26
N ARG C 445 -19.62 47.33 10.20
CA ARG C 445 -19.48 47.86 8.85
C ARG C 445 -20.33 47.14 7.82
N CYS C 446 -20.39 45.81 7.88
CA CYS C 446 -21.01 45.01 6.85
C CYS C 446 -22.41 44.53 7.26
N PRO C 447 -23.28 44.24 6.30
CA PRO C 447 -24.60 43.69 6.60
C PRO C 447 -24.52 42.32 7.26
N ALA C 448 -25.68 41.87 7.76
CA ALA C 448 -25.73 40.60 8.49
C ALA C 448 -25.40 39.42 7.60
N GLU C 449 -25.73 39.49 6.31
CA GLU C 449 -25.40 38.39 5.41
C GLU C 449 -23.88 38.21 5.30
N ILE C 450 -23.15 39.31 5.24
CA ILE C 450 -21.69 39.22 5.16
C ILE C 450 -21.13 38.69 6.47
N VAL C 451 -21.56 39.25 7.60
CA VAL C 451 -20.96 38.92 8.89
C VAL C 451 -21.27 37.48 9.28
N ASP C 452 -22.52 37.05 9.12
CA ASP C 452 -22.90 35.69 9.48
C ASP C 452 -22.14 34.66 8.65
N THR C 453 -21.91 34.94 7.38
CA THR C 453 -21.15 34.01 6.56
C THR C 453 -19.72 33.86 7.08
N VAL C 454 -19.02 34.99 7.25
CA VAL C 454 -17.63 34.93 7.70
C VAL C 454 -17.55 34.50 9.15
N SER C 455 -18.61 34.73 9.93
CA SER C 455 -18.58 34.34 11.33
C SER C 455 -18.50 32.83 11.48
N ALA C 456 -19.27 32.09 10.68
CA ALA C 456 -19.23 30.64 10.68
C ALA C 456 -18.14 30.06 9.79
N LEU C 457 -17.48 30.89 8.99
CA LEU C 457 -16.46 30.37 8.06
C LEU C 457 -15.10 30.24 8.73
N VAL C 458 -14.64 31.28 9.39
CA VAL C 458 -13.27 31.30 9.92
C VAL C 458 -13.28 31.71 11.38
N TYR C 459 -14.39 32.27 11.85
CA TYR C 459 -14.43 32.80 13.20
C TYR C 459 -15.31 31.98 14.15
N ASP C 460 -15.74 30.79 13.74
CA ASP C 460 -16.44 29.85 14.62
C ASP C 460 -17.73 30.44 15.22
N ASN C 461 -18.41 31.30 14.47
CA ASN C 461 -19.64 31.96 14.93
C ASN C 461 -19.41 32.72 16.24
N LYS C 462 -18.26 33.34 16.38
CA LYS C 462 -17.96 34.17 17.53
C LYS C 462 -18.01 35.65 17.16
N LEU C 463 -18.33 35.96 15.91
CA LEU C 463 -18.49 37.31 15.41
C LEU C 463 -19.97 37.55 15.18
N LYS C 464 -20.53 38.55 15.84
CA LYS C 464 -21.93 38.88 15.70
C LYS C 464 -22.10 40.15 14.88
N ALA C 465 -23.21 40.24 14.16
CA ALA C 465 -23.45 41.33 13.23
C ALA C 465 -24.17 42.48 13.90
N HIS C 466 -23.74 43.70 13.57
CA HIS C 466 -24.44 44.91 14.02
C HIS C 466 -25.54 45.34 13.08
N LYS C 467 -25.31 45.22 11.78
CA LYS C 467 -26.35 45.55 10.83
C LYS C 467 -27.27 44.35 10.67
N ASP C 468 -28.53 44.64 10.33
CA ASP C 468 -29.42 43.54 10.00
C ASP C 468 -29.27 43.22 8.52
N LYS C 469 -29.88 42.11 8.12
CA LYS C 469 -29.82 41.65 6.74
C LYS C 469 -30.24 42.76 5.78
N SER C 470 -29.32 43.12 4.88
CA SER C 470 -29.60 44.18 3.90
C SER C 470 -30.39 43.69 2.70
N ALA C 471 -30.50 42.38 2.51
CA ALA C 471 -31.25 41.78 1.41
C ALA C 471 -30.74 42.21 0.04
N GLN C 472 -29.52 42.75 0.00
CA GLN C 472 -28.87 43.12 -1.25
C GLN C 472 -27.62 42.30 -1.48
N CYS C 473 -27.53 41.16 -0.80
CA CYS C 473 -26.39 40.25 -0.89
C CYS C 473 -26.82 39.07 -1.75
N PHE C 474 -26.27 38.98 -2.95
CA PHE C 474 -26.71 38.00 -3.93
C PHE C 474 -25.56 37.05 -4.24
N LYS C 475 -25.91 35.83 -4.65
CA LYS C 475 -24.90 34.85 -5.05
C LYS C 475 -25.42 34.06 -6.24
N MET C 476 -24.61 33.97 -7.28
CA MET C 476 -24.92 33.16 -8.45
C MET C 476 -23.78 32.17 -8.68
N PHE C 477 -24.16 30.95 -9.09
CA PHE C 477 -23.21 29.87 -9.31
C PHE C 477 -23.02 29.69 -10.82
N TYR C 478 -21.88 30.19 -11.32
CA TYR C 478 -21.54 30.06 -12.73
C TYR C 478 -20.06 29.69 -12.84
N LYS C 479 -19.77 28.59 -13.54
CA LYS C 479 -18.38 28.17 -13.73
C LYS C 479 -17.71 28.95 -14.85
N GLY C 480 -18.42 29.18 -15.96
CA GLY C 480 -17.88 29.95 -17.05
C GLY C 480 -16.83 29.20 -17.85
N VAL C 481 -15.97 29.99 -18.49
CA VAL C 481 -14.86 29.48 -19.27
C VAL C 481 -13.58 30.10 -18.72
N ILE C 482 -12.66 29.26 -18.28
CA ILE C 482 -11.44 29.71 -17.64
C ILE C 482 -10.36 29.78 -18.70
N THR C 483 -9.83 30.99 -18.92
CA THR C 483 -8.74 31.21 -19.85
C THR C 483 -7.58 31.84 -19.10
N HIS C 484 -6.36 31.51 -19.54
CA HIS C 484 -5.15 31.94 -18.87
C HIS C 484 -4.29 32.75 -19.83
N ASP C 485 -3.47 33.63 -19.28
CA ASP C 485 -2.47 34.34 -20.05
C ASP C 485 -1.11 34.08 -19.44
N VAL C 486 -0.19 35.05 -19.56
CA VAL C 486 1.17 35.00 -19.05
C VAL C 486 1.29 34.07 -17.84
N SER C 487 0.53 34.34 -16.78
CA SER C 487 0.62 33.54 -15.56
C SER C 487 -0.65 33.63 -14.70
N SER C 488 -1.64 34.41 -15.15
CA SER C 488 -2.86 34.68 -14.40
C SER C 488 -4.05 34.00 -15.08
N ALA C 489 -5.27 34.30 -14.62
CA ALA C 489 -6.47 33.69 -15.16
C ALA C 489 -7.57 34.73 -15.39
N ILE C 490 -8.48 34.41 -16.30
CA ILE C 490 -9.56 35.30 -16.74
C ILE C 490 -10.83 34.48 -16.93
N ASN C 491 -11.98 35.06 -16.57
CA ASN C 491 -13.28 34.42 -16.76
C ASN C 491 -14.24 35.40 -17.43
N ARG C 492 -14.26 35.39 -18.77
CA ARG C 492 -15.15 36.26 -19.54
C ARG C 492 -16.62 35.91 -19.34
N PRO C 493 -17.03 34.62 -19.39
CA PRO C 493 -18.47 34.33 -19.19
C PRO C 493 -19.01 34.82 -17.86
N GLN C 494 -18.23 34.76 -16.78
CA GLN C 494 -18.68 35.33 -15.52
C GLN C 494 -18.75 36.86 -15.60
N ILE C 495 -17.88 37.47 -16.40
CA ILE C 495 -17.97 38.91 -16.64
C ILE C 495 -19.24 39.24 -17.41
N GLY C 496 -19.59 38.40 -18.39
CA GLY C 496 -20.82 38.63 -19.15
C GLY C 496 -22.07 38.59 -18.29
N VAL C 497 -22.03 37.80 -17.22
CA VAL C 497 -23.14 37.80 -16.27
C VAL C 497 -23.22 39.15 -15.56
N VAL C 498 -22.06 39.74 -15.23
CA VAL C 498 -22.06 41.03 -14.54
C VAL C 498 -22.61 42.13 -15.43
N ARG C 499 -22.19 42.16 -16.69
CA ARG C 499 -22.69 43.18 -17.62
C ARG C 499 -24.19 43.08 -17.83
N GLU C 500 -24.71 41.87 -18.01
CA GLU C 500 -26.16 41.71 -18.11
C GLU C 500 -26.84 42.05 -16.80
N PHE C 501 -26.20 41.70 -15.68
CA PHE C 501 -26.65 42.15 -14.37
C PHE C 501 -26.63 43.68 -14.30
N LEU C 502 -25.59 44.30 -14.87
CA LEU C 502 -25.46 45.74 -14.82
C LEU C 502 -26.54 46.44 -15.64
N THR C 503 -27.09 45.77 -16.67
CA THR C 503 -28.16 46.39 -17.45
C THR C 503 -29.45 46.51 -16.62
N ARG C 504 -29.87 45.41 -15.98
CA ARG C 504 -31.11 45.48 -15.19
C ARG C 504 -30.90 46.25 -13.90
N ASN C 505 -29.68 46.30 -13.38
CA ASN C 505 -29.39 47.01 -12.14
C ASN C 505 -28.33 48.08 -12.37
N PRO C 506 -28.72 49.24 -12.91
CA PRO C 506 -27.76 50.35 -13.06
C PRO C 506 -27.46 51.07 -11.76
N ALA C 507 -28.24 50.80 -10.71
CA ALA C 507 -28.01 51.36 -9.38
C ALA C 507 -26.86 50.68 -8.65
N TRP C 508 -26.16 49.77 -9.34
CA TRP C 508 -25.05 48.97 -8.82
C TRP C 508 -23.73 49.28 -9.50
N ARG C 509 -23.65 50.36 -10.26
CA ARG C 509 -22.40 50.78 -10.87
C ARG C 509 -21.59 51.72 -9.99
N LYS C 510 -22.00 51.89 -8.74
CA LYS C 510 -21.14 52.46 -7.72
C LYS C 510 -20.27 51.38 -7.09
N ALA C 511 -20.29 50.18 -7.66
CA ALA C 511 -19.61 49.02 -7.11
C ALA C 511 -18.12 49.04 -7.42
N VAL C 512 -17.39 48.23 -6.65
CA VAL C 512 -15.98 47.98 -6.85
C VAL C 512 -15.84 46.53 -7.29
N PHE C 513 -15.07 46.30 -8.33
CA PHE C 513 -14.90 44.95 -8.87
C PHE C 513 -13.71 44.29 -8.19
N ILE C 514 -13.96 43.18 -7.49
CA ILE C 514 -12.92 42.45 -6.78
C ILE C 514 -12.83 41.04 -7.34
N SER C 515 -11.60 40.56 -7.54
CA SER C 515 -11.35 39.21 -8.01
C SER C 515 -10.01 38.75 -7.50
N PRO C 516 -9.81 37.44 -7.30
CA PRO C 516 -8.50 36.95 -6.88
C PRO C 516 -7.41 37.16 -7.91
N TYR C 517 -7.76 37.17 -9.20
CA TYR C 517 -6.79 37.32 -10.27
C TYR C 517 -6.88 38.73 -10.85
N ASN C 518 -5.73 39.33 -11.13
CA ASN C 518 -5.68 40.69 -11.65
C ASN C 518 -5.63 40.76 -13.17
N SER C 519 -5.52 39.62 -13.86
CA SER C 519 -5.77 39.64 -15.30
C SER C 519 -7.26 39.73 -15.61
N GLN C 520 -8.10 39.04 -14.83
CA GLN C 520 -9.53 39.27 -14.97
C GLN C 520 -9.88 40.69 -14.56
N ASN C 521 -9.24 41.21 -13.52
CA ASN C 521 -9.48 42.60 -13.12
C ASN C 521 -9.19 43.55 -14.26
N ALA C 522 -8.02 43.41 -14.90
CA ALA C 522 -7.68 44.29 -16.01
C ALA C 522 -8.63 44.10 -17.18
N VAL C 523 -8.94 42.84 -17.51
CA VAL C 523 -9.86 42.57 -18.61
C VAL C 523 -11.29 42.98 -18.26
N ALA C 524 -11.75 42.68 -17.05
CA ALA C 524 -13.11 43.03 -16.69
C ALA C 524 -13.28 44.53 -16.50
N SER C 525 -12.19 45.25 -16.22
CA SER C 525 -12.28 46.69 -16.14
C SER C 525 -12.52 47.30 -17.52
N LYS C 526 -11.92 46.71 -18.55
CA LYS C 526 -12.09 47.23 -19.90
C LYS C 526 -13.51 47.03 -20.40
N ILE C 527 -14.11 45.87 -20.15
CA ILE C 527 -15.45 45.59 -20.66
C ILE C 527 -16.50 46.23 -19.76
N LEU C 528 -16.36 45.92 -18.48
CA LEU C 528 -17.28 46.41 -17.43
C LEU C 528 -17.07 47.91 -17.27
N GLY C 529 -15.82 48.34 -17.10
CA GLY C 529 -15.52 49.77 -16.97
C GLY C 529 -15.58 50.25 -15.53
N LEU C 530 -15.94 49.42 -14.56
CA LEU C 530 -15.98 49.96 -13.18
C LEU C 530 -14.63 49.84 -12.49
N PRO C 531 -14.58 50.15 -11.19
CA PRO C 531 -13.34 50.17 -10.46
C PRO C 531 -12.97 48.76 -9.98
N THR C 532 -11.69 48.41 -10.11
CA THR C 532 -11.21 47.04 -9.80
C THR C 532 -10.16 47.08 -8.70
N GLN C 533 -10.29 46.19 -7.73
CA GLN C 533 -9.38 46.02 -6.59
C GLN C 533 -9.12 44.53 -6.40
N THR C 534 -7.86 44.17 -6.14
CA THR C 534 -7.54 42.80 -5.79
C THR C 534 -7.73 42.61 -4.29
N VAL C 535 -7.85 41.33 -3.88
CA VAL C 535 -8.02 41.04 -2.46
C VAL C 535 -6.83 41.54 -1.65
N ASP C 536 -5.61 41.30 -2.15
CA ASP C 536 -4.41 41.80 -1.50
C ASP C 536 -4.44 43.33 -1.38
N SER C 537 -4.82 44.00 -2.47
CA SER C 537 -4.81 45.46 -2.49
C SER C 537 -6.05 46.09 -1.89
N SER C 538 -7.07 45.31 -1.55
CA SER C 538 -8.30 45.89 -1.00
C SER C 538 -8.36 45.91 0.52
N GLN C 539 -7.41 45.29 1.21
CA GLN C 539 -7.47 45.29 2.67
C GLN C 539 -7.33 46.71 3.20
N GLY C 540 -8.16 47.04 4.19
CA GLY C 540 -8.18 48.38 4.74
C GLY C 540 -8.98 49.39 3.96
N SER C 541 -9.83 48.96 3.04
CA SER C 541 -10.65 49.84 2.23
C SER C 541 -12.11 49.42 2.38
N GLU C 542 -13.02 50.35 2.13
CA GLU C 542 -14.44 50.08 2.27
C GLU C 542 -15.20 50.64 1.07
N TYR C 543 -16.15 49.84 0.57
CA TYR C 543 -16.93 50.18 -0.61
C TYR C 543 -18.39 49.82 -0.38
N ASP C 544 -19.28 50.65 -0.90
CA ASP C 544 -20.72 50.43 -0.74
C ASP C 544 -21.16 49.14 -1.42
N TYR C 545 -20.83 48.99 -2.70
CA TYR C 545 -21.23 47.83 -3.49
C TYR C 545 -19.98 47.05 -3.89
N VAL C 546 -20.04 45.72 -3.77
CA VAL C 546 -18.93 44.86 -4.15
C VAL C 546 -19.45 43.79 -5.10
N ILE C 547 -18.77 43.63 -6.24
CA ILE C 547 -19.03 42.54 -7.18
C ILE C 547 -17.79 41.68 -7.24
N PHE C 548 -17.94 40.39 -7.00
CA PHE C 548 -16.83 39.46 -6.89
C PHE C 548 -17.02 38.31 -7.87
N THR C 549 -16.03 38.07 -8.72
CA THR C 549 -16.03 36.92 -9.61
C THR C 549 -14.86 36.02 -9.23
N GLN C 550 -15.17 34.79 -8.83
CA GLN C 550 -14.14 33.87 -8.35
C GLN C 550 -13.28 33.31 -9.48
N THR C 551 -13.78 33.36 -10.72
CA THR C 551 -13.03 32.94 -11.91
C THR C 551 -12.80 31.44 -11.92
N THR C 552 -12.04 30.94 -10.94
CA THR C 552 -11.64 29.55 -10.87
C THR C 552 -11.92 29.00 -9.49
N GLU C 553 -11.97 27.67 -9.39
CA GLU C 553 -12.05 26.98 -8.11
C GLU C 553 -10.67 26.50 -7.64
N THR C 554 -9.60 27.19 -8.05
CA THR C 554 -8.26 26.83 -7.66
C THR C 554 -8.05 27.16 -6.18
N ALA C 555 -6.97 26.59 -5.63
CA ALA C 555 -6.66 26.81 -4.21
C ALA C 555 -6.39 28.27 -3.91
N HIS C 556 -5.93 29.05 -4.89
CA HIS C 556 -5.73 30.48 -4.67
C HIS C 556 -7.07 31.17 -4.43
N SER C 557 -8.06 30.93 -5.30
CA SER C 557 -9.34 31.61 -5.19
C SER C 557 -10.21 31.06 -4.06
N CYS C 558 -9.97 29.82 -3.63
CA CYS C 558 -10.76 29.21 -2.57
C CYS C 558 -10.11 29.36 -1.20
N ASN C 559 -9.06 30.17 -1.09
CA ASN C 559 -8.47 30.45 0.21
C ASN C 559 -9.49 31.19 1.07
N VAL C 560 -9.74 30.68 2.27
CA VAL C 560 -10.80 31.24 3.10
C VAL C 560 -10.43 32.64 3.58
N ASN C 561 -9.16 32.85 3.95
CA ASN C 561 -8.71 34.16 4.36
C ASN C 561 -8.87 35.18 3.24
N ARG C 562 -8.35 34.84 2.05
CA ARG C 562 -8.52 35.70 0.89
C ARG C 562 -9.99 35.93 0.56
N PHE C 563 -10.82 34.90 0.67
CA PHE C 563 -12.26 35.09 0.43
C PHE C 563 -12.90 35.93 1.52
N ASN C 564 -12.49 35.72 2.78
CA ASN C 564 -12.97 36.55 3.88
C ASN C 564 -12.71 38.02 3.60
N VAL C 565 -11.50 38.36 3.16
CA VAL C 565 -11.12 39.76 2.98
C VAL C 565 -11.98 40.42 1.91
N ALA C 566 -12.27 39.70 0.82
CA ALA C 566 -12.93 40.33 -0.32
C ALA C 566 -14.35 40.75 0.01
N ILE C 567 -15.12 39.87 0.64
CA ILE C 567 -16.53 40.17 0.87
C ILE C 567 -16.76 41.07 2.08
N THR C 568 -15.80 41.17 2.99
CA THR C 568 -15.96 42.08 4.12
C THR C 568 -15.56 43.51 3.79
N ARG C 569 -15.31 43.80 2.51
CA ARG C 569 -15.08 45.14 2.01
C ARG C 569 -16.37 45.90 1.69
N ALA C 570 -17.49 45.19 1.61
CA ALA C 570 -18.75 45.80 1.17
C ALA C 570 -19.43 46.52 2.32
N LYS C 571 -19.94 47.72 2.04
CA LYS C 571 -20.68 48.48 3.03
C LYS C 571 -22.19 48.36 2.90
N VAL C 572 -22.71 48.17 1.68
CA VAL C 572 -24.15 48.12 1.47
C VAL C 572 -24.56 46.79 0.87
N GLY C 573 -24.27 46.60 -0.41
CA GLY C 573 -24.69 45.41 -1.12
C GLY C 573 -23.51 44.67 -1.73
N ILE C 574 -23.69 43.39 -2.04
CA ILE C 574 -22.63 42.58 -2.61
C ILE C 574 -23.21 41.58 -3.61
N LEU C 575 -22.47 41.34 -4.68
CA LEU C 575 -22.76 40.28 -5.64
C LEU C 575 -21.57 39.33 -5.69
N CYS C 576 -21.82 38.07 -5.38
CA CYS C 576 -20.77 37.04 -5.42
C CYS C 576 -21.14 36.04 -6.50
N ILE C 577 -20.44 36.08 -7.62
CA ILE C 577 -20.57 35.06 -8.65
C ILE C 577 -19.51 34.01 -8.34
N MET C 578 -19.94 32.93 -7.68
CA MET C 578 -19.04 31.96 -7.10
C MET C 578 -18.78 30.82 -8.09
N SER C 579 -17.57 30.24 -8.00
CA SER C 579 -17.21 29.11 -8.82
C SER C 579 -17.09 27.80 -8.05
N ASP C 580 -16.84 27.86 -6.75
CA ASP C 580 -16.74 26.66 -5.92
C ASP C 580 -18.03 26.51 -5.12
N ARG C 581 -18.73 25.38 -5.31
CA ARG C 581 -20.00 25.19 -4.61
C ARG C 581 -19.80 25.03 -3.11
N ASP C 582 -18.62 24.58 -2.67
CA ASP C 582 -18.38 24.42 -1.24
C ASP C 582 -18.61 25.75 -0.52
N LEU C 583 -18.08 26.83 -1.08
CA LEU C 583 -18.28 28.16 -0.50
C LEU C 583 -19.62 28.76 -0.90
N TYR C 584 -20.11 28.46 -2.10
CA TYR C 584 -21.41 29.01 -2.51
C TYR C 584 -22.52 28.51 -1.59
N ASP C 585 -22.47 27.23 -1.20
CA ASP C 585 -23.49 26.70 -0.31
C ASP C 585 -23.36 27.27 1.10
N LYS C 586 -22.15 27.66 1.51
CA LYS C 586 -21.92 28.28 2.80
C LYS C 586 -22.23 29.76 2.83
N LEU C 587 -22.46 30.37 1.66
CA LEU C 587 -22.87 31.77 1.59
C LEU C 587 -24.33 31.92 1.99
N GLN C 588 -24.61 32.80 2.94
CA GLN C 588 -25.97 33.07 3.39
C GLN C 588 -26.60 34.21 2.58
N PHE C 589 -26.54 34.09 1.25
CA PHE C 589 -27.03 35.11 0.33
C PHE C 589 -28.30 34.62 -0.37
N THR C 590 -28.77 35.43 -1.30
CA THR C 590 -29.92 35.12 -2.14
C THR C 590 -29.44 34.57 -3.48
N SER C 591 -29.99 33.42 -3.89
CA SER C 591 -29.55 32.76 -5.11
C SER C 591 -30.27 33.34 -6.33
N LEU C 592 -29.51 33.54 -7.41
CA LEU C 592 -30.04 34.07 -8.66
C LEU C 592 -30.00 33.03 -9.76
N GLU C 593 -30.78 33.27 -10.81
CA GLU C 593 -30.91 32.37 -11.94
C GLU C 593 -30.22 32.96 -13.17
N ILE C 594 -29.62 32.09 -13.98
CA ILE C 594 -28.89 32.52 -15.18
C ILE C 594 -29.86 32.66 -16.34
N PRO C 595 -29.84 33.78 -17.08
CA PRO C 595 -30.66 33.96 -18.28
C PRO C 595 -30.09 33.27 -19.52
N VAL D 4 83.16 -18.61 8.27
CA VAL D 4 82.98 -19.65 9.27
C VAL D 4 81.65 -19.49 9.99
N GLY D 5 80.86 -20.56 10.00
CA GLY D 5 79.56 -20.52 10.64
C GLY D 5 79.09 -21.88 11.11
N ALA D 6 77.79 -22.01 11.39
CA ALA D 6 77.23 -23.24 11.95
C ALA D 6 76.46 -24.02 10.88
N CYS D 7 76.61 -25.35 10.93
CA CYS D 7 75.90 -26.23 10.03
C CYS D 7 74.40 -25.99 10.15
N VAL D 8 73.69 -26.06 9.03
CA VAL D 8 72.26 -25.80 9.05
C VAL D 8 71.46 -27.02 9.50
N LEU D 9 72.07 -28.20 9.50
CA LEU D 9 71.42 -29.40 9.98
C LEU D 9 71.89 -29.83 11.37
N CYS D 10 73.08 -29.39 11.80
CA CYS D 10 73.63 -29.76 13.10
C CYS D 10 73.83 -28.59 14.04
N ASN D 11 74.19 -27.41 13.50
CA ASN D 11 74.77 -26.26 14.20
C ASN D 11 76.23 -26.53 14.53
N SER D 12 76.81 -27.60 13.98
CA SER D 12 78.23 -27.88 14.13
C SER D 12 79.06 -26.88 13.35
N GLN D 13 80.02 -26.24 14.02
CA GLN D 13 80.82 -25.20 13.39
C GLN D 13 81.67 -25.76 12.25
N THR D 14 81.71 -25.03 11.13
CA THR D 14 82.47 -25.45 9.97
C THR D 14 82.82 -24.23 9.14
N SER D 15 83.84 -24.39 8.30
CA SER D 15 84.24 -23.35 7.35
C SER D 15 83.73 -23.63 5.94
N LEU D 16 82.89 -24.65 5.77
CA LEU D 16 82.45 -25.11 4.47
C LEU D 16 81.08 -24.56 4.13
N ARG D 17 80.90 -24.20 2.86
CA ARG D 17 79.61 -23.85 2.31
C ARG D 17 79.39 -24.64 1.03
N CYS D 18 78.13 -24.99 0.76
CA CYS D 18 77.78 -25.67 -0.47
C CYS D 18 77.66 -24.66 -1.60
N GLY D 19 78.52 -24.79 -2.61
CA GLY D 19 78.54 -23.83 -3.72
C GLY D 19 77.44 -24.02 -4.74
N ALA D 20 76.91 -25.23 -4.89
CA ALA D 20 75.84 -25.45 -5.87
C ALA D 20 74.51 -24.94 -5.36
N CYS D 21 74.30 -24.97 -4.04
CA CYS D 21 73.14 -24.33 -3.44
C CYS D 21 73.20 -22.82 -3.65
N ILE D 22 72.10 -22.23 -4.11
CA ILE D 22 72.10 -20.81 -4.45
C ILE D 22 72.03 -19.92 -3.23
N ARG D 23 72.08 -20.48 -2.03
CA ARG D 23 72.16 -19.70 -0.81
C ARG D 23 73.51 -19.86 -0.10
N ARG D 24 74.33 -20.80 -0.52
CA ARG D 24 75.63 -21.06 0.09
C ARG D 24 75.49 -21.30 1.60
N PRO D 25 74.80 -22.37 2.00
CA PRO D 25 74.64 -22.63 3.43
C PRO D 25 75.84 -23.36 4.02
N PHE D 26 76.19 -22.99 5.25
CA PHE D 26 77.24 -23.68 5.97
C PHE D 26 76.83 -25.12 6.25
N LEU D 27 77.74 -26.06 5.99
CA LEU D 27 77.50 -27.47 6.22
C LEU D 27 78.69 -28.08 6.95
N CYS D 28 78.40 -28.93 7.93
CA CYS D 28 79.46 -29.56 8.70
C CYS D 28 80.14 -30.65 7.86
N CYS D 29 81.21 -31.20 8.41
CA CYS D 29 82.01 -32.17 7.66
C CYS D 29 81.20 -33.43 7.36
N LYS D 30 80.42 -33.92 8.33
CA LYS D 30 79.61 -35.11 8.09
C LYS D 30 78.45 -34.81 7.15
N CYS D 31 77.73 -33.71 7.40
CA CYS D 31 76.58 -33.38 6.57
C CYS D 31 76.99 -33.03 5.15
N CYS D 32 78.06 -32.27 4.99
CA CYS D 32 78.54 -31.92 3.65
C CYS D 32 78.82 -33.18 2.84
N TYR D 33 79.42 -34.19 3.48
CA TYR D 33 79.62 -35.47 2.83
C TYR D 33 78.29 -36.09 2.42
N ASP D 34 77.34 -36.18 3.36
CA ASP D 34 76.04 -36.77 3.06
C ASP D 34 75.30 -36.00 1.97
N HIS D 35 75.59 -34.71 1.82
CA HIS D 35 74.90 -33.90 0.82
C HIS D 35 75.55 -34.05 -0.56
N VAL D 36 76.88 -34.01 -0.63
CA VAL D 36 77.54 -34.01 -1.92
C VAL D 36 77.58 -35.38 -2.59
N ILE D 37 77.50 -36.46 -1.82
CA ILE D 37 77.56 -37.80 -2.43
C ILE D 37 76.19 -38.29 -2.87
N SER D 38 75.10 -37.65 -2.44
CA SER D 38 73.75 -38.11 -2.74
C SER D 38 72.94 -37.15 -3.60
N THR D 39 73.52 -36.02 -4.00
CA THR D 39 72.87 -35.04 -4.85
C THR D 39 73.78 -34.73 -6.03
N SER D 40 73.30 -33.87 -6.92
CA SER D 40 74.12 -33.36 -8.01
C SER D 40 75.04 -32.24 -7.56
N HIS D 41 74.98 -31.85 -6.29
CA HIS D 41 75.83 -30.79 -5.76
C HIS D 41 77.19 -31.35 -5.38
N LYS D 42 78.25 -30.85 -6.03
CA LYS D 42 79.60 -31.33 -5.76
C LYS D 42 80.59 -30.21 -5.42
N LEU D 43 80.24 -28.95 -5.66
CA LEU D 43 81.14 -27.84 -5.34
C LEU D 43 81.02 -27.47 -3.87
N VAL D 44 82.17 -27.26 -3.22
CA VAL D 44 82.23 -26.87 -1.81
C VAL D 44 83.04 -25.59 -1.70
N LEU D 45 82.61 -24.68 -0.83
CA LEU D 45 83.25 -23.37 -0.66
C LEU D 45 83.74 -23.22 0.77
N SER D 46 85.06 -23.14 0.94
CA SER D 46 85.65 -22.79 2.23
C SER D 46 86.16 -21.37 2.20
N VAL D 47 87.31 -21.13 2.84
CA VAL D 47 87.97 -19.82 2.72
C VAL D 47 88.21 -19.51 1.25
N ASN D 48 88.75 -20.49 0.52
CA ASN D 48 88.88 -20.50 -0.92
C ASN D 48 88.02 -21.63 -1.49
N PRO D 49 87.51 -21.48 -2.70
CA PRO D 49 86.70 -22.55 -3.30
C PRO D 49 87.47 -23.85 -3.43
N TYR D 50 86.86 -24.95 -2.96
CA TYR D 50 87.45 -26.27 -3.13
C TYR D 50 87.48 -26.63 -4.61
N VAL D 51 88.58 -26.32 -5.29
CA VAL D 51 88.72 -26.57 -6.71
C VAL D 51 90.20 -26.82 -7.00
N CYS D 52 90.47 -27.67 -7.99
CA CYS D 52 91.84 -27.96 -8.37
C CYS D 52 92.52 -26.69 -8.85
N ASN D 53 93.58 -26.28 -8.15
CA ASN D 53 94.30 -25.05 -8.49
C ASN D 53 95.30 -25.28 -9.62
N ALA D 54 95.01 -26.24 -10.51
CA ALA D 54 95.93 -26.41 -11.62
C ALA D 54 95.48 -25.59 -12.82
N PRO D 55 96.43 -24.95 -13.50
CA PRO D 55 96.07 -24.07 -14.63
C PRO D 55 95.37 -24.85 -15.74
N GLY D 56 94.15 -24.43 -16.05
CA GLY D 56 93.36 -25.08 -17.09
C GLY D 56 92.70 -26.37 -16.68
N CYS D 57 92.37 -26.54 -15.40
CA CYS D 57 91.68 -27.72 -14.92
C CYS D 57 90.26 -27.36 -14.53
N ASP D 58 89.33 -28.27 -14.81
CA ASP D 58 87.92 -28.04 -14.62
C ASP D 58 87.33 -28.74 -13.40
N VAL D 59 88.11 -29.60 -12.75
CA VAL D 59 87.58 -30.49 -11.72
C VAL D 59 87.09 -29.65 -10.54
N THR D 60 85.78 -29.59 -10.36
CA THR D 60 85.17 -28.96 -9.21
C THR D 60 84.49 -29.93 -8.26
N ASP D 61 84.22 -31.17 -8.71
CA ASP D 61 83.65 -32.19 -7.86
C ASP D 61 84.54 -32.43 -6.64
N VAL D 62 83.97 -32.20 -5.44
CA VAL D 62 84.77 -32.35 -4.23
C VAL D 62 85.11 -33.81 -3.95
N THR D 63 84.31 -34.75 -4.45
CA THR D 63 84.63 -36.17 -4.27
C THR D 63 85.84 -36.59 -5.08
N GLN D 64 86.27 -35.76 -6.04
CA GLN D 64 87.44 -36.04 -6.86
C GLN D 64 88.68 -35.27 -6.42
N LEU D 65 88.52 -34.23 -5.63
CA LEU D 65 89.61 -33.34 -5.28
C LEU D 65 90.39 -33.84 -4.06
N TYR D 66 91.65 -33.40 -3.99
CA TYR D 66 92.55 -33.75 -2.90
C TYR D 66 93.18 -32.48 -2.35
N LEU D 67 93.69 -32.57 -1.13
CA LEU D 67 94.44 -31.48 -0.51
C LEU D 67 95.93 -31.81 -0.59
N GLY D 68 96.72 -30.84 -1.07
CA GLY D 68 98.15 -31.03 -1.17
C GLY D 68 98.92 -29.80 -0.77
N GLY D 69 99.60 -29.87 0.37
CA GLY D 69 100.27 -28.72 0.93
C GLY D 69 99.27 -27.68 1.40
N MET D 70 99.29 -26.50 0.76
CA MET D 70 98.36 -25.43 1.08
C MET D 70 97.43 -25.09 -0.09
N SER D 71 97.28 -26.00 -1.04
CA SER D 71 96.43 -25.80 -2.21
C SER D 71 95.73 -27.10 -2.53
N TYR D 72 94.71 -27.03 -3.37
CA TYR D 72 93.82 -28.15 -3.61
C TYR D 72 93.98 -28.63 -5.05
N TYR D 73 94.04 -29.95 -5.23
CA TYR D 73 94.34 -30.52 -6.53
C TYR D 73 93.45 -31.71 -6.83
N CYS D 74 93.26 -31.98 -8.13
CA CYS D 74 92.49 -33.13 -8.56
C CYS D 74 93.35 -34.39 -8.53
N LYS D 75 92.77 -35.50 -8.97
CA LYS D 75 93.45 -36.78 -8.92
C LYS D 75 94.70 -36.82 -9.80
N SER D 76 94.67 -36.07 -10.91
CA SER D 76 95.79 -36.10 -11.85
C SER D 76 96.81 -34.99 -11.62
N HIS D 77 96.48 -33.95 -10.87
CA HIS D 77 97.38 -32.81 -10.67
C HIS D 77 97.81 -32.68 -9.22
N LYS D 78 97.96 -33.79 -8.53
CA LYS D 78 98.26 -33.68 -7.11
C LYS D 78 99.72 -34.00 -6.82
N PRO D 79 100.30 -33.35 -5.81
CA PRO D 79 101.67 -33.67 -5.40
C PRO D 79 101.71 -35.03 -4.72
N PRO D 80 102.92 -35.58 -4.47
CA PRO D 80 102.99 -36.88 -3.80
C PRO D 80 102.36 -36.89 -2.42
N ILE D 81 102.53 -35.82 -1.64
CA ILE D 81 101.95 -35.74 -0.30
C ILE D 81 100.61 -35.04 -0.44
N SER D 82 99.55 -35.83 -0.58
CA SER D 82 98.21 -35.32 -0.77
C SER D 82 97.20 -36.39 -0.39
N PHE D 83 96.14 -35.97 0.32
CA PHE D 83 95.07 -36.86 0.75
C PHE D 83 93.73 -36.34 0.26
N PRO D 84 92.74 -37.21 0.07
CA PRO D 84 91.46 -36.76 -0.47
C PRO D 84 90.73 -35.83 0.49
N LEU D 85 90.06 -34.81 -0.09
CA LEU D 85 89.22 -33.93 0.70
C LEU D 85 88.00 -34.66 1.24
N CYS D 86 87.47 -35.59 0.46
CA CYS D 86 86.25 -36.32 0.79
C CYS D 86 86.62 -37.76 1.13
N ALA D 87 86.73 -38.05 2.42
CA ALA D 87 87.10 -39.39 2.87
C ALA D 87 86.63 -39.58 4.31
N ASN D 88 86.59 -40.85 4.73
CA ASN D 88 86.23 -41.32 6.06
C ASN D 88 84.78 -41.06 6.43
N GLY D 89 83.99 -40.45 5.55
CA GLY D 89 82.62 -40.11 5.85
C GLY D 89 82.37 -38.64 6.05
N GLN D 90 83.39 -37.80 5.87
CA GLN D 90 83.31 -36.36 6.03
C GLN D 90 84.02 -35.69 4.86
N VAL D 91 84.01 -34.37 4.87
CA VAL D 91 84.78 -33.55 3.94
C VAL D 91 85.69 -32.66 4.78
N PHE D 92 86.95 -32.57 4.39
CA PHE D 92 87.92 -31.83 5.18
C PHE D 92 87.55 -30.37 5.28
N GLY D 93 87.66 -29.83 6.49
CA GLY D 93 87.35 -28.43 6.74
C GLY D 93 87.66 -28.12 8.19
N LEU D 94 87.70 -26.82 8.48
CA LEU D 94 88.00 -26.37 9.83
C LEU D 94 87.00 -26.94 10.83
N TYR D 95 87.48 -27.26 12.03
CA TYR D 95 86.68 -27.93 13.06
C TYR D 95 86.11 -29.25 12.54
N LYS D 96 87.03 -30.12 12.12
CA LYS D 96 86.71 -31.42 11.55
C LYS D 96 86.29 -32.45 12.61
N ASN D 97 86.29 -32.08 13.90
CA ASN D 97 85.98 -33.01 14.97
C ASN D 97 84.76 -32.63 15.80
N THR D 98 84.27 -31.40 15.71
CA THR D 98 83.05 -30.99 16.39
C THR D 98 81.81 -31.14 15.52
N CYS D 99 81.81 -32.12 14.62
CA CYS D 99 80.69 -32.36 13.72
C CYS D 99 79.91 -33.59 14.19
N VAL D 100 78.62 -33.40 14.43
CA VAL D 100 77.77 -34.46 14.95
C VAL D 100 77.31 -35.35 13.81
N GLY D 101 76.48 -34.80 12.93
CA GLY D 101 75.82 -35.54 11.87
C GLY D 101 74.33 -35.52 12.12
N SER D 102 73.58 -34.96 11.19
CA SER D 102 72.15 -34.81 11.35
C SER D 102 71.34 -35.96 10.76
N ASP D 103 70.23 -36.24 11.42
CA ASP D 103 69.18 -37.05 10.83
C ASP D 103 68.30 -36.14 9.97
N ASN D 104 67.46 -36.75 9.14
CA ASN D 104 66.56 -36.01 8.25
C ASN D 104 67.37 -35.00 7.43
N VAL D 105 68.41 -35.51 6.76
CA VAL D 105 69.16 -34.71 5.80
C VAL D 105 68.58 -34.93 4.41
N THR D 106 67.85 -36.01 4.20
CA THR D 106 67.09 -36.20 2.98
C THR D 106 66.18 -35.01 2.71
N ASP D 107 65.60 -34.44 3.78
CA ASP D 107 64.78 -33.24 3.62
C ASP D 107 65.61 -32.07 3.08
N PHE D 108 66.84 -31.91 3.59
CA PHE D 108 67.70 -30.85 3.10
C PHE D 108 68.04 -31.01 1.63
N ASN D 109 68.23 -32.26 1.18
CA ASN D 109 68.57 -32.50 -0.22
C ASN D 109 67.43 -32.09 -1.14
N ALA D 110 66.19 -32.45 -0.78
CA ALA D 110 65.06 -32.14 -1.64
C ALA D 110 64.85 -30.64 -1.78
N ILE D 111 65.00 -29.90 -0.67
CA ILE D 111 64.85 -28.44 -0.73
C ILE D 111 65.91 -27.84 -1.64
N ALA D 112 67.14 -28.32 -1.52
CA ALA D 112 68.25 -27.75 -2.28
C ALA D 112 68.23 -28.14 -3.76
N THR D 113 67.56 -29.24 -4.11
CA THR D 113 67.59 -29.75 -5.48
C THR D 113 66.27 -29.55 -6.22
N CYS D 114 65.20 -29.17 -5.55
CA CYS D 114 63.91 -29.05 -6.21
C CYS D 114 63.88 -27.78 -7.06
N ASP D 115 63.05 -27.81 -8.09
CA ASP D 115 62.88 -26.67 -8.99
C ASP D 115 61.76 -25.74 -8.55
N TRP D 116 61.07 -26.06 -7.46
CA TRP D 116 59.98 -25.22 -6.93
C TRP D 116 58.85 -25.04 -7.93
N THR D 117 58.64 -26.05 -8.78
CA THR D 117 57.53 -26.06 -9.72
C THR D 117 56.46 -27.06 -9.33
N ASN D 118 56.69 -27.81 -8.26
CA ASN D 118 55.78 -28.86 -7.81
C ASN D 118 55.13 -28.46 -6.49
N ALA D 119 53.91 -28.94 -6.28
CA ALA D 119 53.24 -28.65 -5.01
C ALA D 119 53.95 -29.37 -3.86
N GLY D 120 54.53 -30.54 -4.11
CA GLY D 120 55.22 -31.26 -3.06
C GLY D 120 56.43 -30.52 -2.52
N ASP D 121 57.05 -29.68 -3.35
CA ASP D 121 58.16 -28.87 -2.87
C ASP D 121 57.70 -27.88 -1.80
N TYR D 122 56.46 -27.39 -1.90
CA TYR D 122 55.94 -26.46 -0.91
C TYR D 122 55.38 -27.18 0.31
N ILE D 123 54.88 -28.40 0.14
CA ILE D 123 54.43 -29.20 1.27
C ILE D 123 55.60 -29.53 2.18
N LEU D 124 56.71 -29.99 1.60
CA LEU D 124 57.90 -30.28 2.38
C LEU D 124 58.50 -29.02 2.99
N ALA D 125 58.37 -27.88 2.31
CA ALA D 125 58.95 -26.63 2.77
C ALA D 125 58.24 -26.04 3.98
N ASN D 126 57.15 -26.65 4.43
CA ASN D 126 56.43 -26.17 5.60
C ASN D 126 56.31 -27.20 6.72
N THR D 127 56.57 -28.47 6.45
CA THR D 127 56.49 -29.51 7.46
C THR D 127 57.85 -29.99 7.95
N CYS D 128 58.93 -29.35 7.52
CA CYS D 128 60.26 -29.75 7.92
C CYS D 128 60.62 -29.13 9.27
N THR D 129 61.90 -29.16 9.64
CA THR D 129 62.31 -28.55 10.89
C THR D 129 62.28 -27.03 10.74
N GLU D 130 62.32 -26.35 11.89
CA GLU D 130 62.24 -24.89 11.85
C GLU D 130 63.44 -24.28 11.14
N ARG D 131 64.65 -24.80 11.40
CA ARG D 131 65.82 -24.30 10.70
C ARG D 131 65.73 -24.59 9.21
N LEU D 132 65.05 -25.67 8.83
CA LEU D 132 64.86 -25.98 7.42
C LEU D 132 63.76 -25.12 6.79
N LYS D 133 62.73 -24.75 7.57
CA LYS D 133 61.72 -23.83 7.06
C LYS D 133 62.35 -22.51 6.62
N LEU D 134 63.24 -21.97 7.44
CA LEU D 134 63.94 -20.74 7.09
C LEU D 134 64.80 -20.93 5.84
N PHE D 135 65.50 -22.07 5.75
CA PHE D 135 66.32 -22.35 4.57
C PHE D 135 65.45 -22.45 3.32
N ALA D 136 64.30 -23.12 3.43
CA ALA D 136 63.41 -23.24 2.29
C ALA D 136 62.88 -21.89 1.84
N ALA D 137 62.56 -21.01 2.81
CA ALA D 137 62.09 -19.68 2.46
C ALA D 137 63.18 -18.88 1.76
N GLU D 138 64.44 -19.03 2.21
CA GLU D 138 65.55 -18.37 1.55
C GLU D 138 65.74 -18.89 0.14
N THR D 139 65.75 -20.22 -0.01
CA THR D 139 65.95 -20.82 -1.32
C THR D 139 64.79 -20.51 -2.26
N LEU D 140 63.56 -20.46 -1.72
CA LEU D 140 62.41 -20.13 -2.56
C LEU D 140 62.50 -18.70 -3.09
N LYS D 141 62.72 -17.73 -2.20
CA LYS D 141 62.77 -16.35 -2.64
C LYS D 141 63.99 -16.09 -3.50
N ALA D 142 65.13 -16.70 -3.16
CA ALA D 142 66.33 -16.51 -3.95
C ALA D 142 66.16 -17.08 -5.36
N THR D 143 65.53 -18.25 -5.47
CA THR D 143 65.23 -18.79 -6.79
C THR D 143 64.32 -17.84 -7.56
N GLU D 144 63.30 -17.30 -6.90
CA GLU D 144 62.39 -16.39 -7.57
C GLU D 144 63.11 -15.11 -8.00
N GLU D 145 63.95 -14.55 -7.12
CA GLU D 145 64.67 -13.33 -7.49
C GLU D 145 65.71 -13.61 -8.57
N THR D 146 66.36 -14.78 -8.51
CA THR D 146 67.32 -15.15 -9.52
C THR D 146 66.64 -15.45 -10.85
N PHE D 147 65.43 -16.00 -10.80
CA PHE D 147 64.73 -16.35 -12.03
C PHE D 147 64.22 -15.11 -12.75
N LYS D 148 64.13 -13.97 -12.06
CA LYS D 148 63.74 -12.72 -12.72
C LYS D 148 64.89 -12.05 -13.44
N LEU D 149 66.15 -12.36 -13.10
CA LEU D 149 67.27 -11.76 -13.79
C LEU D 149 67.60 -12.47 -15.09
N SER D 150 67.08 -13.66 -15.31
CA SER D 150 67.24 -14.35 -16.58
C SER D 150 66.28 -13.83 -17.64
N TYR D 151 65.24 -13.09 -17.24
CA TYR D 151 64.28 -12.55 -18.18
C TYR D 151 64.85 -11.32 -18.89
N GLY D 152 64.38 -11.09 -20.11
CA GLY D 152 64.91 -10.02 -20.93
C GLY D 152 64.17 -8.70 -20.79
N ILE D 153 64.84 -7.64 -21.22
CA ILE D 153 64.27 -6.30 -21.23
C ILE D 153 63.16 -6.21 -22.26
N ALA D 154 62.12 -5.42 -21.95
CA ALA D 154 61.07 -5.06 -22.88
C ALA D 154 61.13 -3.56 -23.10
N THR D 155 61.26 -3.14 -24.35
CA THR D 155 61.39 -1.73 -24.68
C THR D 155 60.17 -1.25 -25.45
N VAL D 156 59.86 0.04 -25.31
CA VAL D 156 58.71 0.63 -25.98
C VAL D 156 59.06 0.80 -27.45
N ARG D 157 58.37 0.06 -28.31
CA ARG D 157 58.60 0.15 -29.75
C ARG D 157 57.75 1.24 -30.40
N GLU D 158 56.49 1.37 -29.98
CA GLU D 158 55.60 2.38 -30.54
C GLU D 158 54.55 2.75 -29.50
N VAL D 159 54.18 4.03 -29.48
CA VAL D 159 53.18 4.53 -28.53
C VAL D 159 51.87 4.58 -29.31
N LEU D 160 51.02 3.58 -29.07
CA LEU D 160 49.76 3.47 -29.80
C LEU D 160 48.72 4.48 -29.33
N SER D 161 48.61 4.70 -28.02
CA SER D 161 47.50 5.51 -27.53
C SER D 161 47.64 6.01 -26.10
N ASP D 162 47.01 5.30 -25.16
CA ASP D 162 47.03 5.68 -23.75
C ASP D 162 46.96 4.44 -22.88
N ARG D 163 46.61 3.32 -23.51
CA ARG D 163 46.47 2.03 -22.85
C ARG D 163 46.99 0.91 -23.74
N GLU D 164 47.78 1.24 -24.76
CA GLU D 164 48.24 0.27 -25.74
C GLU D 164 49.70 0.54 -26.10
N LEU D 165 50.48 -0.53 -26.25
CA LEU D 165 51.89 -0.44 -26.62
C LEU D 165 52.23 -1.56 -27.60
N HIS D 166 53.36 -1.39 -28.27
CA HIS D 166 54.07 -2.47 -28.96
C HIS D 166 55.42 -2.64 -28.28
N LEU D 167 55.69 -3.85 -27.81
CA LEU D 167 56.92 -4.11 -27.07
C LEU D 167 57.92 -4.88 -27.92
N SER D 168 59.19 -4.61 -27.69
CA SER D 168 60.30 -5.37 -28.26
C SER D 168 61.15 -5.91 -27.12
N TRP D 169 61.60 -7.16 -27.27
CA TRP D 169 62.20 -7.90 -26.18
C TRP D 169 63.69 -8.11 -26.42
N GLU D 170 64.44 -8.20 -25.32
CA GLU D 170 65.86 -8.50 -25.39
C GLU D 170 66.08 -9.81 -26.15
N VAL D 171 67.12 -9.83 -26.96
CA VAL D 171 67.48 -11.02 -27.73
C VAL D 171 68.42 -11.87 -26.89
N GLY D 172 68.27 -13.18 -27.00
CA GLY D 172 69.09 -14.10 -26.25
C GLY D 172 68.66 -14.35 -24.83
N LYS D 173 67.53 -13.77 -24.40
CA LYS D 173 66.98 -13.93 -23.05
C LYS D 173 65.49 -14.15 -23.13
N PRO D 174 64.95 -15.06 -22.32
CA PRO D 174 63.51 -15.35 -22.37
C PRO D 174 62.70 -14.16 -21.90
N ARG D 175 61.39 -14.26 -22.10
CA ARG D 175 60.53 -13.13 -21.76
C ARG D 175 59.78 -13.41 -20.46
N PRO D 176 59.64 -12.40 -19.60
CA PRO D 176 58.89 -12.63 -18.37
C PRO D 176 57.42 -12.85 -18.67
N PRO D 177 56.73 -13.64 -17.85
CA PRO D 177 55.29 -13.83 -18.04
C PRO D 177 54.53 -12.54 -17.76
N LEU D 178 53.57 -12.25 -18.63
CA LEU D 178 52.82 -10.99 -18.56
C LEU D 178 51.53 -11.23 -17.77
N ASN D 179 51.55 -10.86 -16.49
CA ASN D 179 50.38 -10.96 -15.63
C ASN D 179 50.53 -9.94 -14.50
N ARG D 180 49.49 -9.85 -13.66
CA ARG D 180 49.49 -8.85 -12.60
C ARG D 180 50.51 -9.14 -11.53
N ASN D 181 50.96 -10.41 -11.42
CA ASN D 181 51.91 -10.78 -10.39
C ASN D 181 53.26 -10.12 -10.64
N TYR D 182 53.69 -10.09 -11.90
CA TYR D 182 54.95 -9.51 -12.29
C TYR D 182 54.73 -8.03 -12.58
N VAL D 183 55.28 -7.17 -11.72
CA VAL D 183 55.17 -5.72 -11.87
C VAL D 183 56.52 -5.20 -12.33
N PHE D 184 56.53 -4.41 -13.38
CA PHE D 184 57.77 -3.90 -13.95
C PHE D 184 58.06 -2.50 -13.42
N THR D 185 59.28 -2.06 -13.66
CA THR D 185 59.70 -0.68 -13.38
C THR D 185 60.24 -0.10 -14.67
N GLY D 186 59.73 1.07 -15.03
CA GLY D 186 60.13 1.72 -16.26
C GLY D 186 61.28 2.69 -16.07
N TYR D 187 62.10 2.82 -17.11
CA TYR D 187 63.25 3.70 -17.10
C TYR D 187 63.28 4.54 -18.37
N ARG D 188 63.67 5.80 -18.20
CA ARG D 188 63.88 6.74 -19.30
C ARG D 188 65.37 6.96 -19.47
N VAL D 189 65.84 6.80 -20.71
CA VAL D 189 67.26 6.93 -21.02
C VAL D 189 67.63 8.41 -21.15
N THR D 190 68.61 8.84 -20.36
CA THR D 190 69.07 10.22 -20.34
C THR D 190 70.37 10.31 -21.15
N LYS D 191 71.17 11.35 -20.92
CA LYS D 191 72.38 11.56 -21.70
C LYS D 191 73.32 10.36 -21.59
N ASN D 192 73.76 10.05 -20.38
CA ASN D 192 74.58 8.88 -20.13
C ASN D 192 74.12 8.17 -18.86
N SER D 193 72.82 8.12 -18.63
CA SER D 193 72.30 7.41 -17.47
C SER D 193 70.81 7.13 -17.68
N LYS D 194 70.09 6.93 -16.60
CA LYS D 194 68.69 6.52 -16.64
C LYS D 194 68.01 6.87 -15.31
N VAL D 195 66.73 7.20 -15.39
CA VAL D 195 65.96 7.58 -14.21
C VAL D 195 64.67 6.77 -14.18
N GLN D 196 64.27 6.35 -12.97
CA GLN D 196 63.07 5.54 -12.85
C GLN D 196 61.84 6.39 -13.12
N ILE D 197 60.88 5.82 -13.85
CA ILE D 197 59.67 6.53 -14.19
C ILE D 197 58.44 6.05 -13.40
N GLY D 198 58.49 4.86 -12.79
CA GLY D 198 57.40 4.40 -11.94
C GLY D 198 57.30 2.88 -11.95
N GLU D 199 56.07 2.39 -11.84
CA GLU D 199 55.79 0.96 -11.84
C GLU D 199 54.80 0.64 -12.96
N TYR D 200 54.96 -0.53 -13.58
CA TYR D 200 54.13 -0.88 -14.72
C TYR D 200 53.72 -2.35 -14.67
N THR D 201 52.55 -2.64 -15.25
CA THR D 201 52.04 -4.00 -15.40
C THR D 201 51.46 -4.15 -16.80
N PHE D 202 51.59 -5.36 -17.37
CA PHE D 202 51.21 -5.61 -18.75
C PHE D 202 50.30 -6.82 -18.88
N GLU D 203 49.37 -6.75 -19.82
CA GLU D 203 48.58 -7.90 -20.26
C GLU D 203 48.45 -7.83 -21.78
N LYS D 204 48.35 -8.99 -22.43
CA LYS D 204 48.24 -8.99 -23.88
C LYS D 204 46.79 -9.03 -24.32
N GLY D 205 46.40 -8.08 -25.17
CA GLY D 205 45.03 -7.94 -25.64
C GLY D 205 44.86 -7.91 -27.15
N ALA D 210 49.73 -6.44 -30.57
CA ALA D 210 48.88 -5.53 -29.81
C ALA D 210 48.76 -5.98 -28.36
N VAL D 211 49.40 -5.25 -27.45
CA VAL D 211 49.42 -5.58 -26.03
C VAL D 211 48.93 -4.37 -25.24
N VAL D 212 48.11 -4.64 -24.20
CA VAL D 212 47.51 -3.63 -23.34
C VAL D 212 48.37 -3.44 -22.08
N TYR D 213 48.41 -2.21 -21.55
CA TYR D 213 49.25 -1.96 -20.39
C TYR D 213 48.48 -1.10 -19.40
N ARG D 214 48.86 -1.22 -18.13
CA ARG D 214 48.37 -0.39 -17.04
C ARG D 214 49.55 0.01 -16.18
N GLY D 215 49.55 1.25 -15.69
CA GLY D 215 50.67 1.71 -14.92
C GLY D 215 50.27 2.20 -13.55
N THR D 216 51.23 2.21 -12.62
CA THR D 216 50.98 2.74 -11.29
C THR D 216 50.95 4.27 -11.28
N THR D 217 51.70 4.89 -12.19
CA THR D 217 51.71 6.33 -12.35
C THR D 217 51.28 6.69 -13.76
N THR D 218 50.97 7.97 -13.96
CA THR D 218 50.64 8.48 -15.28
C THR D 218 51.81 9.27 -15.87
N TYR D 219 52.09 9.01 -17.15
CA TYR D 219 53.20 9.63 -17.86
C TYR D 219 53.05 9.33 -19.34
N LYS D 220 53.34 10.31 -20.19
CA LYS D 220 53.26 10.07 -21.63
C LYS D 220 54.60 9.52 -22.12
N LEU D 221 54.81 8.25 -21.80
CA LEU D 221 56.03 7.57 -22.18
C LEU D 221 56.17 7.47 -23.69
N ASN D 222 57.36 7.76 -24.19
CA ASN D 222 57.62 7.79 -25.62
C ASN D 222 58.51 6.62 -26.02
N VAL D 223 58.83 6.55 -27.31
CA VAL D 223 59.60 5.44 -27.83
C VAL D 223 61.02 5.47 -27.28
N GLY D 224 61.55 4.30 -26.94
CA GLY D 224 62.85 4.18 -26.31
C GLY D 224 62.80 3.81 -24.84
N ASP D 225 61.66 3.99 -24.18
CA ASP D 225 61.53 3.58 -22.80
C ASP D 225 61.46 2.05 -22.71
N TYR D 226 61.99 1.51 -21.62
CA TYR D 226 62.07 0.07 -21.45
C TYR D 226 61.67 -0.30 -20.03
N PHE D 227 61.32 -1.57 -19.85
CA PHE D 227 60.82 -2.09 -18.60
C PHE D 227 61.59 -3.35 -18.22
N VAL D 228 61.96 -3.47 -16.95
CA VAL D 228 62.58 -4.68 -16.43
C VAL D 228 61.95 -4.99 -15.08
N LEU D 229 61.76 -6.27 -14.79
CA LEU D 229 61.29 -6.68 -13.47
C LEU D 229 62.30 -6.29 -12.41
N THR D 230 61.87 -5.50 -11.43
CA THR D 230 62.79 -5.17 -10.34
C THR D 230 62.93 -6.39 -9.43
N SER D 231 64.15 -6.85 -9.25
CA SER D 231 64.45 -7.97 -8.36
C SER D 231 65.15 -7.43 -7.13
N HIS D 232 64.86 -8.03 -5.98
CA HIS D 232 65.37 -7.54 -4.71
C HIS D 232 66.37 -8.53 -4.14
N THR D 233 67.28 -8.01 -3.31
CA THR D 233 68.29 -8.87 -2.68
C THR D 233 67.65 -9.71 -1.57
N VAL D 234 68.02 -10.98 -1.52
CA VAL D 234 67.51 -11.90 -0.51
C VAL D 234 68.43 -11.92 0.71
N MET D 235 67.87 -11.55 1.89
CA MET D 235 68.64 -11.48 3.13
C MET D 235 68.54 -12.80 3.88
N PRO D 236 69.58 -13.16 4.64
CA PRO D 236 69.54 -14.42 5.42
C PRO D 236 68.57 -14.34 6.58
N LEU D 237 67.87 -15.44 6.82
CA LEU D 237 66.88 -15.54 7.88
C LEU D 237 67.51 -16.09 9.17
N SER D 238 67.20 -15.46 10.29
CA SER D 238 67.71 -15.90 11.59
C SER D 238 66.58 -16.36 12.51
N ALA D 239 65.58 -15.52 12.75
CA ALA D 239 64.50 -15.85 13.65
C ALA D 239 63.54 -16.86 13.02
N PRO D 240 62.83 -17.63 13.83
CA PRO D 240 61.95 -18.67 13.30
C PRO D 240 60.66 -18.09 12.74
N THR D 241 59.91 -18.95 12.05
CA THR D 241 58.58 -18.57 11.55
C THR D 241 57.61 -18.33 12.70
N LEU D 242 57.66 -19.18 13.73
CA LEU D 242 56.85 -19.04 14.91
C LEU D 242 57.73 -19.23 16.15
N VAL D 243 57.57 -18.36 17.13
CA VAL D 243 58.28 -18.47 18.40
C VAL D 243 57.71 -19.67 19.15
N PRO D 244 58.43 -20.25 20.11
CA PRO D 244 57.85 -21.36 20.88
C PRO D 244 56.62 -20.89 21.63
N GLN D 245 55.56 -21.68 21.54
CA GLN D 245 54.28 -21.30 22.12
C GLN D 245 54.30 -21.46 23.63
N GLU D 246 54.06 -20.36 24.33
CA GLU D 246 53.89 -20.37 25.78
C GLU D 246 52.44 -20.04 26.13
N HIS D 247 51.81 -20.91 26.91
CA HIS D 247 50.47 -20.65 27.42
C HIS D 247 50.58 -20.11 28.84
N TYR D 248 49.78 -19.09 29.15
CA TYR D 248 49.83 -18.44 30.45
C TYR D 248 48.56 -18.76 31.24
N VAL D 249 48.63 -18.46 32.54
CA VAL D 249 47.54 -18.75 33.44
C VAL D 249 46.74 -17.51 33.84
N ARG D 250 47.37 -16.35 33.88
CA ARG D 250 46.67 -15.08 34.01
C ARG D 250 47.21 -14.10 32.99
N ILE D 251 46.62 -12.90 32.95
CA ILE D 251 47.06 -11.90 31.99
C ILE D 251 48.34 -11.27 32.52
N THR D 252 49.40 -11.35 31.72
CA THR D 252 50.74 -10.87 32.10
C THR D 252 51.22 -9.84 31.09
N GLY D 253 51.80 -8.75 31.58
CA GLY D 253 52.37 -7.71 30.75
C GLY D 253 51.35 -6.77 30.13
N LEU D 254 50.07 -7.07 30.25
CA LEU D 254 48.99 -6.26 29.70
C LEU D 254 48.06 -5.91 30.83
N TYR D 255 47.51 -4.70 30.80
CA TYR D 255 46.57 -4.25 31.82
C TYR D 255 45.21 -3.98 31.18
N PRO D 256 44.25 -4.88 31.34
CA PRO D 256 42.96 -4.73 30.67
C PRO D 256 42.21 -3.51 31.17
N THR D 257 41.41 -2.93 30.28
CA THR D 257 40.58 -1.81 30.67
C THR D 257 39.30 -2.28 31.34
N LEU D 258 38.72 -1.39 32.14
CA LEU D 258 37.40 -1.58 32.71
C LEU D 258 36.32 -1.03 31.77
N ASN D 259 36.62 0.09 31.14
CA ASN D 259 35.73 0.80 30.22
C ASN D 259 36.15 0.46 28.79
N ILE D 260 35.19 0.04 27.96
CA ILE D 260 35.48 -0.31 26.58
C ILE D 260 34.48 0.40 25.67
N SER D 261 33.67 -0.34 24.90
CA SER D 261 32.71 0.26 23.98
C SER D 261 31.70 -0.80 23.58
N ASP D 262 30.54 -0.33 23.13
CA ASP D 262 29.47 -1.26 22.77
C ASP D 262 29.79 -2.05 21.51
N GLU D 263 30.69 -1.55 20.67
CA GLU D 263 31.08 -2.23 19.43
C GLU D 263 31.99 -3.42 19.65
N PHE D 264 32.96 -3.30 20.56
CA PHE D 264 33.95 -4.35 20.79
C PHE D 264 33.53 -5.33 21.89
N SER D 265 32.25 -5.36 22.26
CA SER D 265 31.81 -6.26 23.32
C SER D 265 31.86 -7.73 22.91
N SER D 266 31.82 -8.01 21.61
CA SER D 266 31.86 -9.39 21.14
C SER D 266 33.25 -9.99 21.14
N ASN D 267 34.29 -9.20 21.35
CA ASN D 267 35.66 -9.69 21.33
C ASN D 267 36.32 -9.66 22.71
N VAL D 268 35.57 -9.35 23.76
CA VAL D 268 36.18 -9.21 25.08
C VAL D 268 36.68 -10.57 25.57
N ALA D 269 35.96 -11.65 25.25
CA ALA D 269 36.45 -12.98 25.56
C ALA D 269 37.73 -13.28 24.79
N ASN D 270 37.77 -12.89 23.52
CA ASN D 270 38.96 -13.14 22.70
C ASN D 270 40.14 -12.30 23.14
N TYR D 271 39.88 -11.06 23.60
CA TYR D 271 40.97 -10.19 24.01
C TYR D 271 41.71 -10.76 25.22
N GLN D 272 40.99 -11.38 26.16
CA GLN D 272 41.66 -12.05 27.26
C GLN D 272 42.51 -13.22 26.76
N LYS D 273 41.95 -14.03 25.88
CA LYS D 273 42.69 -15.20 25.38
C LYS D 273 43.96 -14.77 24.65
N VAL D 274 43.96 -13.59 24.04
CA VAL D 274 45.18 -13.05 23.42
C VAL D 274 46.29 -12.92 24.45
N GLY D 275 45.97 -12.40 25.62
CA GLY D 275 46.95 -12.19 26.66
C GLY D 275 47.26 -13.38 27.54
N MET D 276 46.67 -14.53 27.25
CA MET D 276 46.87 -15.74 28.04
C MET D 276 47.76 -16.75 27.35
N GLN D 277 48.39 -16.38 26.23
CA GLN D 277 49.28 -17.27 25.51
C GLN D 277 50.25 -16.44 24.69
N LYS D 278 51.37 -17.07 24.29
CA LYS D 278 52.42 -16.34 23.59
C LYS D 278 51.93 -15.79 22.26
N TYR D 279 51.35 -16.65 21.43
CA TYR D 279 50.79 -16.20 20.17
C TYR D 279 49.45 -16.87 19.98
N SER D 280 48.52 -16.14 19.36
CA SER D 280 47.16 -16.59 19.18
C SER D 280 46.74 -16.29 17.75
N THR D 281 46.04 -17.24 17.13
CA THR D 281 45.66 -17.15 15.73
C THR D 281 44.16 -16.90 15.61
N LEU D 282 43.80 -15.86 14.86
CA LEU D 282 42.41 -15.50 14.61
C LEU D 282 42.09 -15.71 13.13
N GLN D 283 41.13 -16.58 12.87
CA GLN D 283 40.59 -16.74 11.53
C GLN D 283 39.36 -15.86 11.40
N GLY D 284 39.27 -15.12 10.30
CA GLY D 284 38.11 -14.30 10.07
C GLY D 284 37.64 -14.41 8.63
N PRO D 285 36.43 -14.94 8.46
CA PRO D 285 35.84 -15.05 7.12
C PRO D 285 35.53 -13.67 6.58
N PRO D 286 35.12 -13.57 5.31
CA PRO D 286 34.88 -12.25 4.74
C PRO D 286 33.74 -11.53 5.45
N GLY D 287 33.94 -10.25 5.72
CA GLY D 287 32.90 -9.44 6.32
C GLY D 287 32.60 -9.76 7.76
N THR D 288 33.56 -10.27 8.52
CA THR D 288 33.37 -10.61 9.92
C THR D 288 34.03 -9.65 10.88
N GLY D 289 34.76 -8.65 10.39
CA GLY D 289 35.30 -7.63 11.29
C GLY D 289 36.74 -7.83 11.73
N LYS D 290 37.58 -8.36 10.85
CA LYS D 290 38.97 -8.61 11.22
C LYS D 290 39.69 -7.32 11.60
N SER D 291 39.57 -6.28 10.77
CA SER D 291 40.20 -5.01 11.10
C SER D 291 39.55 -4.36 12.32
N HIS D 292 38.25 -4.55 12.48
CA HIS D 292 37.57 -4.08 13.70
C HIS D 292 38.09 -4.82 14.93
N PHE D 293 38.40 -6.10 14.78
CA PHE D 293 38.96 -6.87 15.89
C PHE D 293 40.34 -6.37 16.29
N ALA D 294 41.16 -6.01 15.31
CA ALA D 294 42.55 -5.66 15.58
C ALA D 294 42.66 -4.35 16.35
N ILE D 295 41.83 -3.37 16.01
CA ILE D 295 41.88 -2.08 16.68
C ILE D 295 41.24 -2.14 18.06
N GLY D 296 40.33 -3.09 18.30
CA GLY D 296 39.74 -3.25 19.61
C GLY D 296 40.68 -3.71 20.69
N LEU D 297 41.77 -4.38 20.31
CA LEU D 297 42.81 -4.74 21.27
C LEU D 297 43.46 -3.49 21.89
N ALA D 298 43.61 -2.43 21.10
CA ALA D 298 44.19 -1.18 21.62
C ALA D 298 43.29 -0.55 22.66
N LEU D 299 41.97 -0.62 22.46
CA LEU D 299 41.05 -0.04 23.42
C LEU D 299 40.83 -0.93 24.63
N TYR D 300 41.06 -2.24 24.50
CA TYR D 300 40.97 -3.12 25.65
C TYR D 300 42.24 -3.10 26.48
N TYR D 301 43.40 -2.85 25.84
CA TYR D 301 44.68 -2.69 26.51
C TYR D 301 45.22 -1.31 26.16
N PRO D 302 44.69 -0.26 26.78
CA PRO D 302 45.08 1.11 26.37
C PRO D 302 46.54 1.43 26.65
N SER D 303 47.13 0.83 27.67
CA SER D 303 48.53 1.10 27.98
C SER D 303 49.49 0.34 27.07
N ALA D 304 49.04 -0.74 26.44
CA ALA D 304 49.92 -1.57 25.64
C ALA D 304 50.31 -0.86 24.34
N ARG D 305 51.51 -1.18 23.86
CA ARG D 305 52.03 -0.67 22.60
C ARG D 305 51.91 -1.79 21.57
N ILE D 306 51.16 -1.53 20.51
CA ILE D 306 50.86 -2.53 19.49
C ILE D 306 51.48 -2.10 18.17
N VAL D 307 52.07 -3.06 17.46
CA VAL D 307 52.61 -2.84 16.13
C VAL D 307 51.72 -3.58 15.14
N TYR D 308 51.04 -2.84 14.29
CA TYR D 308 50.12 -3.42 13.30
C TYR D 308 50.86 -3.52 11.97
N THR D 309 50.95 -4.74 11.44
CA THR D 309 51.68 -4.95 10.22
C THR D 309 50.95 -5.93 9.31
N ALA D 310 51.25 -5.84 8.02
CA ALA D 310 50.72 -6.76 7.02
C ALA D 310 51.65 -6.74 5.82
N CYS D 311 51.39 -7.64 4.86
CA CYS D 311 52.27 -7.79 3.72
C CYS D 311 51.96 -6.83 2.58
N SER D 312 50.78 -6.25 2.55
CA SER D 312 50.39 -5.34 1.48
C SER D 312 50.12 -3.96 2.06
N HIS D 313 50.43 -2.93 1.27
CA HIS D 313 50.18 -1.56 1.70
C HIS D 313 48.69 -1.29 1.85
N ALA D 314 47.86 -1.98 1.07
CA ALA D 314 46.42 -1.82 1.19
C ALA D 314 45.92 -2.35 2.53
N ALA D 315 46.38 -3.53 2.94
CA ALA D 315 45.93 -4.10 4.20
C ALA D 315 46.40 -3.26 5.39
N VAL D 316 47.61 -2.72 5.31
CA VAL D 316 48.09 -1.84 6.37
C VAL D 316 47.31 -0.54 6.37
N ASP D 317 46.95 -0.03 5.19
CA ASP D 317 46.14 1.18 5.10
C ASP D 317 44.75 0.95 5.66
N ALA D 318 44.17 -0.23 5.39
CA ALA D 318 42.86 -0.55 5.93
C ALA D 318 42.87 -0.48 7.45
N LEU D 319 43.95 -0.96 8.07
CA LEU D 319 44.10 -0.81 9.51
C LEU D 319 44.29 0.65 9.90
N CYS D 320 44.96 1.44 9.06
CA CYS D 320 45.14 2.85 9.36
C CYS D 320 43.83 3.62 9.29
N GLU D 321 42.98 3.29 8.30
CA GLU D 321 41.68 3.92 8.20
C GLU D 321 40.82 3.59 9.41
N LYS D 322 40.77 2.29 9.75
CA LYS D 322 40.02 1.85 10.93
C LYS D 322 40.58 2.48 12.20
N ALA D 323 41.90 2.58 12.32
CA ALA D 323 42.51 3.17 13.51
C ALA D 323 42.17 4.65 13.65
N LEU D 324 42.06 5.36 12.53
CA LEU D 324 41.65 6.76 12.55
C LEU D 324 40.34 6.96 13.32
N LYS D 325 39.39 6.05 13.13
CA LYS D 325 38.06 6.24 13.73
C LYS D 325 38.07 6.05 15.24
N TYR D 326 38.93 5.18 15.77
CA TYR D 326 38.84 4.74 17.15
C TYR D 326 40.05 5.05 18.02
N LEU D 327 41.16 5.49 17.45
CA LEU D 327 42.36 5.69 18.25
C LEU D 327 42.86 7.13 18.12
N PRO D 328 43.62 7.61 19.11
CA PRO D 328 44.17 8.98 19.04
C PRO D 328 45.18 9.12 17.90
N ILE D 329 44.90 10.07 16.99
CA ILE D 329 45.72 10.22 15.78
C ILE D 329 47.16 10.59 16.11
N ASP D 330 47.35 11.33 17.21
CA ASP D 330 48.69 11.73 17.65
C ASP D 330 49.40 10.64 18.46
N LYS D 331 48.80 9.46 18.58
CA LYS D 331 49.45 8.30 19.18
C LYS D 331 49.79 7.23 18.15
N CYS D 332 49.47 7.47 16.88
CA CYS D 332 49.66 6.55 15.77
C CYS D 332 50.75 7.05 14.84
N SER D 333 51.35 6.11 14.10
CA SER D 333 52.39 6.44 13.14
C SER D 333 52.38 5.44 11.99
N ARG D 334 52.65 5.93 10.78
CA ARG D 334 52.71 5.13 9.56
C ARG D 334 54.14 5.15 9.05
N ILE D 335 54.78 3.97 9.05
CA ILE D 335 56.20 3.85 8.69
C ILE D 335 56.30 3.60 7.19
N ILE D 336 56.68 4.61 6.43
CA ILE D 336 56.90 4.50 4.99
C ILE D 336 58.40 4.54 4.72
N PRO D 337 58.94 3.59 3.96
CA PRO D 337 60.36 3.69 3.57
C PRO D 337 60.52 4.66 2.40
N ALA D 338 61.70 5.28 2.35
CA ALA D 338 62.04 6.23 1.28
C ALA D 338 61.71 5.70 -0.12
N VAL D 342 55.68 4.98 -2.52
CA VAL D 342 54.36 4.62 -3.07
C VAL D 342 53.24 5.26 -2.25
N GLU D 343 52.21 5.68 -2.98
CA GLU D 343 51.05 6.33 -2.38
C GLU D 343 50.33 5.35 -1.47
N CYS D 344 50.13 5.75 -0.20
CA CYS D 344 49.42 4.91 0.75
C CYS D 344 48.61 5.73 1.74
N PHE D 345 49.17 6.05 2.90
CA PHE D 345 48.43 6.69 3.98
C PHE D 345 49.28 7.76 4.62
N ASP D 346 48.85 9.02 4.53
CA ASP D 346 49.55 10.15 5.12
C ASP D 346 48.62 10.98 5.99
N LYS D 347 47.93 10.33 6.93
CA LYS D 347 47.21 11.04 7.98
C LYS D 347 47.84 10.89 9.36
N PHE D 348 48.80 9.97 9.52
CA PHE D 348 49.57 9.83 10.75
C PHE D 348 50.96 10.42 10.53
N LYS D 349 51.75 10.47 11.61
CA LYS D 349 53.12 10.93 11.50
C LYS D 349 54.00 9.84 10.91
N VAL D 350 54.83 10.21 9.94
CA VAL D 350 55.59 9.24 9.15
C VAL D 350 56.96 9.05 9.79
N ASN D 351 57.38 7.78 9.91
CA ASN D 351 58.67 7.39 10.46
C ASN D 351 58.87 7.96 11.86
N SER D 352 57.93 7.61 12.74
CA SER D 352 58.02 7.94 14.18
C SER D 352 58.01 6.62 14.94
N THR D 353 59.20 6.01 15.07
CA THR D 353 59.29 4.66 15.62
C THR D 353 58.87 4.64 17.09
N LEU D 354 59.04 5.74 17.80
CA LEU D 354 58.74 5.78 19.23
C LEU D 354 57.34 6.32 19.51
N GLU D 355 56.34 5.72 18.88
CA GLU D 355 54.95 6.01 19.17
C GLU D 355 54.32 4.78 19.80
N GLN D 356 53.15 4.96 20.43
CA GLN D 356 52.46 3.80 21.02
C GLN D 356 51.99 2.82 19.95
N TYR D 357 51.46 3.32 18.84
CA TYR D 357 50.92 2.48 17.78
C TYR D 357 51.70 2.71 16.50
N VAL D 358 52.11 1.61 15.87
CA VAL D 358 52.93 1.63 14.66
C VAL D 358 52.23 0.82 13.58
N PHE D 359 52.03 1.43 12.43
CA PHE D 359 51.39 0.79 11.28
C PHE D 359 52.40 0.77 10.14
N CYS D 360 52.86 -0.42 9.77
CA CYS D 360 53.98 -0.55 8.86
C CYS D 360 53.85 -1.85 8.08
N THR D 361 54.43 -1.87 6.88
CA THR D 361 54.45 -3.09 6.10
C THR D 361 55.60 -3.99 6.56
N VAL D 362 55.47 -5.28 6.24
CA VAL D 362 56.45 -6.26 6.67
C VAL D 362 57.85 -5.88 6.19
N ASN D 363 57.95 -5.46 4.92
CA ASN D 363 59.26 -5.19 4.33
C ASN D 363 59.87 -3.88 4.80
N ALA D 364 59.13 -3.03 5.50
CA ALA D 364 59.64 -1.78 6.03
C ALA D 364 59.75 -1.78 7.55
N LEU D 365 59.58 -2.93 8.19
CA LEU D 365 59.58 -2.96 9.64
C LEU D 365 60.93 -2.55 10.20
N PRO D 366 60.97 -1.72 11.23
CA PRO D 366 62.20 -1.49 12.00
C PRO D 366 62.30 -2.44 13.20
N GLU D 367 63.53 -2.61 13.66
CA GLU D 367 63.75 -3.42 14.86
C GLU D 367 63.26 -2.66 16.08
N THR D 368 62.20 -3.16 16.70
CA THR D 368 61.63 -2.51 17.87
C THR D 368 60.91 -3.56 18.70
N THR D 369 60.66 -3.20 19.96
CA THR D 369 59.87 -4.02 20.86
C THR D 369 58.41 -3.58 20.83
N ALA D 370 57.54 -4.51 21.18
CA ALA D 370 56.11 -4.21 21.29
C ALA D 370 55.53 -5.04 22.42
N ASP D 371 54.35 -4.62 22.87
CA ASP D 371 53.58 -5.41 23.82
C ASP D 371 52.76 -6.46 23.09
N ILE D 372 52.09 -6.06 22.01
CA ILE D 372 51.33 -6.95 21.15
C ILE D 372 51.71 -6.66 19.71
N VAL D 373 51.88 -7.71 18.92
CA VAL D 373 52.10 -7.59 17.48
C VAL D 373 50.88 -8.16 16.76
N VAL D 374 50.34 -7.40 15.82
CA VAL D 374 49.18 -7.80 15.04
C VAL D 374 49.59 -7.94 13.59
N PHE D 375 49.40 -9.13 13.03
CA PHE D 375 49.79 -9.46 11.66
C PHE D 375 48.51 -9.81 10.90
N ASP D 376 48.11 -8.93 9.97
CA ASP D 376 46.87 -9.11 9.24
C ASP D 376 47.14 -9.64 7.84
N GLU D 377 46.10 -10.22 7.24
CA GLU D 377 46.20 -10.97 5.99
C GLU D 377 47.33 -12.01 6.06
N ILE D 378 47.12 -12.98 6.96
CA ILE D 378 48.14 -13.99 7.18
C ILE D 378 48.14 -15.02 6.05
N SER D 379 47.05 -15.11 5.28
CA SER D 379 47.04 -15.99 4.13
C SER D 379 47.99 -15.51 3.04
N MET D 380 48.15 -14.19 2.91
CA MET D 380 49.06 -13.59 1.95
C MET D 380 50.51 -13.54 2.44
N ALA D 381 50.79 -14.14 3.59
CA ALA D 381 52.13 -14.14 4.14
C ALA D 381 52.90 -15.39 3.69
N THR D 382 54.23 -15.29 3.75
CA THR D 382 55.13 -16.39 3.46
C THR D 382 56.01 -16.64 4.68
N ASN D 383 56.67 -17.80 4.67
CA ASN D 383 57.57 -18.13 5.78
C ASN D 383 58.70 -17.12 5.89
N TYR D 384 59.14 -16.56 4.76
CA TYR D 384 60.13 -15.50 4.81
C TYR D 384 59.59 -14.28 5.55
N ASP D 385 58.33 -13.92 5.28
CA ASP D 385 57.71 -12.78 5.95
C ASP D 385 57.53 -13.03 7.45
N LEU D 386 57.10 -14.24 7.81
CA LEU D 386 56.95 -14.57 9.23
C LEU D 386 58.29 -14.50 9.96
N SER D 387 59.37 -14.97 9.33
CA SER D 387 60.68 -14.92 9.97
C SER D 387 61.14 -13.50 10.22
N VAL D 388 60.92 -12.60 9.25
CA VAL D 388 61.37 -11.22 9.41
C VAL D 388 60.65 -10.55 10.57
N VAL D 389 59.35 -10.85 10.74
CA VAL D 389 58.58 -10.19 11.79
C VAL D 389 59.04 -10.65 13.15
N ASN D 390 59.24 -11.96 13.34
CA ASN D 390 59.80 -12.44 14.59
C ASN D 390 61.20 -11.88 14.82
N ALA D 391 61.96 -11.66 13.75
CA ALA D 391 63.31 -11.12 13.88
C ALA D 391 63.31 -9.70 14.42
N ARG D 392 62.47 -8.83 13.86
CA ARG D 392 62.54 -7.41 14.20
C ARG D 392 61.60 -7.03 15.33
N LEU D 393 60.42 -7.63 15.40
CA LEU D 393 59.42 -7.30 16.41
C LEU D 393 59.48 -8.33 17.53
N ARG D 394 60.08 -7.93 18.65
CA ARG D 394 60.10 -8.75 19.86
C ARG D 394 58.93 -8.31 20.74
N ALA D 395 57.96 -9.20 20.91
CA ALA D 395 56.74 -8.86 21.60
C ALA D 395 56.39 -9.92 22.63
N LYS D 396 55.46 -9.56 23.52
CA LYS D 396 54.95 -10.51 24.51
C LYS D 396 53.89 -11.42 23.90
N HIS D 397 53.06 -10.86 23.04
CA HIS D 397 51.94 -11.56 22.42
C HIS D 397 51.91 -11.25 20.93
N TYR D 398 51.67 -12.29 20.12
CA TYR D 398 51.58 -12.15 18.67
C TYR D 398 50.18 -12.58 18.24
N VAL D 399 49.47 -11.68 17.56
CA VAL D 399 48.13 -11.95 17.05
C VAL D 399 48.19 -12.00 15.54
N TYR D 400 47.84 -13.15 14.97
CA TYR D 400 47.88 -13.38 13.53
C TYR D 400 46.44 -13.40 13.03
N ILE D 401 46.10 -12.43 12.19
CA ILE D 401 44.74 -12.25 11.69
C ILE D 401 44.74 -12.52 10.20
N GLY D 402 43.79 -13.34 9.76
CA GLY D 402 43.67 -13.69 8.36
C GLY D 402 42.70 -14.83 8.22
N ASP D 403 42.52 -15.25 6.97
CA ASP D 403 41.61 -16.36 6.67
C ASP D 403 42.31 -17.35 5.77
N PRO D 404 42.59 -18.57 6.26
CA PRO D 404 43.21 -19.59 5.38
C PRO D 404 42.30 -20.02 4.24
N ALA D 405 41.03 -19.65 4.25
CA ALA D 405 40.13 -19.99 3.17
C ALA D 405 40.03 -18.87 2.13
N GLN D 406 40.91 -17.88 2.19
CA GLN D 406 40.95 -16.81 1.21
C GLN D 406 42.22 -16.97 0.35
N LEU D 407 42.66 -15.86 -0.26
CA LEU D 407 43.73 -15.91 -1.24
C LEU D 407 45.11 -15.97 -0.58
N PRO D 408 46.03 -16.79 -1.11
CA PRO D 408 47.40 -16.78 -0.61
C PRO D 408 48.29 -15.86 -1.43
N ALA D 409 49.54 -15.71 -1.01
CA ALA D 409 50.50 -14.96 -1.80
C ALA D 409 50.80 -15.71 -3.10
N PRO D 410 51.03 -14.98 -4.20
CA PRO D 410 51.31 -15.65 -5.47
C PRO D 410 52.66 -16.34 -5.48
N ARG D 411 52.64 -17.66 -5.68
CA ARG D 411 53.85 -18.46 -5.85
C ARG D 411 54.04 -18.66 -7.36
N THR D 412 54.74 -17.71 -7.99
CA THR D 412 54.79 -17.63 -9.44
C THR D 412 55.43 -18.84 -10.09
N LEU D 413 56.24 -19.61 -9.36
CA LEU D 413 56.92 -20.76 -9.91
C LEU D 413 56.11 -22.05 -9.90
N LEU D 414 54.98 -22.10 -9.20
CA LEU D 414 54.22 -23.34 -9.09
C LEU D 414 53.46 -23.60 -10.39
N THR D 415 53.68 -24.77 -10.97
CA THR D 415 53.08 -25.19 -12.23
C THR D 415 52.39 -26.55 -12.14
N LYS D 416 53.00 -27.52 -11.44
CA LYS D 416 52.49 -28.88 -11.37
C LYS D 416 51.97 -29.11 -9.97
N GLY D 417 50.65 -29.24 -9.85
CA GLY D 417 49.99 -29.47 -8.57
C GLY D 417 49.16 -28.27 -8.13
N THR D 418 48.42 -28.49 -7.05
CA THR D 418 47.57 -27.48 -6.45
C THR D 418 47.93 -27.35 -4.98
N LEU D 419 48.24 -26.12 -4.56
CA LEU D 419 48.69 -25.87 -3.19
C LEU D 419 47.50 -25.66 -2.26
N GLU D 420 47.49 -26.41 -1.16
CA GLU D 420 46.42 -26.38 -0.18
C GLU D 420 46.62 -25.25 0.83
N PRO D 421 45.55 -24.83 1.53
CA PRO D 421 45.69 -23.75 2.51
C PRO D 421 46.56 -24.08 3.70
N GLU D 422 46.70 -25.36 4.06
CA GLU D 422 47.53 -25.72 5.20
C GLU D 422 49.02 -25.55 4.93
N TYR D 423 49.42 -25.35 3.68
CA TYR D 423 50.82 -25.21 3.31
C TYR D 423 51.18 -23.80 2.88
N PHE D 424 50.29 -22.83 3.09
CA PHE D 424 50.59 -21.43 2.77
C PHE D 424 51.78 -20.95 3.58
N ASN D 425 51.65 -20.98 4.90
CA ASN D 425 52.72 -20.57 5.82
C ASN D 425 52.49 -21.28 7.15
N SER D 426 53.42 -21.08 8.08
CA SER D 426 53.38 -21.83 9.34
C SER D 426 52.16 -21.45 10.18
N VAL D 427 51.66 -20.22 10.04
CA VAL D 427 50.48 -19.82 10.81
C VAL D 427 49.23 -20.48 10.24
N CYS D 428 49.11 -20.54 8.91
CA CYS D 428 47.96 -21.22 8.32
C CYS D 428 48.01 -22.73 8.53
N ARG D 429 49.21 -23.30 8.70
CA ARG D 429 49.28 -24.73 8.98
C ARG D 429 48.62 -25.05 10.30
N LEU D 430 48.82 -24.20 11.31
CA LEU D 430 48.15 -24.41 12.58
C LEU D 430 46.64 -24.33 12.43
N MET D 431 46.16 -23.31 11.71
CA MET D 431 44.72 -23.11 11.58
C MET D 431 44.04 -24.28 10.90
N LYS D 432 44.71 -24.97 9.99
CA LYS D 432 44.08 -26.07 9.27
C LYS D 432 44.33 -27.43 9.90
N THR D 433 45.20 -27.50 10.91
CA THR D 433 45.51 -28.76 11.57
C THR D 433 44.96 -28.80 13.00
N ILE D 434 45.37 -27.87 13.86
CA ILE D 434 44.87 -27.83 15.22
C ILE D 434 43.74 -26.83 15.38
N GLY D 435 43.41 -26.08 14.32
CA GLY D 435 42.32 -25.15 14.37
C GLY D 435 42.76 -23.76 14.78
N PRO D 436 41.91 -22.76 14.56
CA PRO D 436 42.23 -21.40 14.98
C PRO D 436 41.96 -21.20 16.46
N ASP D 437 42.79 -20.36 17.08
CA ASP D 437 42.56 -20.01 18.48
C ASP D 437 41.30 -19.19 18.65
N MET D 438 41.02 -18.31 17.69
CA MET D 438 39.84 -17.47 17.71
C MET D 438 39.19 -17.49 16.33
N PHE D 439 37.90 -17.14 16.31
CA PHE D 439 37.10 -17.25 15.10
C PHE D 439 35.98 -16.23 15.18
N LEU D 440 35.77 -15.49 14.09
CA LEU D 440 34.66 -14.56 13.98
C LEU D 440 33.59 -15.19 13.13
N GLY D 441 32.47 -15.55 13.74
CA GLY D 441 31.47 -16.36 13.08
C GLY D 441 30.24 -15.62 12.63
N THR D 442 30.34 -14.29 12.55
CA THR D 442 29.21 -13.48 12.13
C THR D 442 29.63 -12.68 10.90
N CYS D 443 29.07 -13.05 9.75
CA CYS D 443 29.29 -12.31 8.51
C CYS D 443 28.30 -11.15 8.45
N ARG D 444 28.82 -9.93 8.51
CA ARG D 444 27.97 -8.75 8.57
C ARG D 444 27.91 -8.02 7.23
N ARG D 445 28.20 -8.69 6.14
CA ARG D 445 28.30 -8.03 4.84
C ARG D 445 27.42 -8.68 3.78
N CYS D 446 27.39 -10.00 3.71
CA CYS D 446 26.79 -10.73 2.62
C CYS D 446 25.39 -11.22 2.99
N PRO D 447 24.53 -11.45 2.00
CA PRO D 447 23.23 -12.07 2.30
C PRO D 447 23.41 -13.47 2.83
N ALA D 448 22.32 -13.99 3.40
CA ALA D 448 22.38 -15.30 4.05
C ALA D 448 22.66 -16.43 3.07
N GLU D 449 22.18 -16.31 1.83
CA GLU D 449 22.43 -17.38 0.87
C GLU D 449 23.92 -17.54 0.60
N ILE D 450 24.64 -16.43 0.45
CA ILE D 450 26.08 -16.51 0.24
C ILE D 450 26.77 -17.05 1.49
N VAL D 451 26.41 -16.52 2.66
CA VAL D 451 27.06 -16.94 3.89
C VAL D 451 26.78 -18.41 4.16
N ASP D 452 25.53 -18.84 3.98
CA ASP D 452 25.21 -20.25 4.16
C ASP D 452 26.00 -21.12 3.19
N THR D 453 26.18 -20.64 1.96
CA THR D 453 26.97 -21.39 0.99
C THR D 453 28.42 -21.52 1.45
N VAL D 454 29.05 -20.38 1.77
CA VAL D 454 30.46 -20.42 2.14
C VAL D 454 30.67 -21.05 3.51
N SER D 455 29.65 -20.98 4.38
CA SER D 455 29.82 -21.58 5.70
C SER D 455 29.92 -23.10 5.60
N ALA D 456 29.10 -23.72 4.75
CA ALA D 456 29.16 -25.16 4.55
C ALA D 456 30.23 -25.58 3.55
N LEU D 457 30.84 -24.61 2.87
CA LEU D 457 31.84 -24.91 1.84
C LEU D 457 33.24 -25.09 2.44
N VAL D 458 33.70 -24.12 3.23
CA VAL D 458 35.09 -24.10 3.65
C VAL D 458 35.23 -23.89 5.15
N TYR D 459 34.16 -23.45 5.81
CA TYR D 459 34.23 -23.06 7.22
C TYR D 459 33.51 -24.04 8.14
N ASP D 460 33.21 -25.25 7.66
CA ASP D 460 32.68 -26.34 8.49
C ASP D 460 31.35 -25.98 9.15
N ASN D 461 30.52 -25.21 8.44
CA ASN D 461 29.23 -24.74 8.95
C ASN D 461 29.37 -23.98 10.27
N LYS D 462 30.45 -23.21 10.41
CA LYS D 462 30.65 -22.39 11.58
C LYS D 462 30.47 -20.90 11.31
N LEU D 463 30.11 -20.50 10.09
CA LEU D 463 29.92 -19.09 9.78
C LEU D 463 28.43 -18.80 9.73
N LYS D 464 27.99 -17.87 10.56
CA LYS D 464 26.59 -17.50 10.66
C LYS D 464 26.37 -16.15 10.00
N ALA D 465 25.17 -15.97 9.44
CA ALA D 465 24.85 -14.75 8.72
C ALA D 465 24.18 -13.73 9.63
N HIS D 466 24.59 -12.48 9.51
CA HIS D 466 23.94 -11.36 10.18
C HIS D 466 22.83 -10.76 9.35
N LYS D 467 23.02 -10.72 8.03
CA LYS D 467 22.00 -10.24 7.11
C LYS D 467 21.02 -11.38 6.80
N ASP D 468 19.80 -10.99 6.42
CA ASP D 468 18.84 -11.99 6.01
C ASP D 468 19.01 -12.35 4.54
N LYS D 469 18.34 -13.42 4.13
CA LYS D 469 18.32 -13.80 2.73
C LYS D 469 17.80 -12.64 1.89
N SER D 470 18.62 -12.17 0.96
CA SER D 470 18.19 -11.09 0.09
C SER D 470 17.34 -11.58 -1.07
N ALA D 471 17.35 -12.89 -1.34
CA ALA D 471 16.62 -13.52 -2.44
C ALA D 471 17.05 -13.00 -3.80
N GLN D 472 18.24 -12.37 -3.86
CA GLN D 472 18.79 -11.89 -5.12
C GLN D 472 20.08 -12.60 -5.48
N CYS D 473 20.28 -13.81 -4.94
CA CYS D 473 21.47 -14.61 -5.20
C CYS D 473 21.09 -15.68 -6.20
N PHE D 474 21.60 -15.55 -7.43
CA PHE D 474 21.18 -16.41 -8.52
C PHE D 474 22.36 -17.22 -9.07
N LYS D 475 22.03 -18.38 -9.63
CA LYS D 475 23.00 -19.31 -10.20
C LYS D 475 22.43 -19.96 -11.44
N MET D 476 23.21 -19.98 -12.52
CA MET D 476 22.85 -20.63 -13.76
C MET D 476 23.89 -21.67 -14.14
N PHE D 477 23.44 -22.78 -14.69
CA PHE D 477 24.34 -23.81 -15.16
C PHE D 477 24.44 -23.62 -16.66
N TYR D 478 25.49 -22.93 -17.09
CA TYR D 478 25.77 -22.70 -18.50
C TYR D 478 27.24 -22.95 -18.74
N LYS D 479 27.55 -23.87 -19.64
CA LYS D 479 28.93 -24.15 -19.99
C LYS D 479 29.45 -23.11 -20.97
N GLY D 480 28.63 -22.73 -21.94
CA GLY D 480 29.03 -21.76 -22.92
C GLY D 480 30.03 -22.38 -23.88
N VAL D 481 30.84 -21.53 -24.49
CA VAL D 481 31.90 -21.93 -25.40
C VAL D 481 33.19 -21.30 -24.90
N ILE D 482 34.18 -22.14 -24.62
CA ILE D 482 35.43 -21.71 -24.02
C ILE D 482 36.45 -21.47 -25.14
N THR D 483 36.96 -20.25 -25.22
CA THR D 483 38.01 -19.89 -26.16
C THR D 483 39.22 -19.38 -25.38
N HIS D 484 40.40 -19.64 -25.92
CA HIS D 484 41.64 -19.33 -25.24
C HIS D 484 42.47 -18.37 -26.06
N ASP D 485 43.34 -17.62 -25.39
CA ASP D 485 44.32 -16.79 -26.06
C ASP D 485 45.71 -17.18 -25.56
N VAL D 486 46.65 -16.23 -25.59
CA VAL D 486 48.02 -16.54 -25.18
C VAL D 486 48.06 -16.97 -23.72
N SER D 487 47.63 -16.10 -22.81
CA SER D 487 47.76 -16.43 -21.39
C SER D 487 46.45 -16.73 -20.67
N SER D 488 45.34 -16.15 -21.10
CA SER D 488 44.08 -16.22 -20.36
C SER D 488 43.04 -17.01 -21.15
N ALA D 489 41.79 -16.97 -20.68
CA ALA D 489 40.67 -17.67 -21.31
C ALA D 489 39.47 -16.73 -21.35
N ILE D 490 38.55 -17.04 -22.27
CA ILE D 490 37.38 -16.19 -22.52
C ILE D 490 36.18 -17.10 -22.74
N ASN D 491 35.01 -16.68 -22.22
CA ASN D 491 33.76 -17.39 -22.43
C ASN D 491 32.72 -16.35 -22.84
N ARG D 492 32.60 -16.11 -24.15
CA ARG D 492 31.60 -15.16 -24.64
C ARG D 492 30.15 -15.61 -24.42
N PRO D 493 29.77 -16.87 -24.67
CA PRO D 493 28.36 -17.22 -24.42
C PRO D 493 27.92 -16.95 -22.99
N GLN D 494 28.79 -17.16 -22.02
CA GLN D 494 28.44 -16.81 -20.64
C GLN D 494 28.31 -15.30 -20.46
N ILE D 495 29.12 -14.53 -21.18
CA ILE D 495 28.97 -13.08 -21.15
C ILE D 495 27.65 -12.67 -21.78
N GLY D 496 27.29 -13.31 -22.89
CA GLY D 496 26.02 -13.02 -23.53
C GLY D 496 24.83 -13.32 -22.65
N VAL D 497 24.96 -14.32 -21.77
CA VAL D 497 23.90 -14.62 -20.81
C VAL D 497 23.72 -13.46 -19.84
N VAL D 498 24.83 -12.86 -19.41
CA VAL D 498 24.76 -11.75 -18.46
C VAL D 498 24.09 -10.54 -19.12
N ARG D 499 24.43 -10.25 -20.37
CA ARG D 499 23.78 -9.15 -21.07
C ARG D 499 22.28 -9.42 -21.17
N GLU D 500 21.90 -10.68 -21.41
CA GLU D 500 20.50 -11.06 -21.43
C GLU D 500 19.87 -10.85 -20.06
N PHE D 501 20.59 -11.20 -18.99
CA PHE D 501 20.14 -10.91 -17.64
C PHE D 501 20.09 -9.40 -17.39
N LEU D 502 21.09 -8.66 -17.89
CA LEU D 502 21.17 -7.24 -17.59
C LEU D 502 20.01 -6.45 -18.20
N THR D 503 19.49 -6.89 -19.35
CA THR D 503 18.32 -6.23 -19.92
C THR D 503 17.09 -6.50 -19.07
N ARG D 504 16.88 -7.76 -18.69
CA ARG D 504 15.72 -8.12 -17.91
C ARG D 504 15.80 -7.58 -16.49
N ASN D 505 17.02 -7.40 -15.97
CA ASN D 505 17.25 -6.88 -14.62
C ASN D 505 18.12 -5.63 -14.75
N PRO D 506 17.54 -4.47 -15.04
CA PRO D 506 18.37 -3.26 -15.20
C PRO D 506 18.92 -2.71 -13.90
N ALA D 507 18.48 -3.19 -12.74
CA ALA D 507 19.02 -2.75 -11.47
C ALA D 507 20.37 -3.38 -11.16
N TRP D 508 20.92 -4.14 -12.10
CA TRP D 508 22.16 -4.87 -11.89
C TRP D 508 23.29 -4.31 -12.72
N ARG D 509 23.12 -3.10 -13.25
CA ARG D 509 24.19 -2.43 -13.98
C ARG D 509 25.06 -1.59 -13.06
N LYS D 510 24.73 -1.56 -11.76
CA LYS D 510 25.64 -1.04 -10.74
C LYS D 510 26.57 -2.11 -10.20
N ALA D 511 26.48 -3.32 -10.75
CA ALA D 511 27.24 -4.47 -10.27
C ALA D 511 28.68 -4.43 -10.78
N VAL D 512 29.50 -5.24 -10.15
CA VAL D 512 30.90 -5.41 -10.54
C VAL D 512 31.04 -6.81 -11.13
N PHE D 513 31.69 -6.90 -12.29
CA PHE D 513 31.87 -8.16 -12.98
C PHE D 513 33.19 -8.80 -12.54
N ILE D 514 33.10 -10.01 -12.00
CA ILE D 514 34.25 -10.75 -11.50
C ILE D 514 34.38 -12.04 -12.31
N SER D 515 35.61 -12.39 -12.66
CA SER D 515 35.88 -13.63 -13.37
C SER D 515 37.28 -14.11 -13.02
N PRO D 516 37.53 -15.42 -13.09
CA PRO D 516 38.89 -15.91 -12.80
C PRO D 516 39.92 -15.43 -13.80
N TYR D 517 39.52 -15.19 -15.05
CA TYR D 517 40.42 -14.78 -16.11
C TYR D 517 40.20 -13.31 -16.44
N ASN D 518 41.28 -12.57 -16.63
CA ASN D 518 41.17 -11.14 -16.92
C ASN D 518 41.13 -10.84 -18.42
N SER D 519 41.29 -11.84 -19.28
CA SER D 519 40.87 -11.64 -20.67
C SER D 519 39.35 -11.75 -20.77
N GLN D 520 38.75 -12.65 -19.99
CA GLN D 520 37.30 -12.65 -19.87
C GLN D 520 36.81 -11.35 -19.29
N ASN D 521 37.54 -10.82 -18.30
CA ASN D 521 37.24 -9.49 -17.76
C ASN D 521 37.35 -8.42 -18.83
N ALA D 522 38.44 -8.44 -19.60
CA ALA D 522 38.63 -7.43 -20.64
C ALA D 522 37.53 -7.50 -21.69
N VAL D 523 37.15 -8.71 -22.10
CA VAL D 523 36.08 -8.85 -23.10
C VAL D 523 34.76 -8.37 -22.52
N ALA D 524 34.47 -8.73 -21.28
CA ALA D 524 33.21 -8.34 -20.65
C ALA D 524 33.14 -6.86 -20.32
N SER D 525 34.28 -6.19 -20.18
CA SER D 525 34.26 -4.75 -19.95
C SER D 525 33.77 -4.00 -21.18
N LYS D 526 34.19 -4.43 -22.37
CA LYS D 526 33.78 -3.78 -23.60
C LYS D 526 32.30 -4.04 -23.89
N ILE D 527 31.84 -5.28 -23.70
CA ILE D 527 30.47 -5.64 -24.08
C ILE D 527 29.45 -5.20 -23.03
N LEU D 528 29.72 -5.51 -21.76
CA LEU D 528 28.76 -5.24 -20.69
C LEU D 528 28.91 -3.84 -20.12
N GLY D 529 30.11 -3.29 -20.10
CA GLY D 529 30.31 -1.96 -19.57
C GLY D 529 30.40 -1.87 -18.07
N LEU D 530 30.48 -2.99 -17.38
CA LEU D 530 30.54 -3.01 -15.92
C LEU D 530 31.98 -2.92 -15.45
N PRO D 531 32.20 -2.52 -14.21
CA PRO D 531 33.55 -2.59 -13.64
C PRO D 531 33.98 -4.03 -13.52
N THR D 532 35.24 -4.29 -13.85
CA THR D 532 35.77 -5.65 -13.89
C THR D 532 36.88 -5.79 -12.85
N GLN D 533 36.84 -6.90 -12.11
CA GLN D 533 37.86 -7.22 -11.12
C GLN D 533 38.13 -8.71 -11.17
N THR D 534 39.40 -9.07 -11.00
CA THR D 534 39.74 -10.46 -10.79
C THR D 534 39.58 -10.80 -9.31
N VAL D 535 39.50 -12.09 -9.02
CA VAL D 535 39.39 -12.53 -7.63
C VAL D 535 40.59 -12.02 -6.84
N ASP D 536 41.77 -12.06 -7.45
CA ASP D 536 42.97 -11.57 -6.78
C ASP D 536 42.83 -10.11 -6.38
N SER D 537 42.36 -9.27 -7.30
CA SER D 537 42.29 -7.83 -7.05
C SER D 537 41.03 -7.40 -6.32
N SER D 538 40.06 -8.29 -6.11
CA SER D 538 38.84 -7.88 -5.44
C SER D 538 38.86 -8.14 -3.94
N GLN D 539 39.88 -8.82 -3.43
CA GLN D 539 39.93 -9.12 -2.01
C GLN D 539 40.06 -7.82 -1.20
N GLY D 540 39.32 -7.76 -0.11
CA GLY D 540 39.28 -6.57 0.73
C GLY D 540 38.39 -5.47 0.21
N SER D 541 37.57 -5.75 -0.79
CA SER D 541 36.63 -4.78 -1.33
C SER D 541 35.25 -5.44 -1.34
N GLU D 542 34.22 -4.60 -1.29
CA GLU D 542 32.85 -5.11 -1.23
C GLU D 542 31.96 -4.29 -2.15
N TYR D 543 31.03 -4.98 -2.81
CA TYR D 543 30.14 -4.38 -3.80
C TYR D 543 28.73 -4.87 -3.51
N ASP D 544 27.75 -4.00 -3.76
CA ASP D 544 26.36 -4.38 -3.51
C ASP D 544 25.97 -5.57 -4.37
N TYR D 545 26.16 -5.45 -5.69
CA TYR D 545 25.84 -6.51 -6.64
C TYR D 545 27.10 -7.01 -7.30
N VAL D 546 27.24 -8.32 -7.40
CA VAL D 546 28.41 -8.96 -8.00
C VAL D 546 27.92 -9.91 -9.08
N ILE D 547 28.52 -9.83 -10.26
CA ILE D 547 28.24 -10.75 -11.35
C ILE D 547 29.50 -11.56 -11.62
N PHE D 548 29.37 -12.89 -11.58
CA PHE D 548 30.50 -13.79 -11.70
C PHE D 548 30.23 -14.82 -12.79
N THR D 549 31.16 -14.96 -13.73
CA THR D 549 31.14 -16.02 -14.74
C THR D 549 32.36 -16.90 -14.54
N GLN D 550 32.12 -18.19 -14.29
CA GLN D 550 33.21 -19.11 -13.97
C GLN D 550 34.10 -19.43 -15.17
N THR D 551 33.60 -19.20 -16.39
CA THR D 551 34.37 -19.33 -17.62
C THR D 551 34.74 -20.77 -17.94
N THR D 552 35.55 -21.40 -17.09
CA THR D 552 36.08 -22.74 -17.34
C THR D 552 35.87 -23.63 -16.13
N GLU D 553 36.01 -24.94 -16.34
CA GLU D 553 36.02 -25.90 -15.24
C GLU D 553 37.43 -26.30 -14.82
N THR D 554 38.42 -25.45 -15.06
CA THR D 554 39.78 -25.78 -14.67
C THR D 554 39.93 -25.70 -13.16
N ALA D 555 41.04 -26.28 -12.67
CA ALA D 555 41.31 -26.23 -11.23
C ALA D 555 41.47 -24.80 -10.75
N HIS D 556 41.91 -23.90 -11.63
CA HIS D 556 42.00 -22.49 -11.27
C HIS D 556 40.62 -21.91 -10.96
N SER D 557 39.66 -22.13 -11.86
CA SER D 557 38.33 -21.56 -11.69
C SER D 557 37.50 -22.29 -10.63
N CYS D 558 37.83 -23.54 -10.33
CA CYS D 558 37.12 -24.31 -9.33
C CYS D 558 37.81 -24.26 -7.97
N ASN D 559 38.82 -23.41 -7.82
CA ASN D 559 39.48 -23.24 -6.53
C ASN D 559 38.52 -22.70 -5.50
N VAL D 560 38.41 -23.40 -4.37
CA VAL D 560 37.42 -23.03 -3.38
C VAL D 560 37.73 -21.68 -2.75
N ASN D 561 39.01 -21.41 -2.45
CA ASN D 561 39.35 -20.12 -1.86
C ASN D 561 39.03 -18.99 -2.82
N ARG D 562 39.50 -19.10 -4.05
CA ARG D 562 39.17 -18.12 -5.08
C ARG D 562 37.66 -18.01 -5.26
N PHE D 563 36.94 -19.13 -5.23
CA PHE D 563 35.49 -19.06 -5.35
C PHE D 563 34.88 -18.40 -4.11
N ASN D 564 35.38 -18.75 -2.93
CA ASN D 564 34.95 -18.09 -1.69
C ASN D 564 35.13 -16.58 -1.77
N VAL D 565 36.32 -16.14 -2.15
CA VAL D 565 36.62 -14.70 -2.13
C VAL D 565 35.72 -13.97 -3.11
N ALA D 566 35.50 -14.56 -4.30
CA ALA D 566 34.77 -13.87 -5.36
C ALA D 566 33.31 -13.67 -4.98
N ILE D 567 32.65 -14.71 -4.50
CA ILE D 567 31.22 -14.60 -4.23
C ILE D 567 30.93 -13.90 -2.92
N THR D 568 31.89 -13.82 -2.01
CA THR D 568 31.72 -13.09 -0.76
C THR D 568 31.99 -11.61 -0.91
N ARG D 569 32.10 -11.10 -2.14
CA ARG D 569 32.23 -9.67 -2.35
C ARG D 569 30.89 -8.96 -2.34
N ALA D 570 29.80 -9.71 -2.49
CA ALA D 570 28.47 -9.13 -2.67
C ALA D 570 27.82 -8.78 -1.34
N LYS D 571 27.20 -7.61 -1.29
CA LYS D 571 26.46 -7.19 -0.10
C LYS D 571 24.96 -7.42 -0.21
N VAL D 572 24.42 -7.37 -1.42
CA VAL D 572 22.98 -7.53 -1.62
C VAL D 572 22.70 -8.75 -2.49
N GLY D 573 22.98 -8.65 -3.78
CA GLY D 573 22.68 -9.73 -4.70
C GLY D 573 23.90 -10.19 -5.48
N ILE D 574 23.84 -11.41 -6.00
CA ILE D 574 24.94 -11.97 -6.79
C ILE D 574 24.35 -12.83 -7.90
N LEU D 575 25.01 -12.79 -9.07
CA LEU D 575 24.66 -13.66 -10.19
C LEU D 575 25.89 -14.49 -10.55
N CYS D 576 25.77 -15.81 -10.46
CA CYS D 576 26.85 -16.73 -10.78
C CYS D 576 26.48 -17.56 -12.00
N ILE D 577 27.16 -17.30 -13.11
CA ILE D 577 27.04 -18.13 -14.30
C ILE D 577 28.11 -19.21 -14.16
N MET D 578 27.70 -20.39 -13.68
CA MET D 578 28.62 -21.45 -13.32
C MET D 578 28.81 -22.45 -14.46
N SER D 579 30.02 -23.00 -14.53
CA SER D 579 30.38 -24.03 -15.51
C SER D 579 30.59 -25.40 -14.89
N ASP D 580 30.90 -25.46 -13.60
CA ASP D 580 31.18 -26.69 -12.89
C ASP D 580 29.96 -27.10 -12.06
N ARG D 581 29.48 -28.32 -12.28
CA ARG D 581 28.33 -28.80 -11.52
C ARG D 581 28.63 -28.92 -10.03
N ASP D 582 29.90 -29.19 -9.68
CA ASP D 582 30.24 -29.37 -8.27
C ASP D 582 29.91 -28.13 -7.46
N LEU D 583 30.33 -26.96 -7.94
CA LEU D 583 30.05 -25.74 -7.21
C LEU D 583 28.63 -25.25 -7.45
N TYR D 584 28.08 -25.49 -8.65
CA TYR D 584 26.70 -25.11 -8.90
C TYR D 584 25.77 -25.86 -7.97
N ASP D 585 26.02 -27.17 -7.78
CA ASP D 585 25.22 -27.94 -6.84
C ASP D 585 25.52 -27.56 -5.40
N LYS D 586 26.75 -27.08 -5.13
CA LYS D 586 27.08 -26.55 -3.82
C LYS D 586 26.63 -25.11 -3.63
N LEU D 587 26.21 -24.42 -4.68
CA LEU D 587 25.71 -23.06 -4.53
C LEU D 587 24.30 -23.10 -3.98
N GLN D 588 24.10 -22.43 -2.85
CA GLN D 588 22.77 -22.35 -2.23
C GLN D 588 22.03 -21.10 -2.68
N PHE D 589 22.00 -20.91 -4.00
CA PHE D 589 21.41 -19.74 -4.63
C PHE D 589 20.10 -20.16 -5.31
N THR D 590 19.48 -19.23 -6.03
CA THR D 590 18.28 -19.51 -6.78
C THR D 590 18.64 -19.86 -8.21
N SER D 591 18.15 -21.00 -8.70
CA SER D 591 18.52 -21.45 -10.02
C SER D 591 17.64 -20.79 -11.08
N LEU D 592 18.27 -20.39 -12.17
CA LEU D 592 17.62 -19.74 -13.29
C LEU D 592 17.65 -20.67 -14.50
N GLU D 593 16.87 -20.31 -15.52
CA GLU D 593 16.72 -21.14 -16.70
C GLU D 593 17.54 -20.56 -17.85
N ILE D 594 18.05 -21.44 -18.70
CA ILE D 594 18.94 -21.03 -19.79
C ILE D 594 18.08 -20.53 -20.95
N PRO D 595 18.40 -19.38 -21.55
CA PRO D 595 17.65 -18.90 -22.72
C PRO D 595 18.05 -19.62 -23.99
PG ANP E . -0.88 -1.85 -7.79
O1G ANP E . -1.68 -2.93 -7.20
O2G ANP E . -1.28 -1.59 -9.28
O3G ANP E . -0.90 -0.57 -6.88
PB ANP E . 0.88 -4.03 -7.82
O1B ANP E . 1.59 -4.53 -6.62
O2B ANP E . -0.48 -4.75 -7.78
N3B ANP E . 0.71 -2.37 -7.78
PA ANP E . 1.45 -5.84 -9.80
O1A ANP E . 1.21 -6.96 -8.86
O2A ANP E . 0.39 -5.58 -10.86
O3A ANP E . 1.68 -4.47 -9.08
O5' ANP E . 2.87 -6.09 -10.42
C5' ANP E . 3.56 -5.01 -11.07
C4' ANP E . 4.15 -5.46 -12.37
O4' ANP E . 5.44 -6.10 -12.14
C3' ANP E . 3.33 -6.49 -13.17
O3' ANP E . 3.51 -6.32 -14.58
C2' ANP E . 3.92 -7.82 -12.71
O2' ANP E . 3.79 -8.79 -13.75
C1' ANP E . 5.40 -7.45 -12.55
N9 ANP E . 6.08 -8.26 -11.53
C8 ANP E . 6.05 -8.07 -10.18
N7 ANP E . 6.75 -8.96 -9.51
C5 ANP E . 7.26 -9.80 -10.49
C6 ANP E . 8.07 -10.95 -10.43
N6 ANP E . 8.55 -11.47 -9.30
N1 ANP E . 8.40 -11.55 -11.60
C2 ANP E . 7.92 -11.03 -12.74
N3 ANP E . 7.15 -9.96 -12.92
C4 ANP E . 6.85 -9.38 -11.74
ZN ZN F . -29.43 7.96 19.99
ZN ZN G . -24.14 -0.06 28.46
ZN ZN H . -48.60 13.64 29.22
MG MG I . -2.35 -4.72 -7.14
PG ANP J . -55.14 -23.12 1.17
O1G ANP J . -53.87 -23.32 1.93
O2G ANP J . -54.82 -22.40 -0.20
O3G ANP J . -55.80 -24.51 0.87
PB ANP J . -55.58 -20.63 2.29
O1B ANP J . -54.19 -20.72 2.83
O2B ANP J . -55.55 -19.88 0.93
N3B ANP J . -56.21 -22.16 2.06
PA ANP J . -56.39 -20.11 4.86
O1A ANP J . -56.40 -21.55 5.20
O2A ANP J . -55.13 -19.36 5.33
O3A ANP J . -56.50 -19.86 3.30
O5' ANP J . -57.70 -19.46 5.46
C5' ANP J . -58.73 -18.86 4.63
C4' ANP J . -58.83 -17.40 4.93
O4' ANP J . -59.79 -17.18 5.98
C3' ANP J . -57.52 -16.73 5.36
O3' ANP J . -57.31 -15.50 4.67
C2' ANP J . -57.72 -16.50 6.86
O2' ANP J . -57.01 -15.38 7.35
C1' ANP J . -59.23 -16.28 6.93
N9 ANP J . -59.82 -16.54 8.23
C8 ANP J . -59.85 -17.73 8.91
N7 ANP J . -60.44 -17.68 10.08
C5 ANP J . -60.83 -16.34 10.18
C6 ANP J . -61.51 -15.63 11.19
N6 ANP J . -61.93 -16.17 12.33
N1 ANP J . -61.73 -14.32 10.97
C2 ANP J . -61.31 -13.76 9.83
N3 ANP J . -60.66 -14.34 8.82
C4 ANP J . -60.45 -15.64 9.06
ZN ZN K . -19.71 -41.29 -6.48
ZN ZN L . -16.69 -42.93 5.72
ZN ZN M . -1.24 -46.34 -17.47
ZN ZN N . 25.76 26.45 5.17
ZN ZN O . 27.48 24.09 17.55
ZN ZN P . 45.37 23.12 -4.38
PG ANP Q . -9.37 45.34 8.26
O1G ANP Q . -8.27 44.99 9.23
O2G ANP Q . -8.78 46.25 7.12
O3G ANP Q . -9.95 44.02 7.63
PB ANP Q . -10.05 47.61 9.71
O1B ANP Q . -8.91 47.35 10.65
O2B ANP Q . -9.53 48.52 8.55
N3B ANP Q . -10.61 46.16 9.07
PA ANP Q . -11.27 48.36 12.07
O1A ANP Q . -11.54 47.01 12.61
O2A ANP Q . -9.96 48.99 12.56
O3A ANP Q . -11.21 48.33 10.47
O5' ANP Q . -12.50 49.28 12.41
C5' ANP Q . -13.36 49.80 11.37
C4' ANP Q . -13.62 51.26 11.61
O4' ANP Q . -14.74 51.42 12.51
C3' ANP Q . -12.46 52.05 12.20
O3' ANP Q . -12.20 53.24 11.44
C2' ANP Q . -12.92 52.37 13.63
O2' ANP Q . -12.43 53.63 14.08
C1' ANP Q . -14.42 52.40 13.48
N9 ANP Q . -15.16 52.10 14.71
C8 ANP Q . -15.43 50.86 15.23
N7 ANP Q . -16.12 50.89 16.34
C5 ANP Q . -16.30 52.24 16.59
C6 ANP Q . -16.95 52.95 17.62
N6 ANP Q . -17.55 52.36 18.65
N1 ANP Q . -16.95 54.30 17.54
C2 ANP Q . -16.35 54.90 16.51
N3 ANP Q . -15.70 54.34 15.48
C4 ANP Q . -15.72 53.00 15.58
ZN ZN R . 73.89 -28.06 -2.13
ZN ZN S . 75.90 -31.20 9.89
ZN ZN T . 93.39 -30.92 -11.83
PG ANP U . 37.78 -9.71 3.89
O1G ANP U . 38.35 -11.07 4.22
O2G ANP U . 38.82 -8.92 3.01
O3G ANP U . 36.43 -9.88 3.10
PB ANP U . 37.56 -7.20 5.07
O1B ANP U . 38.98 -6.75 5.12
O2B ANP U . 36.97 -6.85 3.68
N3B ANP U . 37.48 -8.86 5.32
PA ANP U . 36.52 -7.24 7.57
O1A ANP U . 36.52 -8.71 7.42
O2A ANP U . 37.60 -6.68 8.50
O3A ANP U . 36.71 -6.51 6.18
O5' ANP U . 35.08 -6.80 8.06
C5' ANP U . 34.11 -6.22 7.16
C4' ANP U . 33.80 -4.82 7.64
O4' ANP U . 32.80 -4.87 8.67
C3' ANP U . 34.99 -4.07 8.24
O3' ANP U . 35.52 -3.12 7.31
C2' ANP U . 34.43 -3.41 9.51
O2' ANP U . 34.65 -2.00 9.55
C1' ANP U . 32.93 -3.69 9.43
N9 ANP U . 32.29 -3.89 10.73
C8 ANP U . 31.94 -5.09 11.31
N7 ANP U . 31.38 -4.97 12.49
C5 ANP U . 31.36 -3.60 12.70
C6 ANP U . 30.89 -2.81 13.77
N6 ANP U . 30.33 -3.31 14.88
N1 ANP U . 31.02 -1.46 13.67
C2 ANP U . 31.58 -0.95 12.57
N3 ANP U . 32.06 -1.60 11.50
C4 ANP U . 31.91 -2.92 11.62
#